data_3TWG
# 
_entry.id   3TWG 
# 
_audit_conform.dict_name       mmcif_pdbx.dic 
_audit_conform.dict_version    5.403 
_audit_conform.dict_location   http://mmcif.pdb.org/dictionaries/ascii/mmcif_pdbx.dic 
# 
loop_
_database_2.database_id 
_database_2.database_code 
_database_2.pdbx_database_accession 
_database_2.pdbx_DOI 
PDB   3TWG         pdb_00003twg 10.2210/pdb3twg/pdb 
RCSB  RCSB068005   ?            ?                   
WWPDB D_1000068005 ?            ?                   
# 
loop_
_pdbx_audit_revision_history.ordinal 
_pdbx_audit_revision_history.data_content_type 
_pdbx_audit_revision_history.major_revision 
_pdbx_audit_revision_history.minor_revision 
_pdbx_audit_revision_history.revision_date 
_pdbx_audit_revision_history.part_number 
1 'Structure model' 1 0 2012-03-14 ? 
2 'Structure model' 1 1 2012-04-04 ? 
3 'Structure model' 1 2 2012-04-18 ? 
4 'Structure model' 1 3 2017-11-08 ? 
5 'Structure model' 1 4 2025-03-26 ? 
# 
_pdbx_audit_revision_details.ordinal             1 
_pdbx_audit_revision_details.revision_ordinal    1 
_pdbx_audit_revision_details.data_content_type   'Structure model' 
_pdbx_audit_revision_details.provider            repository 
_pdbx_audit_revision_details.type                'Initial release' 
_pdbx_audit_revision_details.description         ? 
_pdbx_audit_revision_details.details             ? 
# 
loop_
_pdbx_audit_revision_group.ordinal 
_pdbx_audit_revision_group.revision_ordinal 
_pdbx_audit_revision_group.data_content_type 
_pdbx_audit_revision_group.group 
1 2 'Structure model' 'Database references'    
2 3 'Structure model' 'Database references'    
3 4 'Structure model' 'Refinement description' 
4 5 'Structure model' 'Data collection'        
5 5 'Structure model' 'Database references'    
6 5 'Structure model' 'Derived calculations'   
7 5 'Structure model' 'Structure summary'      
# 
loop_
_pdbx_audit_revision_category.ordinal 
_pdbx_audit_revision_category.revision_ordinal 
_pdbx_audit_revision_category.data_content_type 
_pdbx_audit_revision_category.category 
1 4 'Structure model' software                  
2 5 'Structure model' chem_comp_atom            
3 5 'Structure model' chem_comp_bond            
4 5 'Structure model' database_2                
5 5 'Structure model' pdbx_entry_details        
6 5 'Structure model' pdbx_modification_feature 
7 5 'Structure model' struct_conn               
# 
loop_
_pdbx_audit_revision_item.ordinal 
_pdbx_audit_revision_item.revision_ordinal 
_pdbx_audit_revision_item.data_content_type 
_pdbx_audit_revision_item.item 
1  5 'Structure model' '_database_2.pdbx_DOI'                
2  5 'Structure model' '_database_2.pdbx_database_accession' 
3  5 'Structure model' '_struct_conn.pdbx_dist_value'        
4  5 'Structure model' '_struct_conn.pdbx_leaving_atom_flag' 
5  5 'Structure model' '_struct_conn.ptnr1_auth_asym_id'     
6  5 'Structure model' '_struct_conn.ptnr1_auth_comp_id'     
7  5 'Structure model' '_struct_conn.ptnr1_auth_seq_id'      
8  5 'Structure model' '_struct_conn.ptnr1_label_asym_id'    
9  5 'Structure model' '_struct_conn.ptnr1_label_comp_id'    
10 5 'Structure model' '_struct_conn.ptnr1_label_seq_id'     
11 5 'Structure model' '_struct_conn.ptnr2_auth_asym_id'     
12 5 'Structure model' '_struct_conn.ptnr2_auth_comp_id'     
13 5 'Structure model' '_struct_conn.ptnr2_auth_seq_id'      
14 5 'Structure model' '_struct_conn.ptnr2_label_asym_id'    
15 5 'Structure model' '_struct_conn.ptnr2_label_comp_id'    
16 5 'Structure model' '_struct_conn.ptnr2_label_seq_id'     
# 
_pdbx_database_status.entry_id                        3TWG 
_pdbx_database_status.status_code                     REL 
_pdbx_database_status.deposit_site                    RCSB 
_pdbx_database_status.process_site                    RCSB 
_pdbx_database_status.recvd_initial_deposition_date   2011-09-21 
_pdbx_database_status.status_code_sf                  REL 
_pdbx_database_status.status_code_mr                  ? 
_pdbx_database_status.SG_entry                        ? 
_pdbx_database_status.status_code_cs                  ? 
_pdbx_database_status.methods_development_category    ? 
_pdbx_database_status.pdb_format_compatible           Y 
_pdbx_database_status.status_code_nmr_data            ? 
# 
loop_
_pdbx_database_related.db_name 
_pdbx_database_related.db_id 
_pdbx_database_related.details 
_pdbx_database_related.content_type 
PDB 3TWE . unspecified 
PDB 3TWf . unspecified 
# 
loop_
_audit_author.name 
_audit_author.pdbx_ordinal 
'Buer, B.C.'    1 
'Meagher, J.L.' 2 
'Stuckey, J.A.' 3 
'Marsh, E.N.G.' 4 
# 
_citation.id                        primary 
_citation.title                     'Structural basis for the enhanced stability of highly fluorinated proteins.' 
_citation.journal_abbrev            Proc.Natl.Acad.Sci.USA 
_citation.journal_volume            109 
_citation.page_first                4810 
_citation.page_last                 4815 
_citation.year                      2012 
_citation.journal_id_ASTM           PNASA6 
_citation.country                   US 
_citation.journal_id_ISSN           0027-8424 
_citation.journal_id_CSD            0040 
_citation.book_publisher            ? 
_citation.pdbx_database_id_PubMed   22411812 
_citation.pdbx_database_id_DOI      10.1073/pnas.1120112109 
# 
loop_
_citation_author.citation_id 
_citation_author.name 
_citation_author.ordinal 
_citation_author.identifier_ORCID 
primary 'Buer, B.C.'    1 ? 
primary 'Meagher, J.L.' 2 ? 
primary 'Stuckey, J.A.' 3 ? 
primary 'Marsh, E.N.'   4 ? 
# 
loop_
_entity.id 
_entity.type 
_entity.src_method 
_entity.pdbx_description 
_entity.formula_weight 
_entity.pdbx_number_of_molecules 
_entity.pdbx_ec 
_entity.pdbx_mutation 
_entity.pdbx_fragment 
_entity.details 
1 polymer syn alpha4F3af3d 3668.335 2  ? ? ? ? 
2 water   nat water        18.015   19 ? ? ? ? 
# 
_entity_poly.entity_id                      1 
_entity_poly.type                           'polypeptide(L)' 
_entity_poly.nstd_linkage                   no 
_entity_poly.nstd_monomer                   yes 
_entity_poly.pdbx_seq_one_letter_code       'GNADE(3EG)YKE(6FL)ED(3EG)QER(6FL)RK(3EG)RKK(6FL)RSG' 
_entity_poly.pdbx_seq_one_letter_code_can   GNADEXYKEXEDXQERXRKXRKKXRSG 
_entity_poly.pdbx_strand_id                 A,B 
_entity_poly.pdbx_target_identifier         ? 
# 
_pdbx_entity_nonpoly.entity_id   2 
_pdbx_entity_nonpoly.name        water 
_pdbx_entity_nonpoly.comp_id     HOH 
# 
loop_
_entity_poly_seq.entity_id 
_entity_poly_seq.num 
_entity_poly_seq.mon_id 
_entity_poly_seq.hetero 
1 1  GLY n 
1 2  ASN n 
1 3  ALA n 
1 4  ASP n 
1 5  GLU n 
1 6  3EG n 
1 7  TYR n 
1 8  LYS n 
1 9  GLU n 
1 10 6FL n 
1 11 GLU n 
1 12 ASP n 
1 13 3EG n 
1 14 GLN n 
1 15 GLU n 
1 16 ARG n 
1 17 6FL n 
1 18 ARG n 
1 19 LYS n 
1 20 3EG n 
1 21 ARG n 
1 22 LYS n 
1 23 LYS n 
1 24 6FL n 
1 25 ARG n 
1 26 SER n 
1 27 GLY n 
# 
_pdbx_entity_src_syn.entity_id              1 
_pdbx_entity_src_syn.pdbx_src_id            1 
_pdbx_entity_src_syn.pdbx_alt_source_flag   sample 
_pdbx_entity_src_syn.pdbx_beg_seq_num       ? 
_pdbx_entity_src_syn.pdbx_end_seq_num       ? 
_pdbx_entity_src_syn.organism_scientific    ? 
_pdbx_entity_src_syn.organism_common_name   ? 
_pdbx_entity_src_syn.ncbi_taxonomy_id       ? 
_pdbx_entity_src_syn.details                synthesized 
# 
loop_
_chem_comp.id 
_chem_comp.type 
_chem_comp.mon_nstd_flag 
_chem_comp.name 
_chem_comp.pdbx_synonyms 
_chem_comp.formula 
_chem_comp.formula_weight 
3EG 'L-peptide linking' . '(2S)-2-amino-4,4,4-trifluorobutanoic acid' ? 'C4 H6 F3 N O2'  157.091 
6FL 'L-peptide linking' . "5,5,5,5',5',5'-hexafluoro-L-leucine"       ? 'C6 H7 F6 N O2'  239.116 
ALA 'L-peptide linking' y ALANINE                                     ? 'C3 H7 N O2'     89.093  
ARG 'L-peptide linking' y ARGININE                                    ? 'C6 H15 N4 O2 1' 175.209 
ASN 'L-peptide linking' y ASPARAGINE                                  ? 'C4 H8 N2 O3'    132.118 
ASP 'L-peptide linking' y 'ASPARTIC ACID'                             ? 'C4 H7 N O4'     133.103 
GLN 'L-peptide linking' y GLUTAMINE                                   ? 'C5 H10 N2 O3'   146.144 
GLU 'L-peptide linking' y 'GLUTAMIC ACID'                             ? 'C5 H9 N O4'     147.129 
GLY 'peptide linking'   y GLYCINE                                     ? 'C2 H5 N O2'     75.067  
HOH non-polymer         . WATER                                       ? 'H2 O'           18.015  
LYS 'L-peptide linking' y LYSINE                                      ? 'C6 H15 N2 O2 1' 147.195 
SER 'L-peptide linking' y SERINE                                      ? 'C3 H7 N O3'     105.093 
TYR 'L-peptide linking' y TYROSINE                                    ? 'C9 H11 N O3'    181.189 
# 
loop_
_pdbx_poly_seq_scheme.asym_id 
_pdbx_poly_seq_scheme.entity_id 
_pdbx_poly_seq_scheme.seq_id 
_pdbx_poly_seq_scheme.mon_id 
_pdbx_poly_seq_scheme.ndb_seq_num 
_pdbx_poly_seq_scheme.pdb_seq_num 
_pdbx_poly_seq_scheme.auth_seq_num 
_pdbx_poly_seq_scheme.pdb_mon_id 
_pdbx_poly_seq_scheme.auth_mon_id 
_pdbx_poly_seq_scheme.pdb_strand_id 
_pdbx_poly_seq_scheme.pdb_ins_code 
_pdbx_poly_seq_scheme.hetero 
A 1 1  GLY 1  1  ?  ?   ?   A . n 
A 1 2  ASN 2  2  ?  ?   ?   A . n 
A 1 3  ALA 3  3  ?  ?   ?   A . n 
A 1 4  ASP 4  4  ?  ?   ?   A . n 
A 1 5  GLU 5  5  5  GLU GLU A . n 
A 1 6  3EG 6  6  6  3EG 3EG A . n 
A 1 7  TYR 7  7  7  TYR TYR A . n 
A 1 8  LYS 8  8  8  LYS LYS A . n 
A 1 9  GLU 9  9  9  GLU GLU A . n 
A 1 10 6FL 10 10 10 6FL 6FL A . n 
A 1 11 GLU 11 11 11 GLU GLU A . n 
A 1 12 ASP 12 12 12 ASP ASP A . n 
A 1 13 3EG 13 13 13 3EG 3EG A . n 
A 1 14 GLN 14 14 14 GLN GLN A . n 
A 1 15 GLU 15 15 15 GLU GLU A . n 
A 1 16 ARG 16 16 16 ARG ARG A . n 
A 1 17 6FL 17 17 17 6FL 6FL A . n 
A 1 18 ARG 18 18 18 ARG ARG A . n 
A 1 19 LYS 19 19 19 LYS LYS A . n 
A 1 20 3EG 20 20 20 3EG 3EG A . n 
A 1 21 ARG 21 21 21 ARG ARG A . n 
A 1 22 LYS 22 22 22 LYS LYS A . n 
A 1 23 LYS 23 23 23 LYS LYS A . n 
A 1 24 6FL 24 24 24 6FL 6FL A . n 
A 1 25 ARG 25 25 25 ARG ARG A . n 
A 1 26 SER 26 26 26 SER SER A . n 
A 1 27 GLY 27 27 ?  ?   ?   A . n 
B 1 1  GLY 1  1  1  GLY GLY B . n 
B 1 2  ASN 2  2  2  ASN ASN B . n 
B 1 3  ALA 3  3  3  ALA ALA B . n 
B 1 4  ASP 4  4  4  ASP ASP B . n 
B 1 5  GLU 5  5  5  GLU GLU B . n 
B 1 6  3EG 6  6  6  3EG 3EG B . n 
B 1 7  TYR 7  7  7  TYR TYR B . n 
B 1 8  LYS 8  8  8  LYS LYS B . n 
B 1 9  GLU 9  9  9  GLU GLU B . n 
B 1 10 6FL 10 10 10 6FL 6FL B . n 
B 1 11 GLU 11 11 11 GLU GLU B . n 
B 1 12 ASP 12 12 12 ASP ASP B . n 
B 1 13 3EG 13 13 13 3EG 3EG B . n 
B 1 14 GLN 14 14 14 GLN GLN B . n 
B 1 15 GLU 15 15 15 GLU GLU B . n 
B 1 16 ARG 16 16 16 ARG ARG B . n 
B 1 17 6FL 17 17 17 6FL 6FL B . n 
B 1 18 ARG 18 18 18 ARG ARG B . n 
B 1 19 LYS 19 19 19 LYS LYS B . n 
B 1 20 3EG 20 20 20 3EG 3EG B . n 
B 1 21 ARG 21 21 21 ARG ARG B . n 
B 1 22 LYS 22 22 22 LYS LYS B . n 
B 1 23 LYS 23 23 23 LYS LYS B . n 
B 1 24 6FL 24 24 24 6FL 6FL B . n 
B 1 25 ARG 25 25 25 ARG ARG B . n 
B 1 26 SER 26 26 ?  ?   ?   B . n 
B 1 27 GLY 27 27 ?  ?   ?   B . n 
# 
loop_
_pdbx_nonpoly_scheme.asym_id 
_pdbx_nonpoly_scheme.entity_id 
_pdbx_nonpoly_scheme.mon_id 
_pdbx_nonpoly_scheme.ndb_seq_num 
_pdbx_nonpoly_scheme.pdb_seq_num 
_pdbx_nonpoly_scheme.auth_seq_num 
_pdbx_nonpoly_scheme.pdb_mon_id 
_pdbx_nonpoly_scheme.auth_mon_id 
_pdbx_nonpoly_scheme.pdb_strand_id 
_pdbx_nonpoly_scheme.pdb_ins_code 
C 2 HOH 1  28 1  HOH HOH A . 
C 2 HOH 2  29 3  HOH HOH A . 
C 2 HOH 3  30 4  HOH HOH A . 
C 2 HOH 4  31 8  HOH HOH A . 
C 2 HOH 5  32 9  HOH HOH A . 
C 2 HOH 6  33 10 HOH HOH A . 
C 2 HOH 7  34 12 HOH HOH A . 
C 2 HOH 8  35 17 HOH HOH A . 
C 2 HOH 9  36 23 HOH HOH A . 
C 2 HOH 10 37 24 HOH HOH A . 
D 2 HOH 1  28 2  HOH HOH B . 
D 2 HOH 2  29 6  HOH HOH B . 
D 2 HOH 3  30 7  HOH HOH B . 
D 2 HOH 4  31 11 HOH HOH B . 
D 2 HOH 5  32 13 HOH HOH B . 
D 2 HOH 6  33 18 HOH HOH B . 
D 2 HOH 7  34 19 HOH HOH B . 
D 2 HOH 8  35 20 HOH HOH B . 
D 2 HOH 9  36 21 HOH HOH B . 
# 
loop_
_pdbx_unobs_or_zero_occ_atoms.id 
_pdbx_unobs_or_zero_occ_atoms.PDB_model_num 
_pdbx_unobs_or_zero_occ_atoms.polymer_flag 
_pdbx_unobs_or_zero_occ_atoms.occupancy_flag 
_pdbx_unobs_or_zero_occ_atoms.auth_asym_id 
_pdbx_unobs_or_zero_occ_atoms.auth_comp_id 
_pdbx_unobs_or_zero_occ_atoms.auth_seq_id 
_pdbx_unobs_or_zero_occ_atoms.PDB_ins_code 
_pdbx_unobs_or_zero_occ_atoms.auth_atom_id 
_pdbx_unobs_or_zero_occ_atoms.label_alt_id 
_pdbx_unobs_or_zero_occ_atoms.label_asym_id 
_pdbx_unobs_or_zero_occ_atoms.label_comp_id 
_pdbx_unobs_or_zero_occ_atoms.label_seq_id 
_pdbx_unobs_or_zero_occ_atoms.label_atom_id 
1  1 Y 1 A GLU 5  ? CG  ? A GLU 5  CG  
2  1 Y 1 A GLU 5  ? CD  ? A GLU 5  CD  
3  1 Y 1 A GLU 5  ? OE1 ? A GLU 5  OE1 
4  1 Y 1 A GLU 5  ? OE2 ? A GLU 5  OE2 
5  1 Y 1 A TYR 7  ? CG  ? A TYR 7  CG  
6  1 Y 1 A TYR 7  ? CD1 ? A TYR 7  CD1 
7  1 Y 1 A TYR 7  ? CD2 ? A TYR 7  CD2 
8  1 Y 1 A TYR 7  ? CE1 ? A TYR 7  CE1 
9  1 Y 1 A TYR 7  ? CE2 ? A TYR 7  CE2 
10 1 Y 1 A TYR 7  ? CZ  ? A TYR 7  CZ  
11 1 Y 1 A TYR 7  ? OH  ? A TYR 7  OH  
12 1 Y 1 A LYS 8  ? CG  ? A LYS 8  CG  
13 1 Y 1 A LYS 8  ? CD  ? A LYS 8  CD  
14 1 Y 1 A LYS 8  ? CE  ? A LYS 8  CE  
15 1 Y 1 A LYS 8  ? NZ  ? A LYS 8  NZ  
16 1 Y 1 A ARG 25 ? CG  ? A ARG 25 CG  
17 1 Y 1 A ARG 25 ? CD  ? A ARG 25 CD  
18 1 Y 1 A ARG 25 ? NE  ? A ARG 25 NE  
19 1 Y 1 A ARG 25 ? CZ  ? A ARG 25 CZ  
20 1 Y 1 A ARG 25 ? NH1 ? A ARG 25 NH1 
21 1 Y 1 A ARG 25 ? NH2 ? A ARG 25 NH2 
22 1 Y 1 A SER 26 ? OG  ? A SER 26 OG  
23 1 Y 1 B LYS 22 ? CG  ? B LYS 22 CG  
24 1 Y 1 B LYS 22 ? CD  ? B LYS 22 CD  
25 1 Y 1 B LYS 22 ? CE  ? B LYS 22 CE  
26 1 Y 1 B LYS 22 ? NZ  ? B LYS 22 NZ  
# 
loop_
_software.pdbx_ordinal 
_software.name 
_software.version 
_software.date 
_software.type 
_software.contact_author 
_software.contact_author_email 
_software.classification 
_software.location 
_software.language 
_software.citation_id 
1 DENZO       .              ?               package 'Zbyszek Otwinowski' hkl@hkl-xray.com                 'data reduction'  
http://www.hkl-xray.com/                    ?   ? 
2 SCALEPACK   .              ?               package 'Zbyszek Otwinowski' hkl@hkl-xray.com                 'data scaling'    
http://www.hkl-xray.com/                    ?   ? 
3 PHASER      .              ?               program 'Randy J. Read'      cimr-phaser@lists.cam.ac.uk      phasing           
http://www-structmed.cimr.cam.ac.uk/phaser/ ?   ? 
4 BUSTER-TNT  'BUSTER 2.8.0' ?               program 'Gerard Bricogne'    buster-develop@GlobalPhasing.com refinement        
http://www.globalphasing.com/buster/        ?   ? 
5 PDB_EXTRACT 3.10           'June 10, 2010' package PDB                  deposit@deposit.rcsb.org         'data extraction' 
http://sw-tools.pdb.org/apps/PDB_EXTRACT/   C++ ? 
6 MD2         .              ?               ?       ?                    ?                                'data collection' ? ?   
? 
7 HKL-2000    .              ?               ?       ?                    ?                                'data reduction'  ? ?   
? 
8 HKL-2000    .              ?               ?       ?                    ?                                'data scaling'    ? ?   
? 
9 BUSTER      1.6.0          ?               ?       ?                    ?                                refinement        ? ?   
? 
# 
_cell.length_a           30.956 
_cell.length_b           36.363 
_cell.length_c           41.457 
_cell.angle_alpha        90.000 
_cell.angle_beta         90.000 
_cell.angle_gamma        90.000 
_cell.entry_id           3TWG 
_cell.pdbx_unique_axis   ? 
_cell.Z_PDB              8 
_cell.length_a_esd       ? 
_cell.length_b_esd       ? 
_cell.length_c_esd       ? 
_cell.angle_alpha_esd    ? 
_cell.angle_beta_esd     ? 
_cell.angle_gamma_esd    ? 
# 
_symmetry.space_group_name_H-M             'P 21 21 2' 
_symmetry.entry_id                         3TWG 
_symmetry.Int_Tables_number                18 
_symmetry.pdbx_full_space_group_name_H-M   ? 
_symmetry.cell_setting                     ? 
_symmetry.space_group_name_Hall            ? 
# 
_exptl.crystals_number   1 
_exptl.entry_id          3TWG 
_exptl.method            'X-RAY DIFFRACTION' 
# 
_exptl_crystal.id                    1 
_exptl_crystal.density_Matthews      1.83 
_exptl_crystal.density_meas          ? 
_exptl_crystal.density_percent_sol   32.65 
_exptl_crystal.description           ? 
_exptl_crystal.F_000                 ? 
_exptl_crystal.preparation           ? 
# 
_exptl_crystal_grow.crystal_id      1 
_exptl_crystal_grow.method          'VAPOR DIFFUSION, HANGING DROP' 
_exptl_crystal_grow.pH              8.5 
_exptl_crystal_grow.temp            293.15 
_exptl_crystal_grow.pdbx_details    '48% PEG600, 0.1M Tris pH 8.5, vapor diffusion, hanging drop, temperature 293.15K' 
_exptl_crystal_grow.temp_details    ? 
_exptl_crystal_grow.pdbx_pH_range   ? 
# 
_diffrn.id                     1 
_diffrn.ambient_temp           100 
_diffrn.ambient_temp_details   ? 
_diffrn.crystal_id             1 
# 
_diffrn_detector.diffrn_id              1 
_diffrn_detector.detector               CCD 
_diffrn_detector.type                   'MARMOSAIC 225 mm CCD' 
_diffrn_detector.pdbx_collection_date   2011-06-11 
_diffrn_detector.details                ? 
# 
_diffrn_radiation.diffrn_id                        1 
_diffrn_radiation.pdbx_diffrn_protocol             'SINGLE WAVELENGTH' 
_diffrn_radiation.monochromator                    'Diamond [111]' 
_diffrn_radiation.wavelength_id                    1 
_diffrn_radiation.pdbx_monochromatic_or_laue_m_l   M 
_diffrn_radiation.pdbx_scattering_type             x-ray 
# 
_diffrn_radiation_wavelength.id           1 
_diffrn_radiation_wavelength.wavelength   0.97872 
_diffrn_radiation_wavelength.wt           1.0 
# 
_diffrn_source.diffrn_id                   1 
_diffrn_source.source                      SYNCHROTRON 
_diffrn_source.type                        'APS BEAMLINE 21-ID-F' 
_diffrn_source.pdbx_wavelength_list        0.97872 
_diffrn_source.pdbx_wavelength             ? 
_diffrn_source.pdbx_synchrotron_site       APS 
_diffrn_source.pdbx_synchrotron_beamline   21-ID-F 
# 
_reflns.entry_id                     3TWG 
_reflns.d_resolution_high            1.720 
_reflns.d_resolution_low             50.000 
_reflns.number_obs                   5280 
_reflns.pdbx_Rmerge_I_obs            0.046 
_reflns.pdbx_netI_over_sigmaI        11.600 
_reflns.pdbx_chi_squared             0.816 
_reflns.pdbx_redundancy              10.300 
_reflns.percent_possible_obs         99.300 
_reflns.observed_criterion_sigma_F   ? 
_reflns.observed_criterion_sigma_I   -3 
_reflns.number_all                   5317 
_reflns.pdbx_Rsym_value              ? 
_reflns.B_iso_Wilson_estimate        ? 
_reflns.R_free_details               ? 
_reflns.limit_h_max                  ? 
_reflns.limit_h_min                  ? 
_reflns.limit_k_max                  ? 
_reflns.limit_k_min                  ? 
_reflns.limit_l_max                  ? 
_reflns.limit_l_min                  ? 
_reflns.observed_criterion_F_max     ? 
_reflns.observed_criterion_F_min     ? 
_reflns.pdbx_scaling_rejects         ? 
_reflns.pdbx_ordinal                 1 
_reflns.pdbx_diffrn_id               1 
# 
loop_
_reflns_shell.d_res_high 
_reflns_shell.d_res_low 
_reflns_shell.number_measured_obs 
_reflns_shell.number_measured_all 
_reflns_shell.number_unique_obs 
_reflns_shell.Rmerge_I_obs 
_reflns_shell.meanI_over_sigI_obs 
_reflns_shell.pdbx_Rsym_value 
_reflns_shell.pdbx_chi_squared 
_reflns_shell.pdbx_redundancy 
_reflns_shell.percent_possible_obs 
_reflns_shell.number_unique_all 
_reflns_shell.percent_possible_all 
_reflns_shell.pdbx_ordinal 
_reflns_shell.pdbx_diffrn_id 
1.720 1.750  ? ? ? 0.523 ? ? 0.486 10.700 ? 243 100.000 1  1 
1.750 1.780  ? ? ? 0.425 ? ? 0.470 10.600 ? 262 100.000 2  1 
1.780 1.820  ? ? ? 0.358 ? ? 0.496 10.700 ? 265 100.000 3  1 
1.820 1.850  ? ? ? 0.270 ? ? 0.489 10.600 ? 255 100.000 4  1 
1.850 1.890  ? ? ? 0.230 ? ? 0.521 10.700 ? 254 100.000 5  1 
1.890 1.940  ? ? ? 0.175 ? ? 0.517 10.700 ? 261 100.000 6  1 
1.940 1.990  ? ? ? 0.127 ? ? 0.607 10.500 ? 264 100.000 7  1 
1.990 2.040  ? ? ? 0.116 ? ? 0.620 10.900 ? 262 100.000 8  1 
2.040 2.100  ? ? ? 0.086 ? ? 0.673 10.500 ? 250 100.000 9  1 
2.100 2.170  ? ? ? 0.071 ? ? 0.811 10.700 ? 270 100.000 10 1 
2.170 2.240  ? ? ? 0.062 ? ? 1.059 10.700 ? 259 100.000 11 1 
2.240 2.330  ? ? ? 0.056 ? ? 1.037 10.600 ? 265 100.000 12 1 
2.330 2.440  ? ? ? 0.056 ? ? 1.143 10.400 ? 264 100.000 13 1 
2.440 2.570  ? ? ? 0.059 ? ? 1.119 10.600 ? 262 100.000 14 1 
2.570 2.730  ? ? ? 0.059 ? ? 1.118 10.200 ? 263 100.000 15 1 
2.730 2.940  ? ? ? 0.057 ? ? 1.176 10.000 ? 268 100.000 16 1 
2.940 3.240  ? ? ? 0.053 ? ? 0.944 9.600  ? 276 100.000 17 1 
3.240 3.710  ? ? ? 0.039 ? ? 0.981 9.800  ? 278 100.000 18 1 
3.710 4.670  ? ? ? 0.035 ? ? 1.118 9.400  ? 279 98.900  19 1 
4.670 50.000 ? ? ? 0.034 ? ? 1.010 8.000  ? 280 89.500  20 1 
# 
_refine.entry_id                                 3TWG 
_refine.ls_d_res_high                            1.7200 
_refine.ls_d_res_low                             9.0800 
_refine.pdbx_ls_sigma_F                          0.000 
_refine.pdbx_data_cutoff_high_absF               ? 
_refine.pdbx_data_cutoff_low_absF                ? 
_refine.ls_percent_reflns_obs                    ? 
_refine.ls_number_reflns_obs                     5229 
_refine.ls_number_reflns_all                     ? 
_refine.pdbx_ls_cross_valid_method               THROUGHOUT 
_refine.pdbx_R_Free_selection_details            RANDOM 
_refine.details                                  ? 
_refine.ls_R_factor_all                          ? 
_refine.ls_R_factor_obs                          0.2437 
_refine.ls_R_factor_R_work                       0.2413 
_refine.ls_wR_factor_R_work                      ? 
_refine.ls_R_factor_R_free                       0.2898 
_refine.ls_wR_factor_R_free                      ? 
_refine.ls_percent_reflns_R_free                 4.5700 
_refine.ls_number_reflns_R_free                  239 
_refine.ls_R_factor_R_free_error                 ? 
_refine.B_iso_mean                               45.8240 
_refine.solvent_model_param_bsol                 ? 
_refine.solvent_model_param_ksol                 ? 
_refine.pdbx_isotropic_thermal_model             ? 
_refine.aniso_B[1][1]                            1.5418 
_refine.aniso_B[2][2]                            1.6988 
_refine.aniso_B[3][3]                            -3.2407 
_refine.aniso_B[1][2]                            0.0000 
_refine.aniso_B[1][3]                            0.0000 
_refine.aniso_B[2][3]                            0.0000 
_refine.correlation_coeff_Fo_to_Fc               0.9316 
_refine.correlation_coeff_Fo_to_Fc_free          0.9254 
_refine.overall_SU_R_Cruickshank_DPI             ? 
_refine.overall_SU_R_free                        ? 
_refine.pdbx_overall_ESU_R_Free                  ? 
_refine.overall_SU_ML                            ? 
_refine.overall_SU_B                             ? 
_refine.solvent_model_details                    ? 
_refine.pdbx_solvent_vdw_probe_radii             ? 
_refine.pdbx_solvent_ion_probe_radii             ? 
_refine.pdbx_solvent_shrinkage_radii             ? 
_refine.ls_number_parameters                     ? 
_refine.ls_number_restraints                     ? 
_refine.pdbx_starting_model                      ? 
_refine.pdbx_method_to_determine_struct          'MOLECULAR REPLACEMENT' 
_refine.pdbx_stereochemistry_target_values       'maximum likelihood' 
_refine.pdbx_stereochem_target_val_spec_case     ? 
_refine.overall_FOM_work_R_set                   ? 
_refine.B_iso_max                                119.580 
_refine.B_iso_min                                21.590 
_refine.pdbx_overall_phase_error                 ? 
_refine.occupancy_max                            1.000 
_refine.occupancy_min                            0.300 
_refine.pdbx_ls_sigma_I                          ? 
_refine.ls_redundancy_reflns_obs                 ? 
_refine.ls_R_factor_R_free_error_details         ? 
_refine.pdbx_data_cutoff_high_rms_absF           ? 
_refine.overall_FOM_free_R_set                   ? 
_refine.pdbx_diffrn_id                           1 
_refine.pdbx_refine_id                           'X-RAY DIFFRACTION' 
_refine.pdbx_overall_ESU_R                       ? 
_refine.pdbx_TLS_residual_ADP_flag               ? 
_refine.pdbx_overall_SU_R_free_Cruickshank_DPI   ? 
_refine.pdbx_overall_SU_R_Blow_DPI               ? 
_refine.pdbx_overall_SU_R_free_Blow_DPI          ? 
# 
_refine_analyze.entry_id                        3TWG 
_refine_analyze.Luzzati_coordinate_error_obs    0.343 
_refine_analyze.Luzzati_sigma_a_obs             ? 
_refine_analyze.Luzzati_d_res_low_obs           ? 
_refine_analyze.Luzzati_coordinate_error_free   ? 
_refine_analyze.Luzzati_sigma_a_free            ? 
_refine_analyze.Luzzati_d_res_low_free          ? 
_refine_analyze.number_disordered_residues      ? 
_refine_analyze.occupancy_sum_non_hydrogen      ? 
_refine_analyze.occupancy_sum_hydrogen          ? 
_refine_analyze.pdbx_Luzzati_d_res_high_obs     ? 
_refine_analyze.pdbx_refine_id                  'X-RAY DIFFRACTION' 
# 
_refine_hist.pdbx_refine_id                   'X-RAY DIFFRACTION' 
_refine_hist.cycle_id                         LAST 
_refine_hist.pdbx_number_atoms_protein        433 
_refine_hist.pdbx_number_atoms_nucleic_acid   0 
_refine_hist.pdbx_number_atoms_ligand         0 
_refine_hist.number_atoms_solvent             19 
_refine_hist.number_atoms_total               452 
_refine_hist.d_res_high                       1.7200 
_refine_hist.d_res_low                        9.0800 
# 
loop_
_refine_ls_restr.type 
_refine_ls_restr.number 
_refine_ls_restr.dev_ideal 
_refine_ls_restr.dev_ideal_target 
_refine_ls_restr.weight 
_refine_ls_restr.pdbx_restraint_function 
_refine_ls_restr.pdbx_refine_id 
t_dihedral_angle_d        157 ?      ? 2.000  SINUSOIDAL   'X-RAY DIFFRACTION' 
t_trig_c_planes           14  ?      ? 2.000  HARMONIC     'X-RAY DIFFRACTION' 
t_gen_planes              62  ?      ? 5.000  HARMONIC     'X-RAY DIFFRACTION' 
t_it                      462 ?      ? 20.000 HARMONIC     'X-RAY DIFFRACTION' 
t_nbd                     26  ?      ? 5.000  SEMIHARMONIC 'X-RAY DIFFRACTION' 
t_improper_torsion        ?   ?      ? ?      ?            'X-RAY DIFFRACTION' 
t_pseud_angle             ?   ?      ? ?      ?            'X-RAY DIFFRACTION' 
t_chiral_improper_torsion 36  ?      ? 5.000  SEMIHARMONIC 'X-RAY DIFFRACTION' 
t_sum_occupancies         ?   ?      ? ?      ?            'X-RAY DIFFRACTION' 
t_utility_distance        ?   ?      ? ?      ?            'X-RAY DIFFRACTION' 
t_utility_angle           ?   ?      ? ?      ?            'X-RAY DIFFRACTION' 
t_utility_torsion         ?   ?      ? ?      ?            'X-RAY DIFFRACTION' 
t_ideal_dist_contact      409 ?      ? 4.000  SEMIHARMONIC 'X-RAY DIFFRACTION' 
t_bond_d                  462 0.009  ? 2.000  HARMONIC     'X-RAY DIFFRACTION' 
t_angle_deg               654 1.170  ? 2.000  HARMONIC     'X-RAY DIFFRACTION' 
t_omega_torsion           ?   1.830  ? ?      ?            'X-RAY DIFFRACTION' 
t_other_torsion           ?   17.120 ? ?      ?            'X-RAY DIFFRACTION' 
# 
_refine_ls_shell.d_res_high                       1.7200 
_refine_ls_shell.d_res_low                        1.9200 
_refine_ls_shell.pdbx_total_number_of_bins_used   5 
_refine_ls_shell.percent_reflns_obs               ? 
_refine_ls_shell.number_reflns_R_work             1376 
_refine_ls_shell.R_factor_all                     0.2448 
_refine_ls_shell.R_factor_R_work                  0.2416 
_refine_ls_shell.R_factor_R_free                  0.3020 
_refine_ls_shell.percent_reflns_R_free            5.3000 
_refine_ls_shell.number_reflns_R_free             77 
_refine_ls_shell.R_factor_R_free_error            ? 
_refine_ls_shell.number_reflns_all                1453 
_refine_ls_shell.number_reflns_obs                ? 
_refine_ls_shell.redundancy_reflns_obs            ? 
_refine_ls_shell.pdbx_refine_id                   'X-RAY DIFFRACTION' 
# 
_struct.entry_id                  3TWG 
_struct.title                     'Crystal structure of the de novo designed fluorinated peptide alpha4F3af3d' 
_struct.pdbx_model_details        ? 
_struct.pdbx_CASP_flag            ? 
_struct.pdbx_model_type_details   ? 
# 
_struct_keywords.entry_id        3TWG 
_struct_keywords.text            'alpha helix, de novo designed, fluorinated protein, UNKNOWN FUNCTION' 
_struct_keywords.pdbx_keywords   'UNKNOWN FUNCTION' 
# 
loop_
_struct_asym.id 
_struct_asym.pdbx_blank_PDB_chainid_flag 
_struct_asym.pdbx_modified 
_struct_asym.entity_id 
_struct_asym.details 
A N N 1 ? 
B N N 1 ? 
C N N 2 ? 
D N N 2 ? 
# 
_struct_ref.id                         1 
_struct_ref.db_name                    PDB 
_struct_ref.db_code                    3TWG 
_struct_ref.pdbx_db_accession          3TWG 
_struct_ref.entity_id                  1 
_struct_ref.pdbx_align_begin           ? 
_struct_ref.pdbx_seq_one_letter_code   GNADEXYKELEDXQERLRKXRKKLRSG 
_struct_ref.pdbx_db_isoform            ? 
# 
loop_
_struct_ref_seq.align_id 
_struct_ref_seq.ref_id 
_struct_ref_seq.pdbx_PDB_id_code 
_struct_ref_seq.pdbx_strand_id 
_struct_ref_seq.seq_align_beg 
_struct_ref_seq.pdbx_seq_align_beg_ins_code 
_struct_ref_seq.seq_align_end 
_struct_ref_seq.pdbx_seq_align_end_ins_code 
_struct_ref_seq.pdbx_db_accession 
_struct_ref_seq.db_align_beg 
_struct_ref_seq.pdbx_db_align_beg_ins_code 
_struct_ref_seq.db_align_end 
_struct_ref_seq.pdbx_db_align_end_ins_code 
_struct_ref_seq.pdbx_auth_seq_align_beg 
_struct_ref_seq.pdbx_auth_seq_align_end 
1 1 3TWG A 1 ? 27 ? 3TWG 1 ? 27 ? 1 27 
2 1 3TWG B 1 ? 27 ? 3TWG 1 ? 27 ? 1 27 
# 
loop_
_pdbx_struct_assembly.id 
_pdbx_struct_assembly.details 
_pdbx_struct_assembly.method_details 
_pdbx_struct_assembly.oligomeric_details 
_pdbx_struct_assembly.oligomeric_count 
1 author_defined_assembly   ?    dimeric    2 
2 author_defined_assembly   ?    tetrameric 4 
3 software_defined_assembly PISA monomeric  1 
4 software_defined_assembly PISA monomeric  1 
# 
loop_
_pdbx_struct_assembly_gen.assembly_id 
_pdbx_struct_assembly_gen.oper_expression 
_pdbx_struct_assembly_gen.asym_id_list 
1 1   A,B,C,D 
2 1,2 A,B,C,D 
3 1   A,C     
4 1   B,D     
# 
loop_
_pdbx_struct_oper_list.id 
_pdbx_struct_oper_list.type 
_pdbx_struct_oper_list.name 
_pdbx_struct_oper_list.symmetry_operation 
_pdbx_struct_oper_list.matrix[1][1] 
_pdbx_struct_oper_list.matrix[1][2] 
_pdbx_struct_oper_list.matrix[1][3] 
_pdbx_struct_oper_list.vector[1] 
_pdbx_struct_oper_list.matrix[2][1] 
_pdbx_struct_oper_list.matrix[2][2] 
_pdbx_struct_oper_list.matrix[2][3] 
_pdbx_struct_oper_list.vector[2] 
_pdbx_struct_oper_list.matrix[3][1] 
_pdbx_struct_oper_list.matrix[3][2] 
_pdbx_struct_oper_list.matrix[3][3] 
_pdbx_struct_oper_list.vector[3] 
1 'identity operation'         1_555 x,y,z   1.0000000000  0.0000000000  0.0000000000  0.0000000000  0.0000000000  1.0000000000  0.0000000000 0.0000000000 0.0000000000  0.0000000000 1.0000000000 0.0000000000  
2 'crystal symmetry operation' 2_555 -x,-y,z -0.9303721789 -0.1381372232 -0.3395964020 -8.9210146832 -0.1381372232 -0.7259444266 0.6737379290 4.3114125911 -0.3395964020 0.6737379290 0.6563166056 -3.5828335348 
# 
_struct_biol.id        1 
_struct_biol.details   ? 
# 
loop_
_struct_conf.conf_type_id 
_struct_conf.id 
_struct_conf.pdbx_PDB_helix_id 
_struct_conf.beg_label_comp_id 
_struct_conf.beg_label_asym_id 
_struct_conf.beg_label_seq_id 
_struct_conf.pdbx_beg_PDB_ins_code 
_struct_conf.end_label_comp_id 
_struct_conf.end_label_asym_id 
_struct_conf.end_label_seq_id 
_struct_conf.pdbx_end_PDB_ins_code 
_struct_conf.beg_auth_comp_id 
_struct_conf.beg_auth_asym_id 
_struct_conf.beg_auth_seq_id 
_struct_conf.end_auth_comp_id 
_struct_conf.end_auth_asym_id 
_struct_conf.end_auth_seq_id 
_struct_conf.pdbx_PDB_helix_class 
_struct_conf.details 
_struct_conf.pdbx_PDB_helix_length 
HELX_P HELX_P1 1 3EG A 6 ? LYS A 23 ? 3EG A 6 LYS A 23 1 ? 18 
HELX_P HELX_P2 2 ASN B 2 ? ARG B 25 ? ASN B 2 ARG B 25 1 ? 24 
# 
_struct_conf_type.id          HELX_P 
_struct_conf_type.criteria    ? 
_struct_conf_type.reference   ? 
# 
loop_
_struct_conn.id 
_struct_conn.conn_type_id 
_struct_conn.pdbx_leaving_atom_flag 
_struct_conn.pdbx_PDB_id 
_struct_conn.ptnr1_label_asym_id 
_struct_conn.ptnr1_label_comp_id 
_struct_conn.ptnr1_label_seq_id 
_struct_conn.ptnr1_label_atom_id 
_struct_conn.pdbx_ptnr1_label_alt_id 
_struct_conn.pdbx_ptnr1_PDB_ins_code 
_struct_conn.pdbx_ptnr1_standard_comp_id 
_struct_conn.ptnr1_symmetry 
_struct_conn.ptnr2_label_asym_id 
_struct_conn.ptnr2_label_comp_id 
_struct_conn.ptnr2_label_seq_id 
_struct_conn.ptnr2_label_atom_id 
_struct_conn.pdbx_ptnr2_label_alt_id 
_struct_conn.pdbx_ptnr2_PDB_ins_code 
_struct_conn.ptnr1_auth_asym_id 
_struct_conn.ptnr1_auth_comp_id 
_struct_conn.ptnr1_auth_seq_id 
_struct_conn.ptnr2_auth_asym_id 
_struct_conn.ptnr2_auth_comp_id 
_struct_conn.ptnr2_auth_seq_id 
_struct_conn.ptnr2_symmetry 
_struct_conn.pdbx_ptnr3_label_atom_id 
_struct_conn.pdbx_ptnr3_label_seq_id 
_struct_conn.pdbx_ptnr3_label_comp_id 
_struct_conn.pdbx_ptnr3_label_asym_id 
_struct_conn.pdbx_ptnr3_label_alt_id 
_struct_conn.pdbx_ptnr3_PDB_ins_code 
_struct_conn.details 
_struct_conn.pdbx_dist_value 
_struct_conn.pdbx_value_order 
_struct_conn.pdbx_role 
covale1  covale both ? A GLU 5  C ? ? ? 1_555 A 3EG 6  N ? ? A GLU 5  A 3EG 6  1_555 ? ? ? ? ? ? ? 1.348 ? ? 
covale2  covale both ? A 3EG 6  C ? ? ? 1_555 A TYR 7  N ? ? A 3EG 6  A TYR 7  1_555 ? ? ? ? ? ? ? 1.344 ? ? 
covale3  covale both ? A GLU 9  C ? ? ? 1_555 A 6FL 10 N ? ? A GLU 9  A 6FL 10 1_555 ? ? ? ? ? ? ? 1.348 ? ? 
covale4  covale both ? A 6FL 10 C ? ? ? 1_555 A GLU 11 N ? ? A 6FL 10 A GLU 11 1_555 ? ? ? ? ? ? ? 1.354 ? ? 
covale5  covale both ? A ASP 12 C ? ? ? 1_555 A 3EG 13 N ? ? A ASP 12 A 3EG 13 1_555 ? ? ? ? ? ? ? 1.350 ? ? 
covale6  covale both ? A 3EG 13 C ? ? ? 1_555 A GLN 14 N ? ? A 3EG 13 A GLN 14 1_555 ? ? ? ? ? ? ? 1.357 ? ? 
covale7  covale both ? A ARG 16 C ? ? ? 1_555 A 6FL 17 N ? ? A ARG 16 A 6FL 17 1_555 ? ? ? ? ? ? ? 1.363 ? ? 
covale8  covale both ? A 6FL 17 C ? ? ? 1_555 A ARG 18 N ? ? A 6FL 17 A ARG 18 1_555 ? ? ? ? ? ? ? 1.366 ? ? 
covale9  covale both ? A LYS 19 C ? ? ? 1_555 A 3EG 20 N ? ? A LYS 19 A 3EG 20 1_555 ? ? ? ? ? ? ? 1.333 ? ? 
covale10 covale both ? A 3EG 20 C ? ? ? 1_555 A ARG 21 N ? ? A 3EG 20 A ARG 21 1_555 ? ? ? ? ? ? ? 1.357 ? ? 
covale11 covale both ? A LYS 23 C ? ? ? 1_555 A 6FL 24 N ? ? A LYS 23 A 6FL 24 1_555 ? ? ? ? ? ? ? 1.329 ? ? 
covale12 covale both ? A 6FL 24 C ? ? ? 1_555 A ARG 25 N ? ? A 6FL 24 A ARG 25 1_555 ? ? ? ? ? ? ? 1.334 ? ? 
covale13 covale both ? B GLU 5  C ? ? ? 1_555 B 3EG 6  N ? ? B GLU 5  B 3EG 6  1_555 ? ? ? ? ? ? ? 1.346 ? ? 
covale14 covale both ? B 3EG 6  C ? ? ? 1_555 B TYR 7  N ? ? B 3EG 6  B TYR 7  1_555 ? ? ? ? ? ? ? 1.316 ? ? 
covale15 covale both ? B GLU 9  C ? ? ? 1_555 B 6FL 10 N ? ? B GLU 9  B 6FL 10 1_555 ? ? ? ? ? ? ? 1.344 ? ? 
covale16 covale both ? B 6FL 10 C ? ? ? 1_555 B GLU 11 N ? ? B 6FL 10 B GLU 11 1_555 ? ? ? ? ? ? ? 1.352 ? ? 
covale17 covale both ? B ASP 12 C ? ? ? 1_555 B 3EG 13 N ? ? B ASP 12 B 3EG 13 1_555 ? ? ? ? ? ? ? 1.362 ? ? 
covale18 covale both ? B 3EG 13 C ? ? ? 1_555 B GLN 14 N ? ? B 3EG 13 B GLN 14 1_555 ? ? ? ? ? ? ? 1.371 ? ? 
covale19 covale both ? B ARG 16 C ? ? ? 1_555 B 6FL 17 N ? ? B ARG 16 B 6FL 17 1_555 ? ? ? ? ? ? ? 1.340 ? ? 
covale20 covale both ? B 6FL 17 C ? ? ? 1_555 B ARG 18 N ? ? B 6FL 17 B ARG 18 1_555 ? ? ? ? ? ? ? 1.361 ? ? 
covale21 covale both ? B LYS 19 C ? ? ? 1_555 B 3EG 20 N ? ? B LYS 19 B 3EG 20 1_555 ? ? ? ? ? ? ? 1.348 ? ? 
covale22 covale both ? B 3EG 20 C ? ? ? 1_555 B ARG 21 N ? ? B 3EG 20 B ARG 21 1_555 ? ? ? ? ? ? ? 1.364 ? ? 
covale23 covale both ? B LYS 23 C ? ? ? 1_555 B 6FL 24 N ? ? B LYS 23 B 6FL 24 1_555 ? ? ? ? ? ? ? 1.352 ? ? 
covale24 covale both ? B 6FL 24 C ? ? ? 1_555 B ARG 25 N ? ? B 6FL 24 B ARG 25 1_555 ? ? ? ? ? ? ? 1.350 ? ? 
# 
_struct_conn_type.id          covale 
_struct_conn_type.criteria    ? 
_struct_conn_type.reference   ? 
# 
loop_
_pdbx_modification_feature.ordinal 
_pdbx_modification_feature.label_comp_id 
_pdbx_modification_feature.label_asym_id 
_pdbx_modification_feature.label_seq_id 
_pdbx_modification_feature.label_alt_id 
_pdbx_modification_feature.modified_residue_label_comp_id 
_pdbx_modification_feature.modified_residue_label_asym_id 
_pdbx_modification_feature.modified_residue_label_seq_id 
_pdbx_modification_feature.modified_residue_label_alt_id 
_pdbx_modification_feature.auth_comp_id 
_pdbx_modification_feature.auth_asym_id 
_pdbx_modification_feature.auth_seq_id 
_pdbx_modification_feature.PDB_ins_code 
_pdbx_modification_feature.symmetry 
_pdbx_modification_feature.modified_residue_auth_comp_id 
_pdbx_modification_feature.modified_residue_auth_asym_id 
_pdbx_modification_feature.modified_residue_auth_seq_id 
_pdbx_modification_feature.modified_residue_PDB_ins_code 
_pdbx_modification_feature.modified_residue_symmetry 
_pdbx_modification_feature.comp_id_linking_atom 
_pdbx_modification_feature.modified_residue_id_linking_atom 
_pdbx_modification_feature.modified_residue_id 
_pdbx_modification_feature.ref_pcm_id 
_pdbx_modification_feature.ref_comp_id 
_pdbx_modification_feature.type 
_pdbx_modification_feature.category 
1  6FL A 10 ? . . . . 6FL A 10 ? 1_555 . . . . . . . LEU 1 6FL Fluorination 'Named protein modification' 
2  6FL A 17 ? . . . . 6FL A 17 ? 1_555 . . . . . . . LEU 1 6FL Fluorination 'Named protein modification' 
3  6FL A 24 ? . . . . 6FL A 24 ? 1_555 . . . . . . . LEU 1 6FL Fluorination 'Named protein modification' 
4  6FL B 10 ? . . . . 6FL B 10 ? 1_555 . . . . . . . LEU 1 6FL Fluorination 'Named protein modification' 
5  6FL B 17 ? . . . . 6FL B 17 ? 1_555 . . . . . . . LEU 1 6FL Fluorination 'Named protein modification' 
6  6FL B 24 ? . . . . 6FL B 24 ? 1_555 . . . . . . . LEU 1 6FL Fluorination 'Named protein modification' 
7  3EG A 6  ? . . . . 3EG A 6  ? 1_555 . . . . . . . ?   1 3EG None         'Non-standard residue'       
8  3EG A 13 ? . . . . 3EG A 13 ? 1_555 . . . . . . . ?   1 3EG None         'Non-standard residue'       
9  3EG A 20 ? . . . . 3EG A 20 ? 1_555 . . . . . . . ?   1 3EG None         'Non-standard residue'       
10 3EG B 6  ? . . . . 3EG B 6  ? 1_555 . . . . . . . ?   1 3EG None         'Non-standard residue'       
11 3EG B 13 ? . . . . 3EG B 13 ? 1_555 . . . . . . . ?   1 3EG None         'Non-standard residue'       
12 3EG B 20 ? . . . . 3EG B 20 ? 1_555 . . . . . . . ?   1 3EG None         'Non-standard residue'       
# 
_pdbx_entry_details.entry_id                   3TWG 
_pdbx_entry_details.compound_details           ? 
_pdbx_entry_details.source_details             ? 
_pdbx_entry_details.nonpolymer_details         ? 
_pdbx_entry_details.sequence_details           ? 
_pdbx_entry_details.has_ligand_of_interest     ? 
_pdbx_entry_details.has_protein_modification   Y 
# 
_pdbx_struct_special_symmetry.id              1 
_pdbx_struct_special_symmetry.PDB_model_num   1 
_pdbx_struct_special_symmetry.auth_asym_id    A 
_pdbx_struct_special_symmetry.auth_comp_id    HOH 
_pdbx_struct_special_symmetry.auth_seq_id     35 
_pdbx_struct_special_symmetry.PDB_ins_code    ? 
_pdbx_struct_special_symmetry.label_asym_id   C 
_pdbx_struct_special_symmetry.label_comp_id   HOH 
_pdbx_struct_special_symmetry.label_seq_id    . 
# 
loop_
_pdbx_refine_tls.pdbx_refine_id 
_pdbx_refine_tls.id 
_pdbx_refine_tls.details 
_pdbx_refine_tls.method 
_pdbx_refine_tls.origin_x 
_pdbx_refine_tls.origin_y 
_pdbx_refine_tls.origin_z 
_pdbx_refine_tls.T[1][1] 
_pdbx_refine_tls.T[2][2] 
_pdbx_refine_tls.T[3][3] 
_pdbx_refine_tls.T[1][2] 
_pdbx_refine_tls.T[1][3] 
_pdbx_refine_tls.T[2][3] 
_pdbx_refine_tls.L[1][1] 
_pdbx_refine_tls.L[2][2] 
_pdbx_refine_tls.L[3][3] 
_pdbx_refine_tls.L[1][2] 
_pdbx_refine_tls.L[1][3] 
_pdbx_refine_tls.L[2][3] 
_pdbx_refine_tls.S[1][1] 
_pdbx_refine_tls.S[2][2] 
_pdbx_refine_tls.S[3][3] 
_pdbx_refine_tls.S[1][2] 
_pdbx_refine_tls.S[1][3] 
_pdbx_refine_tls.S[2][3] 
_pdbx_refine_tls.S[2][1] 
_pdbx_refine_tls.S[3][1] 
_pdbx_refine_tls.S[3][2] 
'X-RAY DIFFRACTION' 1 ? refined 1.9816  4.3200  -1.0392 -0.1181 -0.0305 0.0245  0.0069 -0.0139 -0.0027 8.5450 4.7178 7.7343 -0.3969 1.7526  -2.2936 0.1692 -0.1358 -0.0334 0.1652 0.2309  -0.1944 -0.1060 -0.0603 -0.1300 
'X-RAY DIFFRACTION' 2 ? refined -1.6103 -3.9290 0.3991  -0.0097 -0.1451 -0.0183 0.0098 -0.0799 0.0012  5.1556 5.7909 8.2211 1.8902  -1.7240 0.3113  0.0396 0.0485  -0.0882 0.1804 -0.2180 -0.0162 -0.6027 0.1093  -0.1499 
# 
loop_
_pdbx_refine_tls_group.pdbx_refine_id 
_pdbx_refine_tls_group.id 
_pdbx_refine_tls_group.refine_tls_id 
_pdbx_refine_tls_group.beg_auth_asym_id 
_pdbx_refine_tls_group.beg_auth_seq_id 
_pdbx_refine_tls_group.end_auth_asym_id 
_pdbx_refine_tls_group.end_auth_seq_id 
_pdbx_refine_tls_group.selection_details 
_pdbx_refine_tls_group.beg_label_asym_id 
_pdbx_refine_tls_group.beg_label_seq_id 
_pdbx_refine_tls_group.end_label_asym_id 
_pdbx_refine_tls_group.end_label_seq_id 
_pdbx_refine_tls_group.selection 
'X-RAY DIFFRACTION' 1 1 A 5 A 26 '{ A|5 - A|26 }' ? ? ? ? ? 
'X-RAY DIFFRACTION' 2 2 B 1 B 25 '{ B|1 - B|25 }' ? ? ? ? ? 
# 
_phasing.method   MR 
# 
loop_
_pdbx_unobs_or_zero_occ_residues.id 
_pdbx_unobs_or_zero_occ_residues.PDB_model_num 
_pdbx_unobs_or_zero_occ_residues.polymer_flag 
_pdbx_unobs_or_zero_occ_residues.occupancy_flag 
_pdbx_unobs_or_zero_occ_residues.auth_asym_id 
_pdbx_unobs_or_zero_occ_residues.auth_comp_id 
_pdbx_unobs_or_zero_occ_residues.auth_seq_id 
_pdbx_unobs_or_zero_occ_residues.PDB_ins_code 
_pdbx_unobs_or_zero_occ_residues.label_asym_id 
_pdbx_unobs_or_zero_occ_residues.label_comp_id 
_pdbx_unobs_or_zero_occ_residues.label_seq_id 
1 1 Y 1 A GLY 1  ? A GLY 1  
2 1 Y 1 A ASN 2  ? A ASN 2  
3 1 Y 1 A ALA 3  ? A ALA 3  
4 1 Y 1 A ASP 4  ? A ASP 4  
5 1 Y 1 A GLY 27 ? A GLY 27 
6 1 Y 1 B SER 26 ? B SER 26 
7 1 Y 1 B GLY 27 ? B GLY 27 
# 
loop_
_chem_comp_atom.comp_id 
_chem_comp_atom.atom_id 
_chem_comp_atom.type_symbol 
_chem_comp_atom.pdbx_aromatic_flag 
_chem_comp_atom.pdbx_stereo_config 
_chem_comp_atom.pdbx_ordinal 
3EG C    C N N 1   
3EG N    N N N 2   
3EG O    O N N 3   
3EG CA   C N S 4   
3EG CB   C N N 5   
3EG FAC  F N N 6   
3EG FAD  F N N 7   
3EG FAE  F N N 8   
3EG CG   C N N 9   
3EG OXT  O N N 10  
3EG H    H N N 11  
3EG H2   H N N 12  
3EG HA   H N N 13  
3EG HB   H N N 14  
3EG HBA  H N N 15  
3EG HXT  H N N 16  
6FL C    C N N 17  
6FL N    N N N 18  
6FL O    O N N 19  
6FL CA   C N S 20  
6FL CB   C N N 21  
6FL CG   C N N 22  
6FL FAC  F N N 23  
6FL FAD  F N N 24  
6FL FAE  F N N 25  
6FL FAF  F N N 26  
6FL FAG  F N N 27  
6FL FAH  F N N 28  
6FL CD1  C N N 29  
6FL CD2  C N N 30  
6FL OXT  O N N 31  
6FL H    H N N 32  
6FL H2   H N N 33  
6FL HA   H N N 34  
6FL HB   H N N 35  
6FL HBA  H N N 36  
6FL HG   H N N 37  
6FL HXT  H N N 38  
ALA N    N N N 39  
ALA CA   C N S 40  
ALA C    C N N 41  
ALA O    O N N 42  
ALA CB   C N N 43  
ALA OXT  O N N 44  
ALA H    H N N 45  
ALA H2   H N N 46  
ALA HA   H N N 47  
ALA HB1  H N N 48  
ALA HB2  H N N 49  
ALA HB3  H N N 50  
ALA HXT  H N N 51  
ARG N    N N N 52  
ARG CA   C N S 53  
ARG C    C N N 54  
ARG O    O N N 55  
ARG CB   C N N 56  
ARG CG   C N N 57  
ARG CD   C N N 58  
ARG NE   N N N 59  
ARG CZ   C N N 60  
ARG NH1  N N N 61  
ARG NH2  N N N 62  
ARG OXT  O N N 63  
ARG H    H N N 64  
ARG H2   H N N 65  
ARG HA   H N N 66  
ARG HB2  H N N 67  
ARG HB3  H N N 68  
ARG HG2  H N N 69  
ARG HG3  H N N 70  
ARG HD2  H N N 71  
ARG HD3  H N N 72  
ARG HE   H N N 73  
ARG HH11 H N N 74  
ARG HH12 H N N 75  
ARG HH21 H N N 76  
ARG HH22 H N N 77  
ARG HXT  H N N 78  
ASN N    N N N 79  
ASN CA   C N S 80  
ASN C    C N N 81  
ASN O    O N N 82  
ASN CB   C N N 83  
ASN CG   C N N 84  
ASN OD1  O N N 85  
ASN ND2  N N N 86  
ASN OXT  O N N 87  
ASN H    H N N 88  
ASN H2   H N N 89  
ASN HA   H N N 90  
ASN HB2  H N N 91  
ASN HB3  H N N 92  
ASN HD21 H N N 93  
ASN HD22 H N N 94  
ASN HXT  H N N 95  
ASP N    N N N 96  
ASP CA   C N S 97  
ASP C    C N N 98  
ASP O    O N N 99  
ASP CB   C N N 100 
ASP CG   C N N 101 
ASP OD1  O N N 102 
ASP OD2  O N N 103 
ASP OXT  O N N 104 
ASP H    H N N 105 
ASP H2   H N N 106 
ASP HA   H N N 107 
ASP HB2  H N N 108 
ASP HB3  H N N 109 
ASP HD2  H N N 110 
ASP HXT  H N N 111 
GLN N    N N N 112 
GLN CA   C N S 113 
GLN C    C N N 114 
GLN O    O N N 115 
GLN CB   C N N 116 
GLN CG   C N N 117 
GLN CD   C N N 118 
GLN OE1  O N N 119 
GLN NE2  N N N 120 
GLN OXT  O N N 121 
GLN H    H N N 122 
GLN H2   H N N 123 
GLN HA   H N N 124 
GLN HB2  H N N 125 
GLN HB3  H N N 126 
GLN HG2  H N N 127 
GLN HG3  H N N 128 
GLN HE21 H N N 129 
GLN HE22 H N N 130 
GLN HXT  H N N 131 
GLU N    N N N 132 
GLU CA   C N S 133 
GLU C    C N N 134 
GLU O    O N N 135 
GLU CB   C N N 136 
GLU CG   C N N 137 
GLU CD   C N N 138 
GLU OE1  O N N 139 
GLU OE2  O N N 140 
GLU OXT  O N N 141 
GLU H    H N N 142 
GLU H2   H N N 143 
GLU HA   H N N 144 
GLU HB2  H N N 145 
GLU HB3  H N N 146 
GLU HG2  H N N 147 
GLU HG3  H N N 148 
GLU HE2  H N N 149 
GLU HXT  H N N 150 
GLY N    N N N 151 
GLY CA   C N N 152 
GLY C    C N N 153 
GLY O    O N N 154 
GLY OXT  O N N 155 
GLY H    H N N 156 
GLY H2   H N N 157 
GLY HA2  H N N 158 
GLY HA3  H N N 159 
GLY HXT  H N N 160 
HOH O    O N N 161 
HOH H1   H N N 162 
HOH H2   H N N 163 
LYS N    N N N 164 
LYS CA   C N S 165 
LYS C    C N N 166 
LYS O    O N N 167 
LYS CB   C N N 168 
LYS CG   C N N 169 
LYS CD   C N N 170 
LYS CE   C N N 171 
LYS NZ   N N N 172 
LYS OXT  O N N 173 
LYS H    H N N 174 
LYS H2   H N N 175 
LYS HA   H N N 176 
LYS HB2  H N N 177 
LYS HB3  H N N 178 
LYS HG2  H N N 179 
LYS HG3  H N N 180 
LYS HD2  H N N 181 
LYS HD3  H N N 182 
LYS HE2  H N N 183 
LYS HE3  H N N 184 
LYS HZ1  H N N 185 
LYS HZ2  H N N 186 
LYS HZ3  H N N 187 
LYS HXT  H N N 188 
SER N    N N N 189 
SER CA   C N S 190 
SER C    C N N 191 
SER O    O N N 192 
SER CB   C N N 193 
SER OG   O N N 194 
SER OXT  O N N 195 
SER H    H N N 196 
SER H2   H N N 197 
SER HA   H N N 198 
SER HB2  H N N 199 
SER HB3  H N N 200 
SER HG   H N N 201 
SER HXT  H N N 202 
TYR N    N N N 203 
TYR CA   C N S 204 
TYR C    C N N 205 
TYR O    O N N 206 
TYR CB   C N N 207 
TYR CG   C Y N 208 
TYR CD1  C Y N 209 
TYR CD2  C Y N 210 
TYR CE1  C Y N 211 
TYR CE2  C Y N 212 
TYR CZ   C Y N 213 
TYR OH   O N N 214 
TYR OXT  O N N 215 
TYR H    H N N 216 
TYR H2   H N N 217 
TYR HA   H N N 218 
TYR HB2  H N N 219 
TYR HB3  H N N 220 
TYR HD1  H N N 221 
TYR HD2  H N N 222 
TYR HE1  H N N 223 
TYR HE2  H N N 224 
TYR HH   H N N 225 
TYR HXT  H N N 226 
# 
loop_
_chem_comp_bond.comp_id 
_chem_comp_bond.atom_id_1 
_chem_comp_bond.atom_id_2 
_chem_comp_bond.value_order 
_chem_comp_bond.pdbx_aromatic_flag 
_chem_comp_bond.pdbx_stereo_config 
_chem_comp_bond.pdbx_ordinal 
3EG C   O    doub N N 1   
3EG C   CA   sing N N 2   
3EG C   OXT  sing N N 3   
3EG N   CA   sing N N 4   
3EG N   H    sing N N 5   
3EG N   H2   sing N N 6   
3EG CA  CB   sing N N 7   
3EG CA  HA   sing N N 8   
3EG CB  CG   sing N N 9   
3EG CB  HB   sing N N 10  
3EG CB  HBA  sing N N 11  
3EG FAC CG   sing N N 12  
3EG FAD CG   sing N N 13  
3EG FAE CG   sing N N 14  
3EG OXT HXT  sing N N 15  
6FL C   O    doub N N 16  
6FL C   CA   sing N N 17  
6FL C   OXT  sing N N 18  
6FL N   CA   sing N N 19  
6FL N   H    sing N N 20  
6FL N   H2   sing N N 21  
6FL CA  CB   sing N N 22  
6FL CA  HA   sing N N 23  
6FL CB  CG   sing N N 24  
6FL CB  HB   sing N N 25  
6FL CB  HBA  sing N N 26  
6FL CG  CD1  sing N N 27  
6FL CG  CD2  sing N N 28  
6FL CG  HG   sing N N 29  
6FL FAC CD1  sing N N 30  
6FL FAD CD1  sing N N 31  
6FL FAE CD1  sing N N 32  
6FL FAF CD2  sing N N 33  
6FL FAG CD2  sing N N 34  
6FL FAH CD2  sing N N 35  
6FL OXT HXT  sing N N 36  
ALA N   CA   sing N N 37  
ALA N   H    sing N N 38  
ALA N   H2   sing N N 39  
ALA CA  C    sing N N 40  
ALA CA  CB   sing N N 41  
ALA CA  HA   sing N N 42  
ALA C   O    doub N N 43  
ALA C   OXT  sing N N 44  
ALA CB  HB1  sing N N 45  
ALA CB  HB2  sing N N 46  
ALA CB  HB3  sing N N 47  
ALA OXT HXT  sing N N 48  
ARG N   CA   sing N N 49  
ARG N   H    sing N N 50  
ARG N   H2   sing N N 51  
ARG CA  C    sing N N 52  
ARG CA  CB   sing N N 53  
ARG CA  HA   sing N N 54  
ARG C   O    doub N N 55  
ARG C   OXT  sing N N 56  
ARG CB  CG   sing N N 57  
ARG CB  HB2  sing N N 58  
ARG CB  HB3  sing N N 59  
ARG CG  CD   sing N N 60  
ARG CG  HG2  sing N N 61  
ARG CG  HG3  sing N N 62  
ARG CD  NE   sing N N 63  
ARG CD  HD2  sing N N 64  
ARG CD  HD3  sing N N 65  
ARG NE  CZ   sing N N 66  
ARG NE  HE   sing N N 67  
ARG CZ  NH1  sing N N 68  
ARG CZ  NH2  doub N N 69  
ARG NH1 HH11 sing N N 70  
ARG NH1 HH12 sing N N 71  
ARG NH2 HH21 sing N N 72  
ARG NH2 HH22 sing N N 73  
ARG OXT HXT  sing N N 74  
ASN N   CA   sing N N 75  
ASN N   H    sing N N 76  
ASN N   H2   sing N N 77  
ASN CA  C    sing N N 78  
ASN CA  CB   sing N N 79  
ASN CA  HA   sing N N 80  
ASN C   O    doub N N 81  
ASN C   OXT  sing N N 82  
ASN CB  CG   sing N N 83  
ASN CB  HB2  sing N N 84  
ASN CB  HB3  sing N N 85  
ASN CG  OD1  doub N N 86  
ASN CG  ND2  sing N N 87  
ASN ND2 HD21 sing N N 88  
ASN ND2 HD22 sing N N 89  
ASN OXT HXT  sing N N 90  
ASP N   CA   sing N N 91  
ASP N   H    sing N N 92  
ASP N   H2   sing N N 93  
ASP CA  C    sing N N 94  
ASP CA  CB   sing N N 95  
ASP CA  HA   sing N N 96  
ASP C   O    doub N N 97  
ASP C   OXT  sing N N 98  
ASP CB  CG   sing N N 99  
ASP CB  HB2  sing N N 100 
ASP CB  HB3  sing N N 101 
ASP CG  OD1  doub N N 102 
ASP CG  OD2  sing N N 103 
ASP OD2 HD2  sing N N 104 
ASP OXT HXT  sing N N 105 
GLN N   CA   sing N N 106 
GLN N   H    sing N N 107 
GLN N   H2   sing N N 108 
GLN CA  C    sing N N 109 
GLN CA  CB   sing N N 110 
GLN CA  HA   sing N N 111 
GLN C   O    doub N N 112 
GLN C   OXT  sing N N 113 
GLN CB  CG   sing N N 114 
GLN CB  HB2  sing N N 115 
GLN CB  HB3  sing N N 116 
GLN CG  CD   sing N N 117 
GLN CG  HG2  sing N N 118 
GLN CG  HG3  sing N N 119 
GLN CD  OE1  doub N N 120 
GLN CD  NE2  sing N N 121 
GLN NE2 HE21 sing N N 122 
GLN NE2 HE22 sing N N 123 
GLN OXT HXT  sing N N 124 
GLU N   CA   sing N N 125 
GLU N   H    sing N N 126 
GLU N   H2   sing N N 127 
GLU CA  C    sing N N 128 
GLU CA  CB   sing N N 129 
GLU CA  HA   sing N N 130 
GLU C   O    doub N N 131 
GLU C   OXT  sing N N 132 
GLU CB  CG   sing N N 133 
GLU CB  HB2  sing N N 134 
GLU CB  HB3  sing N N 135 
GLU CG  CD   sing N N 136 
GLU CG  HG2  sing N N 137 
GLU CG  HG3  sing N N 138 
GLU CD  OE1  doub N N 139 
GLU CD  OE2  sing N N 140 
GLU OE2 HE2  sing N N 141 
GLU OXT HXT  sing N N 142 
GLY N   CA   sing N N 143 
GLY N   H    sing N N 144 
GLY N   H2   sing N N 145 
GLY CA  C    sing N N 146 
GLY CA  HA2  sing N N 147 
GLY CA  HA3  sing N N 148 
GLY C   O    doub N N 149 
GLY C   OXT  sing N N 150 
GLY OXT HXT  sing N N 151 
HOH O   H1   sing N N 152 
HOH O   H2   sing N N 153 
LYS N   CA   sing N N 154 
LYS N   H    sing N N 155 
LYS N   H2   sing N N 156 
LYS CA  C    sing N N 157 
LYS CA  CB   sing N N 158 
LYS CA  HA   sing N N 159 
LYS C   O    doub N N 160 
LYS C   OXT  sing N N 161 
LYS CB  CG   sing N N 162 
LYS CB  HB2  sing N N 163 
LYS CB  HB3  sing N N 164 
LYS CG  CD   sing N N 165 
LYS CG  HG2  sing N N 166 
LYS CG  HG3  sing N N 167 
LYS CD  CE   sing N N 168 
LYS CD  HD2  sing N N 169 
LYS CD  HD3  sing N N 170 
LYS CE  NZ   sing N N 171 
LYS CE  HE2  sing N N 172 
LYS CE  HE3  sing N N 173 
LYS NZ  HZ1  sing N N 174 
LYS NZ  HZ2  sing N N 175 
LYS NZ  HZ3  sing N N 176 
LYS OXT HXT  sing N N 177 
SER N   CA   sing N N 178 
SER N   H    sing N N 179 
SER N   H2   sing N N 180 
SER CA  C    sing N N 181 
SER CA  CB   sing N N 182 
SER CA  HA   sing N N 183 
SER C   O    doub N N 184 
SER C   OXT  sing N N 185 
SER CB  OG   sing N N 186 
SER CB  HB2  sing N N 187 
SER CB  HB3  sing N N 188 
SER OG  HG   sing N N 189 
SER OXT HXT  sing N N 190 
TYR N   CA   sing N N 191 
TYR N   H    sing N N 192 
TYR N   H2   sing N N 193 
TYR CA  C    sing N N 194 
TYR CA  CB   sing N N 195 
TYR CA  HA   sing N N 196 
TYR C   O    doub N N 197 
TYR C   OXT  sing N N 198 
TYR CB  CG   sing N N 199 
TYR CB  HB2  sing N N 200 
TYR CB  HB3  sing N N 201 
TYR CG  CD1  doub Y N 202 
TYR CG  CD2  sing Y N 203 
TYR CD1 CE1  sing Y N 204 
TYR CD1 HD1  sing N N 205 
TYR CD2 CE2  doub Y N 206 
TYR CD2 HD2  sing N N 207 
TYR CE1 CZ   doub Y N 208 
TYR CE1 HE1  sing N N 209 
TYR CE2 CZ   sing Y N 210 
TYR CE2 HE2  sing N N 211 
TYR CZ  OH   sing N N 212 
TYR OH  HH   sing N N 213 
TYR OXT HXT  sing N N 214 
# 
_atom_sites.entry_id                    3TWG 
_atom_sites.fract_transf_matrix[1][1]   -0.03062787 
_atom_sites.fract_transf_matrix[1][2]   -0.01003231 
_atom_sites.fract_transf_matrix[1][3]   -0.00219883 
_atom_sites.fract_transf_matrix[2][1]   0.00707912 
_atom_sites.fract_transf_matrix[2][2]   -0.02407664 
_atom_sites.fract_transf_matrix[2][3]   0.01124507 
_atom_sites.fract_transf_matrix[3][1]   -0.00450061 
_atom_sites.fract_transf_matrix[3][2]   0.00892893 
_atom_sites.fract_transf_matrix[3][3]   0.02195088 
_atom_sites.fract_transf_vector[1]      -0.118928 
_atom_sites.fract_transf_vector[2]      0.103623 
_atom_sites.fract_transf_vector[3]      -0.086658 
# 
loop_
_atom_type.symbol 
C 
F 
N 
O 
# 
loop_
_atom_site.group_PDB 
_atom_site.id 
_atom_site.type_symbol 
_atom_site.label_atom_id 
_atom_site.label_alt_id 
_atom_site.label_comp_id 
_atom_site.label_asym_id 
_atom_site.label_entity_id 
_atom_site.label_seq_id 
_atom_site.pdbx_PDB_ins_code 
_atom_site.Cartn_x 
_atom_site.Cartn_y 
_atom_site.Cartn_z 
_atom_site.occupancy 
_atom_site.B_iso_or_equiv 
_atom_site.pdbx_formal_charge 
_atom_site.auth_seq_id 
_atom_site.auth_comp_id 
_atom_site.auth_asym_id 
_atom_site.auth_atom_id 
_atom_site.pdbx_PDB_model_num 
ATOM   1   N N   . GLU A 1 5  ? 4.488   0.813   -18.609 1.00 67.77  ? 5  GLU A N   1 
ATOM   2   C CA  . GLU A 1 5  ? 3.999   2.175   -18.822 1.00 66.81  ? 5  GLU A CA  1 
ATOM   3   C C   . GLU A 1 5  ? 3.342   2.762   -17.564 1.00 65.48  ? 5  GLU A C   1 
ATOM   4   O O   . GLU A 1 5  ? 3.522   3.947   -17.285 1.00 62.06  ? 5  GLU A O   1 
ATOM   5   C CB  . GLU A 1 5  ? 3.029   2.229   -20.012 1.00 72.61  ? 5  GLU A CB  1 
HETATM 6   C C   . 3EG A 1 6  ? 2.622   1.793   -14.372 1.00 58.43  ? 6  3EG A C   1 
HETATM 7   N N   . 3EG A 1 6  ? 2.573   1.939   -16.823 1.00 61.43  ? 6  3EG A N   1 
HETATM 8   O O   . 3EG A 1 6  ? 2.087   1.818   -13.253 1.00 54.37  ? 6  3EG A O   1 
HETATM 9   C CA  . 3EG A 1 6  ? 1.892   2.345   -15.591 1.00 57.02  ? 6  3EG A CA  1 
HETATM 10  C CB  . 3EG A 1 6  ? 0.466   1.792   -15.598 1.00 59.74  ? 6  3EG A CB  1 
HETATM 11  F FAC . 3EG A 1 6  ? -0.105  2.382   -17.793 1.00 67.01  ? 6  3EG A FAC 1 
HETATM 12  F FAD . 3EG A 1 6  ? -1.689  2.297   -16.340 1.00 62.21  ? 6  3EG A FAD 1 
HETATM 13  F FAE . 3EG A 1 6  ? -0.221  3.917   -16.281 1.00 63.07  ? 6  3EG A FAE 1 
HETATM 14  C CG  . 3EG A 1 6  ? -0.416  2.626   -16.532 1.00 63.13  ? 6  3EG A CG  1 
ATOM   15  N N   . TYR A 1 7  ? 3.846   1.282   -14.592 1.00 55.99  ? 7  TYR A N   1 
ATOM   16  C CA  . TYR A 1 7  ? 4.691   0.707   -13.550 1.00 53.51  ? 7  TYR A CA  1 
ATOM   17  C C   . TYR A 1 7  ? 5.081   1.759   -12.520 1.00 52.27  ? 7  TYR A C   1 
ATOM   18  O O   . TYR A 1 7  ? 4.888   1.518   -11.331 1.00 48.57  ? 7  TYR A O   1 
ATOM   19  C CB  . TYR A 1 7  ? 5.928   0.017   -14.160 1.00 58.48  ? 7  TYR A CB  1 
ATOM   20  N N   . LYS A 1 8  ? 5.550   2.947   -12.974 1.00 49.96  ? 8  LYS A N   1 
ATOM   21  C CA  . LYS A 1 8  ? 5.940   4.055   -12.091 1.00 47.92  ? 8  LYS A CA  1 
ATOM   22  C C   . LYS A 1 8  ? 4.762   4.589   -11.261 1.00 47.96  ? 8  LYS A C   1 
ATOM   23  O O   . LYS A 1 8  ? 4.943   4.941   -10.091 1.00 45.22  ? 8  LYS A O   1 
ATOM   24  C CB  . LYS A 1 8  ? 6.607   5.184   -12.885 1.00 53.84  ? 8  LYS A CB  1 
ATOM   25  N N   . GLU A 1 9  ? 3.554   4.627   -11.856 1.00 43.75  ? 9  GLU A N   1 
ATOM   26  C CA  . GLU A 1 9  ? 2.364   5.071   -11.129 1.00 40.33  ? 9  GLU A CA  1 
ATOM   27  C C   . GLU A 1 9  ? 1.940   4.073   -10.056 1.00 37.62  ? 9  GLU A C   1 
ATOM   28  O O   . GLU A 1 9  ? 1.522   4.511   -8.997  1.00 33.90  ? 9  GLU A O   1 
ATOM   29  C CB  . GLU A 1 9  ? 1.188   5.396   -12.067 1.00 43.98  ? 9  GLU A CB  1 
ATOM   30  C CG  . GLU A 1 9  ? 1.418   6.604   -12.969 1.00 58.06  ? 9  GLU A CG  1 
ATOM   31  C CD  . GLU A 1 9  ? 1.617   7.963   -12.317 1.00 73.57  ? 9  GLU A CD  1 
ATOM   32  O OE1 . GLU A 1 9  ? 1.097   8.187   -11.198 1.00 63.14  ? 9  GLU A OE1 1 
ATOM   33  O OE2 . GLU A 1 9  ? 2.273   8.821   -12.951 1.00 62.36  ? 9  GLU A OE2 1 
HETATM 34  C C   . 6FL A 1 10 ? 2.657   1.757   -8.153  1.00 34.38  ? 10 6FL A C   1 
HETATM 35  N N   . 6FL A 1 10 ? 2.028   2.752   -10.309 1.00 35.60  ? 10 6FL A N   1 
HETATM 36  O O   . 6FL A 1 10 ? 2.262   1.644   -6.995  1.00 29.57  ? 10 6FL A O   1 
HETATM 37  C CA  . 6FL A 1 10 ? 1.647   1.762   -9.291  1.00 32.93  ? 10 6FL A CA  1 
HETATM 38  C CB  . 6FL A 1 10 ? 1.471   0.337   -9.833  1.00 37.22  ? 10 6FL A CB  1 
HETATM 39  C CG  . 6FL A 1 10 ? 0.430   0.267   -10.962 1.00 45.16  ? 10 6FL A CG  1 
HETATM 40  F FAC . 6FL A 1 10 ? -1.140  1.769   -10.023 1.00 44.24  ? 10 6FL A FAC 1 
HETATM 41  F FAD . 6FL A 1 10 ? -1.902  0.312   -11.384 1.00 48.42  ? 10 6FL A FAD 1 
HETATM 42  F FAE . 6FL A 1 10 ? -1.246  -0.256  -9.425  1.00 45.71  ? 10 6FL A FAE 1 
HETATM 43  F FAF . 6FL A 1 10 ? -0.253  -1.142  -12.692 1.00 55.03  ? 10 6FL A FAF 1 
HETATM 44  F FAG . 6FL A 1 10 ? 1.755   -1.378  -11.996 1.00 52.55  ? 10 6FL A FAG 1 
HETATM 45  F FAH . 6FL A 1 10 ? 0.140   -2.050  -10.729 1.00 54.98  ? 10 6FL A FAH 1 
HETATM 46  C CD1 . 6FL A 1 10 ? -0.999  0.531   -10.444 1.00 44.37  ? 10 6FL A CD1 1 
HETATM 47  C CD2 . 6FL A 1 10 ? 0.515   -1.120  -11.617 1.00 52.61  ? 10 6FL A CD2 1 
ATOM   48  N N   . GLU A 1 11 ? 3.964   1.898   -8.478  1.00 32.92  ? 11 GLU A N   1 
ATOM   49  C CA  . GLU A 1 11 ? 5.021   1.979   -7.464  1.00 31.90  ? 11 GLU A CA  1 
ATOM   50  C C   . GLU A 1 11 ? 4.728   3.204   -6.589  1.00 32.68  ? 11 GLU A C   1 
ATOM   51  O O   . GLU A 1 11 ? 4.757   3.076   -5.369  1.00 30.11  ? 11 GLU A O   1 
ATOM   52  C CB  . GLU A 1 11 ? 6.414   2.089   -8.112  1.00 36.40  ? 11 GLU A CB  1 
ATOM   53  C CG  . GLU A 1 11 ? 7.539   2.413   -7.134  1.00 48.55  ? 11 GLU A CG  1 
ATOM   54  C CD  . GLU A 1 11 ? 8.162   1.241   -6.402  1.00 83.12  ? 11 GLU A CD  1 
ATOM   55  O OE1 . GLU A 1 11 ? 8.828   0.411   -7.064  1.00 83.40  ? 11 GLU A OE1 1 
ATOM   56  O OE2 . GLU A 1 11 ? 8.061   1.202   -5.154  1.00 82.97  ? 11 GLU A OE2 1 
ATOM   57  N N   . ASP A 1 12 ? 4.436   4.376   -7.204  1.00 31.15  ? 12 ASP A N   1 
ATOM   58  C CA  . ASP A 1 12 ? 4.127   5.595   -6.442  1.00 31.11  ? 12 ASP A CA  1 
ATOM   59  C C   . ASP A 1 12 ? 2.879   5.414   -5.585  1.00 30.36  ? 12 ASP A C   1 
ATOM   60  O O   . ASP A 1 12 ? 2.866   5.877   -4.450  1.00 29.62  ? 12 ASP A O   1 
ATOM   61  C CB  . ASP A 1 12 ? 3.995   6.833   -7.345  1.00 35.99  ? 12 ASP A CB  1 
ATOM   62  C CG  . ASP A 1 12 ? 3.576   8.120   -6.625  1.00 49.26  ? 12 ASP A CG  1 
ATOM   63  O OD1 . ASP A 1 12 ? 4.251   8.501   -5.631  1.00 49.77  ? 12 ASP A OD1 1 
ATOM   64  O OD2 . ASP A 1 12 ? 2.582   8.742   -7.053  1.00 58.96  ? 12 ASP A OD2 1 
HETATM 65  C C   . 3EG A 1 13 ? 0.978   3.686   -4.118  1.00 26.49  ? 13 3EG A C   1 
HETATM 66  N N   . 3EG A 1 13 ? 1.825   4.755   -6.113  1.00 26.19  ? 13 3EG A N   1 
HETATM 67  O O   . 3EG A 1 13 ? 0.582   4.013   -2.997  1.00 24.18  ? 13 3EG A O   1 
HETATM 68  C CA  A 3EG A 1 13 ? 0.610   4.531   -5.329  0.70 24.04  ? 13 3EG A CA  1 
HETATM 69  C CA  B 3EG A 1 13 ? 0.602   4.520   -5.345  0.30 24.82  ? 13 3EG A CA  1 
HETATM 70  C CB  A 3EG A 1 13 ? -0.452  3.775   -6.134  0.70 28.80  ? 13 3EG A CB  1 
HETATM 71  C CB  B 3EG A 1 13 ? -0.388  3.731   -6.213  0.30 29.76  ? 13 3EG A CB  1 
HETATM 72  F FAC A 3EG A 1 13 ? -2.180  5.360   -5.880  0.70 30.28  ? 13 3EG A FAC 1 
HETATM 73  F FAC B 3EG A 1 13 ? -2.044  4.782   -4.866  0.30 34.27  ? 13 3EG A FAC 1 
HETATM 74  F FAD A 3EG A 1 13 ? -0.662  5.653   -7.473  0.70 34.57  ? 13 3EG A FAD 1 
HETATM 75  F FAD B 3EG A 1 13 ? -2.114  5.137   -7.006  0.30 38.45  ? 13 3EG A FAD 1 
HETATM 76  F FAE A 3EG A 1 13 ? -2.151  4.120   -7.694  0.70 39.43  ? 13 3EG A FAE 1 
HETATM 77  F FAE B 3EG A 1 13 ? -2.654  3.215   -6.217  0.30 33.11  ? 13 3EG A FAE 1 
HETATM 78  C CG  A 3EG A 1 13 ? -1.396  4.768   -6.809  0.70 34.27  ? 13 3EG A CG  1 
HETATM 79  C CG  B 3EG A 1 13 ? -1.833  4.240   -6.061  0.30 34.25  ? 13 3EG A CG  1 
ATOM   80  N N   . GLN A 1 14 ? 1.794   2.624   -4.339  1.00 24.38  ? 14 GLN A N   1 
ATOM   81  C CA  . GLN A 1 14 ? 2.239   1.772   -3.242  1.00 24.26  ? 14 GLN A CA  1 
ATOM   82  C C   . GLN A 1 14 ? 3.051   2.568   -2.222  1.00 27.00  ? 14 GLN A C   1 
ATOM   83  O O   . GLN A 1 14 ? 2.789   2.483   -1.018  1.00 25.68  ? 14 GLN A O   1 
ATOM   84  C CB  . GLN A 1 14 ? 3.044   0.583   -3.779  1.00 26.96  ? 14 GLN A CB  1 
ATOM   85  C CG  . GLN A 1 14 ? 3.347   -0.404  -2.665  1.00 36.55  ? 14 GLN A CG  1 
ATOM   86  C CD  . GLN A 1 14 ? 4.046   -1.625  -3.129  1.00 45.48  ? 14 GLN A CD  1 
ATOM   87  O OE1 . GLN A 1 14 ? 3.747   -2.184  -4.194  1.00 37.76  ? 14 GLN A OE1 1 
ATOM   88  N NE2 . GLN A 1 14 ? 4.963   -2.096  -2.293  1.00 40.55  ? 14 GLN A NE2 1 
ATOM   89  N N   . GLU A 1 15 ? 3.973   3.401   -2.705  1.00 25.64  ? 15 GLU A N   1 
ATOM   90  C CA  . GLU A 1 15 ? 4.816   4.242   -1.859  1.00 24.98  ? 15 GLU A CA  1 
ATOM   91  C C   . GLU A 1 15 ? 3.975   5.235   -1.062  1.00 26.87  ? 15 GLU A C   1 
ATOM   92  O O   . GLU A 1 15 ? 4.240   5.422   0.125   1.00 28.21  ? 15 GLU A O   1 
ATOM   93  C CB  . GLU A 1 15 ? 5.864   4.947   -2.727  1.00 28.04  ? 15 GLU A CB  1 
ATOM   94  C CG  . GLU A 1 15 ? 6.843   5.820   -1.959  1.00 36.54  ? 15 GLU A CG  1 
ATOM   95  C CD  . GLU A 1 15 ? 7.687   5.118   -0.912  1.00 58.63  ? 15 GLU A CD  1 
ATOM   96  O OE1 . GLU A 1 15 ? 7.920   3.891   -1.044  1.00 43.50  ? 15 GLU A OE1 1 
ATOM   97  O OE2 . GLU A 1 15 ? 8.139   5.812   0.030   1.00 48.94  ? 15 GLU A OE2 1 
ATOM   98  N N   . ARG A 1 16 ? 2.934   5.808   -1.680  1.00 23.92  ? 16 ARG A N   1 
ATOM   99  C CA  . ARG A 1 16 ? 2.098   6.766   -0.938  1.00 24.83  ? 16 ARG A CA  1 
ATOM   100 C C   . ARG A 1 16 ? 1.330   6.098   0.202   1.00 27.82  ? 16 ARG A C   1 
ATOM   101 O O   . ARG A 1 16 ? 1.186   6.700   1.270   1.00 27.30  ? 16 ARG A O   1 
ATOM   102 C CB  . ARG A 1 16 ? 1.219   7.577   -1.879  1.00 28.66  ? 16 ARG A CB  1 
ATOM   103 C CG  . ARG A 1 16 ? 2.081   8.578   -2.629  1.00 31.61  ? 16 ARG A CG  1 
ATOM   104 C CD  . ARG A 1 16 ? 1.331   9.305   -3.691  1.00 39.16  ? 16 ARG A CD  1 
ATOM   105 N NE  . ARG A 1 16 ? 0.369   10.219  -3.091  1.00 44.28  ? 16 ARG A NE  1 
ATOM   106 C CZ  . ARG A 1 16 ? -0.479  10.952  -3.788  1.00 51.03  ? 16 ARG A CZ  1 
ATOM   107 N NH1 . ARG A 1 16 ? -0.487  10.891  -5.115  1.00 41.21  ? 16 ARG A NH1 1 
ATOM   108 N NH2 . ARG A 1 16 ? -1.321  11.764  -3.170  1.00 35.94  ? 16 ARG A NH2 1 
HETATM 109 C C   . 6FL A 1 17 ? 1.172   3.784   2.161   1.00 25.75  ? 17 6FL A C   1 
HETATM 110 N N   . 6FL A 1 17 ? 0.852   4.840   -0.014  1.00 23.51  ? 17 6FL A N   1 
HETATM 111 O O   . 6FL A 1 17 ? 0.863   3.963   3.344   1.00 27.12  ? 17 6FL A O   1 
HETATM 112 C CA  . 6FL A 1 17 ? 0.150   4.116   1.059   1.00 23.79  ? 17 6FL A CA  1 
HETATM 113 C CB  . 6FL A 1 17 ? -0.453  2.825   0.516   1.00 25.24  ? 17 6FL A CB  1 
HETATM 114 C CG  . 6FL A 1 17 ? -1.526  3.087   -0.531  1.00 26.92  ? 17 6FL A CG  1 
HETATM 115 F FAC . 6FL A 1 17 ? -2.854  1.891   -2.064  1.00 35.84  ? 17 6FL A FAC 1 
HETATM 116 F FAD . 6FL A 1 17 ? -0.989  0.983   -1.429  1.00 32.99  ? 17 6FL A FAD 1 
HETATM 117 F FAE . 6FL A 1 17 ? -2.636  1.030   -0.075  1.00 34.46  ? 17 6FL A FAE 1 
HETATM 118 F FAF . 6FL A 1 17 ? -3.696  4.035   -0.902  1.00 33.90  ? 17 6FL A FAF 1 
HETATM 119 F FAG . 6FL A 1 17 ? -3.115  3.521   1.126   1.00 34.35  ? 17 6FL A FAG 1 
HETATM 120 F FAH . 6FL A 1 17 ? -2.323  5.236   0.205   1.00 32.48  ? 17 6FL A FAH 1 
HETATM 121 C CD1 . 6FL A 1 17 ? -2.025  1.711   -1.041  1.00 32.13  ? 17 6FL A CD1 1 
HETATM 122 C CD2 . 6FL A 1 17 ? -2.683  3.989   -0.020  1.00 32.99  ? 17 6FL A CD2 1 
ATOM   123 N N   . ARG A 1 18 ? 2.421   3.385   1.777   1.00 22.07  ? 18 ARG A N   1 
ATOM   124 C CA  . ARG A 1 18 ? 3.483   3.117   2.748   1.00 22.14  ? 18 ARG A CA  1 
ATOM   125 C C   . ARG A 1 18 ? 3.715   4.369   3.590   1.00 26.15  ? 18 ARG A C   1 
ATOM   126 O O   . ARG A 1 18 ? 3.783   4.239   4.806   1.00 27.57  ? 18 ARG A O   1 
ATOM   127 C CB  . ARG A 1 18 ? 4.767   2.716   2.014   1.00 24.74  ? 18 ARG A CB  1 
ATOM   128 C CG  . ARG A 1 18 ? 5.985   2.665   2.892   1.00 29.83  ? 18 ARG A CG  1 
ATOM   129 C CD  . ARG A 1 18 ? 7.196   2.615   2.018   1.00 31.98  ? 18 ARG A CD  1 
ATOM   130 N NE  . ARG A 1 18 ? 8.400   2.398   2.803   1.00 35.14  ? 18 ARG A NE  1 
ATOM   131 C CZ  . ARG A 1 18 ? 9.631   2.505   2.327   1.00 38.49  ? 18 ARG A CZ  1 
ATOM   132 N NH1 . ARG A 1 18 ? 9.832   2.850   1.054   1.00 31.71  ? 18 ARG A NH1 1 
ATOM   133 N NH2 . ARG A 1 18 ? 10.671  2.239   3.104   1.00 28.52  ? 18 ARG A NH2 1 
ATOM   134 N N   . LYS A 1 19 ? 3.774   5.578   2.963   1.00 24.23  ? 19 LYS A N   1 
ATOM   135 C CA  . LYS A 1 19 ? 3.984   6.850   3.674   1.00 25.75  ? 19 LYS A CA  1 
ATOM   136 C C   . LYS A 1 19 ? 2.822   7.110   4.641   1.00 30.19  ? 19 LYS A C   1 
ATOM   137 O O   . LYS A 1 19 ? 3.046   7.583   5.751   1.00 32.60  ? 19 LYS A O   1 
ATOM   138 C CB  . LYS A 1 19 ? 4.139   8.033   2.696   1.00 28.59  ? 19 LYS A CB  1 
ATOM   139 C CG  . LYS A 1 19 ? 5.522   8.116   2.046   1.00 39.65  ? 19 LYS A CG  1 
ATOM   140 C CD  . LYS A 1 19 ? 5.698   9.449   1.309   1.00 40.39  ? 19 LYS A CD  1 
ATOM   141 C CE  . LYS A 1 19 ? 7.057   9.600   0.660   1.00 48.47  ? 19 LYS A CE  1 
ATOM   142 N NZ  . LYS A 1 19 ? 7.195   8.759   -0.557  1.00 46.26  ? 19 LYS A NZ  1 
HETATM 143 C C   . 3EG A 1 20 ? 0.490   6.121   6.307   1.00 33.79  ? 20 3EG A C   1 
HETATM 144 N N   . 3EG A 1 20 ? 1.595   6.788   4.229   1.00 28.44  ? 20 3EG A N   1 
HETATM 145 O O   . 3EG A 1 20 ? 0.200   6.597   7.404   1.00 35.52  ? 20 3EG A O   1 
HETATM 146 C CA  A 3EG A 1 20 ? 0.423   7.006   5.061   0.50 29.71  ? 20 3EG A CA  1 
HETATM 147 C CA  B 3EG A 1 20 ? 0.401   6.987   5.059   0.50 30.03  ? 20 3EG A CA  1 
HETATM 148 C CB  A 3EG A 1 20 ? -0.806  6.713   4.203   0.50 27.92  ? 20 3EG A CB  1 
HETATM 149 C CB  B 3EG A 1 20 ? -0.844  6.529   4.291   0.50 30.20  ? 20 3EG A CB  1 
HETATM 150 F FAC A 3EG A 1 20 ? -2.990  7.508   3.883   0.50 28.36  ? 20 3EG A FAC 1 
HETATM 151 F FAC B 3EG A 1 20 ? -2.714  7.215   3.095   0.50 35.04  ? 20 3EG A FAC 1 
HETATM 152 F FAD A 3EG A 1 20 ? -2.436  6.676   5.834   0.50 27.14  ? 20 3EG A FAD 1 
HETATM 153 F FAD B 3EG A 1 20 ? -2.087  8.587   4.602   0.50 32.48  ? 20 3EG A FAD 1 
HETATM 154 F FAE A 3EG A 1 20 ? -1.712  8.643   5.209   0.50 35.08  ? 20 3EG A FAE 1 
HETATM 155 F FAE B 3EG A 1 20 ? -0.852  8.318   2.839   0.50 34.34  ? 20 3EG A FAE 1 
HETATM 156 C CG  A 3EG A 1 20 ? -2.031  7.411   4.799   0.50 30.58  ? 20 3EG A CG  1 
HETATM 157 C CG  B 3EG A 1 20 ? -1.643  7.704   3.705   0.50 32.63  ? 20 3EG A CG  1 
ATOM   158 N N   . ARG A 1 21 ? 0.908   4.842   6.132   1.00 30.42  ? 21 ARG A N   1 
ATOM   159 C CA  . ARG A 1 21 ? 1.066   3.862   7.205   1.00 31.97  ? 21 ARG A CA  1 
ATOM   160 C C   . ARG A 1 21 ? 2.162   4.250   8.184   1.00 37.34  ? 21 ARG A C   1 
ATOM   161 O O   . ARG A 1 21 ? 1.999   3.999   9.376   1.00 40.42  ? 21 ARG A O   1 
ATOM   162 C CB  . ARG A 1 21 ? 1.394   2.474   6.639   1.00 33.26  ? 21 ARG A CB  1 
ATOM   163 C CG  . ARG A 1 21 ? 0.161   1.582   6.523   1.00 45.48  ? 21 ARG A CG  1 
ATOM   164 C CD  . ARG A 1 21 ? 0.531   0.169   6.116   1.00 52.87  ? 21 ARG A CD  1 
ATOM   165 N NE  . ARG A 1 21 ? 1.331   -0.526  7.121   1.00 58.08  ? 21 ARG A NE  1 
ATOM   166 C CZ  . ARG A 1 21 ? 2.183   -1.508  6.851   1.00 73.42  ? 21 ARG A CZ  1 
ATOM   167 N NH1 . ARG A 1 21 ? 2.383   -1.896  5.597   1.00 61.62  ? 21 ARG A NH1 1 
ATOM   168 N NH2 . ARG A 1 21 ? 2.847   -2.105  7.828   1.00 62.08  ? 21 ARG A NH2 1 
ATOM   169 N N   . LYS A 1 22 ? 3.300   4.803   7.683   1.00 32.35  ? 22 LYS A N   1 
ATOM   170 C CA  . LYS A 1 22 ? 4.458   5.180   8.519   1.00 33.97  ? 22 LYS A CA  1 
ATOM   171 C C   . LYS A 1 22 ? 4.076   6.229   9.566   1.00 41.47  ? 22 LYS A C   1 
ATOM   172 O O   . LYS A 1 22 ? 4.638   6.238   10.666  1.00 45.76  ? 22 LYS A O   1 
ATOM   173 C CB  . LYS A 1 22 ? 5.611   5.704   7.647   1.00 34.52  ? 22 LYS A CB  1 
ATOM   174 C CG  . LYS A 1 22 ? 6.386   4.592   6.955   1.00 48.52  ? 22 LYS A CG  1 
ATOM   175 C CD  . LYS A 1 22 ? 7.443   5.128   5.996   1.00 52.02  ? 22 LYS A CD  1 
ATOM   176 C CE  . LYS A 1 22 ? 8.825   5.155   6.590   1.00 60.91  ? 22 LYS A CE  1 
ATOM   177 N NZ  . LYS A 1 22 ? 9.862   5.140   5.528   1.00 69.87  ? 22 LYS A NZ  1 
ATOM   178 N N   . LYS A 1 23 ? 3.124   7.106   9.217   1.00 38.23  ? 23 LYS A N   1 
ATOM   179 C CA  . LYS A 1 23 ? 2.625   8.199   10.060  1.00 42.44  ? 23 LYS A CA  1 
ATOM   180 C C   . LYS A 1 23 ? 1.642   7.730   11.146  1.00 48.52  ? 23 LYS A C   1 
ATOM   181 O O   . LYS A 1 23 ? 1.396   8.448   12.112  1.00 51.80  ? 23 LYS A O   1 
ATOM   182 C CB  . LYS A 1 23 ? 1.938   9.273   9.182   1.00 45.02  ? 23 LYS A CB  1 
ATOM   183 C CG  . LYS A 1 23 ? 2.865   9.956   8.186   1.00 62.45  ? 23 LYS A CG  1 
ATOM   184 C CD  . LYS A 1 23 ? 2.125   10.938  7.290   1.00 71.58  ? 23 LYS A CD  1 
ATOM   185 C CE  . LYS A 1 23 ? 3.007   11.401  6.154   1.00 81.12  ? 23 LYS A CE  1 
ATOM   186 N NZ  . LYS A 1 23 ? 2.232   12.078  5.084   1.00 89.94  ? 23 LYS A NZ  1 
HETATM 187 C C   . 6FL A 1 24 ? 0.703   5.143   12.983  1.00 50.97  ? 24 6FL A C   1 
HETATM 188 N N   . 6FL A 1 24 ? 1.065   6.546   10.975  1.00 44.52  ? 24 6FL A N   1 
HETATM 189 O O   . 6FL A 1 24 ? 1.746   4.513   12.774  1.00 47.43  ? 24 6FL A O   1 
HETATM 190 C CA  . 6FL A 1 24 ? 0.070   6.006   11.896  1.00 46.41  ? 24 6FL A CA  1 
HETATM 191 C CB  . 6FL A 1 24 ? -0.794  5.059   11.039  1.00 47.73  ? 24 6FL A CB  1 
HETATM 192 C CG  . 6FL A 1 24 ? -2.235  5.493   10.734  1.00 55.35  ? 24 6FL A CG  1 
HETATM 193 F FAC . 6FL A 1 24 ? -1.663  7.789   10.460  1.00 61.83  ? 24 6FL A FAC 1 
HETATM 194 F FAD . 6FL A 1 24 ? -3.750  7.247   10.179  1.00 64.75  ? 24 6FL A FAD 1 
HETATM 195 F FAE . 6FL A 1 24 ? -2.908  7.188   12.136  1.00 65.37  ? 24 6FL A FAE 1 
HETATM 196 F FAF . 6FL A 1 24 ? -3.090  5.461   8.483   1.00 49.21  ? 24 6FL A FAF 1 
HETATM 197 F FAG . 6FL A 1 24 ? -1.989  3.766   9.188   1.00 45.19  ? 24 6FL A FAG 1 
HETATM 198 F FAH . 6FL A 1 24 ? -3.911  4.152   10.035  1.00 54.50  ? 24 6FL A FAH 1 
HETATM 199 C CD1 . 6FL A 1 24 ? -2.638  6.977   10.861  1.00 62.15  ? 24 6FL A CD1 1 
HETATM 200 C CD2 . 6FL A 1 24 ? -2.830  4.718   9.559   1.00 49.98  ? 24 6FL A CD2 1 
ATOM   201 N N   . ARG A 1 25 ? 0.050   5.100   14.146  1.00 51.42  ? 25 ARG A N   1 
ATOM   202 C CA  . ARG A 1 25 ? 0.453   4.222   15.233  1.00 53.89  ? 25 ARG A CA  1 
ATOM   203 C C   . ARG A 1 25 ? -0.136  2.842   14.884  1.00 58.58  ? 25 ARG A C   1 
ATOM   204 O O   . ARG A 1 25 ? -1.109  2.767   14.122  1.00 57.44  ? 25 ARG A O   1 
ATOM   205 C CB  . ARG A 1 25 ? -0.115  4.728   16.566  1.00 60.28  ? 25 ARG A CB  1 
ATOM   206 N N   . SER A 1 26 ? 0.470   1.762   15.403  1.00 56.93  ? 26 SER A N   1 
ATOM   207 C CA  . SER A 1 26 ? 0.039   0.379   15.180  1.00 85.78  ? 26 SER A CA  1 
ATOM   208 C C   . SER A 1 26 ? -1.352  0.124   15.755  1.00 113.69 ? 26 SER A C   1 
ATOM   209 O O   . SER A 1 26 ? -2.070  -0.736  15.256  1.00 77.79  ? 26 SER A O   1 
ATOM   210 C CB  . SER A 1 26 ? 1.034   -0.591  15.807  1.00 91.07  ? 26 SER A CB  1 
ATOM   211 N N   . GLY B 1 1  ? -15.092 4.601   12.985  1.00 77.72  ? 1  GLY B N   1 
ATOM   212 C CA  . GLY B 1 1  ? -13.757 4.223   12.540  1.00 72.44  ? 1  GLY B CA  1 
ATOM   213 C C   . GLY B 1 1  ? -12.829 3.761   13.649  1.00 73.53  ? 1  GLY B C   1 
ATOM   214 O O   . GLY B 1 1  ? -13.168 3.872   14.833  1.00 76.42  ? 1  GLY B O   1 
ATOM   215 N N   . ASN B 1 2  ? -11.642 3.238   13.262  1.00 64.83  ? 2  ASN B N   1 
ATOM   216 C CA  . ASN B 1 2  ? -10.595 2.741   14.165  1.00 62.08  ? 2  ASN B CA  1 
ATOM   217 C C   . ASN B 1 2  ? -9.206  2.751   13.500  1.00 59.58  ? 2  ASN B C   1 
ATOM   218 O O   . ASN B 1 2  ? -9.074  2.348   12.336  1.00 56.21  ? 2  ASN B O   1 
ATOM   219 C CB  . ASN B 1 2  ? -10.952 1.343   14.696  1.00 64.37  ? 2  ASN B CB  1 
ATOM   220 C CG  . ASN B 1 2  ? -9.878  0.685   15.521  1.00 84.91  ? 2  ASN B CG  1 
ATOM   221 O OD1 . ASN B 1 2  ? -9.146  -0.170  15.034  1.00 74.15  ? 2  ASN B OD1 1 
ATOM   222 N ND2 . ASN B 1 2  ? -9.767  1.061   16.787  1.00 80.92  ? 2  ASN B ND2 1 
ATOM   223 N N   . ALA B 1 3  ? -8.175  3.206   14.253  1.00 54.15  ? 3  ALA B N   1 
ATOM   224 C CA  . ALA B 1 3  ? -6.784  3.302   13.791  1.00 50.53  ? 3  ALA B CA  1 
ATOM   225 C C   . ALA B 1 3  ? -6.170  1.937   13.494  1.00 49.05  ? 3  ALA B C   1 
ATOM   226 O O   . ALA B 1 3  ? -5.561  1.774   12.437  1.00 45.51  ? 3  ALA B O   1 
ATOM   227 C CB  . ALA B 1 3  ? -5.938  4.056   14.804  1.00 53.13  ? 3  ALA B CB  1 
ATOM   228 N N   . ASP B 1 4  ? -6.340  0.957   14.415  1.00 45.43  ? 4  ASP B N   1 
ATOM   229 C CA  . ASP B 1 4  ? -5.833  -0.413  14.261  1.00 42.65  ? 4  ASP B CA  1 
ATOM   230 C C   . ASP B 1 4  ? -6.409  -1.056  12.994  1.00 38.67  ? 4  ASP B C   1 
ATOM   231 O O   . ASP B 1 4  ? -5.659  -1.680  12.242  1.00 34.04  ? 4  ASP B O   1 
ATOM   232 C CB  . ASP B 1 4  ? -6.150  -1.270  15.507  1.00 47.31  ? 4  ASP B CB  1 
ATOM   233 C CG  . ASP B 1 4  ? -5.441  -2.616  15.569  1.00 62.27  ? 4  ASP B CG  1 
ATOM   234 O OD1 . ASP B 1 4  ? -4.350  -2.748  14.963  1.00 62.09  ? 4  ASP B OD1 1 
ATOM   235 O OD2 . ASP B 1 4  ? -5.948  -3.520  16.271  1.00 71.86  ? 4  ASP B OD2 1 
ATOM   236 N N   . GLU B 1 5  ? -7.706  -0.845  12.718  1.00 35.17  ? 5  GLU B N   1 
ATOM   237 C CA  . GLU B 1 5  ? -8.356  -1.390  11.517  1.00 34.60  ? 5  GLU B CA  1 
ATOM   238 C C   . GLU B 1 5  ? -7.815  -0.708  10.255  1.00 35.51  ? 5  GLU B C   1 
ATOM   239 O O   . GLU B 1 5  ? -7.547  -1.383  9.272   1.00 33.23  ? 5  GLU B O   1 
ATOM   240 C CB  . GLU B 1 5  ? -9.886  -1.250  11.584  1.00 38.47  ? 5  GLU B CB  1 
ATOM   241 C CG  . GLU B 1 5  ? -10.570 -1.597  10.263  1.00 53.44  ? 5  GLU B CG  1 
ATOM   242 C CD  . GLU B 1 5  ? -11.385 -0.513  9.578   1.00 84.82  ? 5  GLU B CD  1 
ATOM   243 O OE1 . GLU B 1 5  ? -11.318 0.663   10.004  1.00 88.79  ? 5  GLU B OE1 1 
ATOM   244 O OE2 . GLU B 1 5  ? -12.081 -0.843  8.590   1.00 81.93  ? 5  GLU B OE2 1 
HETATM 245 C C   . 3EG B 1 6  ? -5.738  0.872   8.791   1.00 30.39  ? 6  3EG B C   1 
HETATM 246 N N   . 3EG B 1 6  ? -7.665  0.629   10.283  1.00 32.54  ? 6  3EG B N   1 
HETATM 247 O O   . 3EG B 1 6  ? -5.411  0.630   7.629   1.00 28.86  ? 6  3EG B O   1 
HETATM 248 C CA  . 3EG B 1 6  ? -7.141  1.376   9.147   1.00 31.43  ? 6  3EG B CA  1 
HETATM 249 C CB  . 3EG B 1 6  ? -7.052  2.843   9.587   1.00 38.98  ? 6  3EG B CB  1 
HETATM 250 F FAC . 3EG B 1 6  ? -7.044  5.014   8.778   1.00 51.52  ? 6  3EG B FAC 1 
HETATM 251 F FAD . 3EG B 1 6  ? -5.526  3.633   7.984   1.00 44.98  ? 6  3EG B FAD 1 
HETATM 252 F FAE . 3EG B 1 6  ? -7.647  3.409   7.419   1.00 49.53  ? 6  3EG B FAE 1 
HETATM 253 C CG  . 3EG B 1 6  ? -6.803  3.753   8.391   1.00 46.86  ? 6  3EG B CG  1 
ATOM   254 N N   . TYR B 1 7  ? -4.904  0.719   9.798   1.00 26.35  ? 7  TYR B N   1 
ATOM   255 C CA  . TYR B 1 7  ? -3.537  0.245   9.609   1.00 23.95  ? 7  TYR B CA  1 
ATOM   256 C C   . TYR B 1 7  ? -3.504  -1.170  8.984   1.00 25.98  ? 7  TYR B C   1 
ATOM   257 O O   . TYR B 1 7  ? -2.838  -1.377  7.977   1.00 23.81  ? 7  TYR B O   1 
ATOM   258 C CB  . TYR B 1 7  ? -2.849  0.278   10.962  1.00 27.25  ? 7  TYR B CB  1 
ATOM   259 C CG  . TYR B 1 7  ? -1.417  -0.189  10.947  1.00 32.43  ? 7  TYR B CG  1 
ATOM   260 C CD1 . TYR B 1 7  ? -0.386  0.678   10.591  1.00 36.02  ? 7  TYR B CD1 1 
ATOM   261 C CD2 . TYR B 1 7  ? -1.076  -1.454  11.410  1.00 35.91  ? 7  TYR B CD2 1 
ATOM   262 C CE1 . TYR B 1 7  ? 0.949   0.281   10.659  1.00 38.63  ? 7  TYR B CE1 1 
ATOM   263 C CE2 . TYR B 1 7  ? 0.260   -1.855  11.509  1.00 38.74  ? 7  TYR B CE2 1 
ATOM   264 C CZ  . TYR B 1 7  ? 1.265   -0.987  11.114  1.00 48.82  ? 7  TYR B CZ  1 
ATOM   265 O OH  . TYR B 1 7  ? 2.571   -1.395  11.168  1.00 55.23  ? 7  TYR B OH  1 
ATOM   266 N N   . LYS B 1 8  ? -4.307  -2.097  9.510   1.00 23.69  ? 8  LYS B N   1 
ATOM   267 C CA  . LYS B 1 8  ? -4.357  -3.472  8.973   1.00 21.59  ? 8  LYS B CA  1 
ATOM   268 C C   . LYS B 1 8  ? -4.866  -3.492  7.539   1.00 26.29  ? 8  LYS B C   1 
ATOM   269 O O   . LYS B 1 8  ? -4.299  -4.166  6.673   1.00 24.99  ? 8  LYS B O   1 
ATOM   270 C CB  . LYS B 1 8  ? -5.266  -4.332  9.841   1.00 25.11  ? 8  LYS B CB  1 
ATOM   271 C CG  . LYS B 1 8  ? -4.647  -4.662  11.192  1.00 28.18  ? 8  LYS B CG  1 
ATOM   272 C CD  . LYS B 1 8  ? -5.672  -5.466  12.013  1.00 35.40  ? 8  LYS B CD  1 
ATOM   273 C CE  . LYS B 1 8  ? -5.260  -5.638  13.452  1.00 55.37  ? 8  LYS B CE  1 
ATOM   274 N NZ  . LYS B 1 8  ? -4.062  -6.510  13.596  1.00 74.30  ? 8  LYS B NZ  1 
ATOM   275 N N   . GLU B 1 9  ? -5.906  -2.714  7.271   1.00 25.18  ? 9  GLU B N   1 
ATOM   276 C CA  . GLU B 1 9  ? -6.487  -2.666  5.924   1.00 26.49  ? 9  GLU B CA  1 
ATOM   277 C C   . GLU B 1 9  ? -5.480  -2.085  4.931   1.00 30.71  ? 9  GLU B C   1 
ATOM   278 O O   . GLU B 1 9  ? -5.371  -2.613  3.827   1.00 30.64  ? 9  GLU B O   1 
ATOM   279 C CB  . GLU B 1 9  ? -7.828  -1.918  5.918   1.00 29.42  ? 9  GLU B CB  1 
ATOM   280 C CG  . GLU B 1 9  ? -8.623  -2.046  4.622   1.00 37.44  ? 9  GLU B CG  1 
ATOM   281 C CD  . GLU B 1 9  ? -9.174  -3.399  4.192   1.00 36.37  ? 9  GLU B CD  1 
ATOM   282 O OE1 . GLU B 1 9  ? -8.809  -4.436  4.788   1.00 40.46  ? 9  GLU B OE1 1 
ATOM   283 O OE2 . GLU B 1 9  ? -9.942  -3.423  3.203   1.00 41.30  ? 9  GLU B OE2 1 
HETATM 284 C C   . 6FL B 1 10 ? -2.567  -1.488  4.210   1.00 28.38  ? 10 6FL B C   1 
HETATM 285 N N   . 6FL B 1 10 ? -4.687  -1.084  5.352   1.00 25.66  ? 10 6FL B N   1 
HETATM 286 O O   . 6FL B 1 10 ? -2.178  -1.658  3.058   1.00 29.64  ? 10 6FL B O   1 
HETATM 287 C CA  . 6FL B 1 10 ? -3.685  -0.475  4.472   1.00 25.53  ? 10 6FL B CA  1 
HETATM 288 C CB  . 6FL B 1 10 ? -3.108  0.783   5.069   1.00 26.23  ? 10 6FL B CB  1 
HETATM 289 C CG  . 6FL B 1 10 ? -4.157  1.929   5.197   1.00 34.00  ? 10 6FL B CG  1 
HETATM 290 F FAC . 6FL B 1 10 ? -2.702  3.544   4.422   1.00 41.06  ? 10 6FL B FAC 1 
HETATM 291 F FAD . 6FL B 1 10 ? -4.202  4.205   5.792   1.00 42.16  ? 10 6FL B FAD 1 
HETATM 292 F FAE . 6FL B 1 10 ? -2.547  2.988   6.568   1.00 38.86  ? 10 6FL B FAE 1 
HETATM 293 F FAF . 6FL B 1 10 ? -5.891  3.213   4.163   1.00 43.01  ? 10 6FL B FAF 1 
HETATM 294 F FAG . 6FL B 1 10 ? -4.504  2.252   2.870   1.00 41.38  ? 10 6FL B FAG 1 
HETATM 295 F FAH . 6FL B 1 10 ? -5.965  1.096   3.804   1.00 36.39  ? 10 6FL B FAH 1 
HETATM 296 C CD1 . 6FL B 1 10 ? -3.381  3.206   5.513   1.00 39.95  ? 10 6FL B CD1 1 
HETATM 297 C CD2 . 6FL B 1 10 ? -5.150  2.119   3.995   1.00 38.38  ? 10 6FL B CD2 1 
ATOM   298 N N   . GLU B 1 11 ? -2.101  -2.202  5.260   1.00 23.41  ? 11 GLU B N   1 
ATOM   299 C CA  . GLU B 1 11 ? -1.082  -3.248  5.116   1.00 23.54  ? 11 GLU B CA  1 
ATOM   300 C C   . GLU B 1 11 ? -1.579  -4.277  4.064   1.00 26.38  ? 11 GLU B C   1 
ATOM   301 O O   . GLU B 1 11 ? -0.833  -4.657  3.160   1.00 25.66  ? 11 GLU B O   1 
ATOM   302 C CB  . GLU B 1 11 ? -0.877  -3.955  6.485   1.00 26.89  ? 11 GLU B CB  1 
ATOM   303 C CG  . GLU B 1 11 ? 0.038   -5.159  6.527   1.00 42.26  ? 11 GLU B CG  1 
ATOM   304 C CD  . GLU B 1 11 ? 0.378   -5.594  7.945   1.00 64.05  ? 11 GLU B CD  1 
ATOM   305 O OE1 . GLU B 1 11 ? -0.538  -5.654  8.802   1.00 41.65  ? 11 GLU B OE1 1 
ATOM   306 O OE2 . GLU B 1 11 ? 1.575   -5.849  8.203   1.00 62.16  ? 11 GLU B OE2 1 
ATOM   307 N N   . ASP B 1 12 ? -2.841  -4.685  4.175   1.00 23.01  ? 12 ASP B N   1 
ATOM   308 C CA  . ASP B 1 12 ? -3.393  -5.709  3.296   1.00 22.73  ? 12 ASP B CA  1 
ATOM   309 C C   . ASP B 1 12 ? -3.507  -5.256  1.867   1.00 25.70  ? 12 ASP B C   1 
ATOM   310 O O   . ASP B 1 12 ? -3.116  -6.022  0.963   1.00 26.50  ? 12 ASP B O   1 
ATOM   311 C CB  . ASP B 1 12 ? -4.718  -6.234  3.841   1.00 25.59  ? 12 ASP B CB  1 
ATOM   312 C CG  . ASP B 1 12 ? -4.547  -7.016  5.143   1.00 31.54  ? 12 ASP B CG  1 
ATOM   313 O OD1 . ASP B 1 12 ? -3.372  -7.202  5.594   1.00 32.82  ? 12 ASP B OD1 1 
ATOM   314 O OD2 . ASP B 1 12 ? -5.559  -7.366  5.748   1.00 37.36  ? 12 ASP B OD2 1 
HETATM 315 C C   . 3EG B 1 13 ? -2.735  -3.247  -0.312  1.00 28.71  ? 13 3EG B C   1 
HETATM 316 N N   . 3EG B 1 13 ? -4.008  -4.009  1.646   1.00 24.86  ? 13 3EG B N   1 
HETATM 317 O O   . 3EG B 1 13 ? -2.568  -3.478  -1.519  1.00 29.06  ? 13 3EG B O   1 
HETATM 318 C CA  . 3EG B 1 13 ? -4.121  -3.476  0.294   1.00 25.61  ? 13 3EG B CA  1 
HETATM 319 C CB  . 3EG B 1 13 ? -4.950  -2.194  0.301   1.00 31.12  ? 13 3EG B CB  1 
HETATM 320 F FAC . 3EG B 1 13 ? -6.755  -3.446  -0.734  1.00 37.32  ? 13 3EG B FAC 1 
HETATM 321 F FAD . 3EG B 1 13 ? -6.798  -3.093  1.443   1.00 34.78  ? 13 3EG B FAD 1 
HETATM 322 F FAE . 3EG B 1 13 ? -7.182  -1.510  0.025   1.00 39.87  ? 13 3EG B FAE 1 
HETATM 323 C CG  . 3EG B 1 13 ? -6.448  -2.576  0.256   1.00 36.29  ? 13 3EG B CG  1 
ATOM   324 N N   . GLN B 1 14 ? -1.734  -2.811  0.517   1.00 24.56  ? 14 GLN B N   1 
ATOM   325 C CA  A GLN B 1 14 ? -0.383  -2.609  -0.002  0.50 24.65  ? 14 GLN B CA  1 
ATOM   326 C CA  B GLN B 1 14 ? -0.384  -2.615  -0.018  0.50 24.77  ? 14 GLN B CA  1 
ATOM   327 C C   . GLN B 1 14 ? 0.128   -3.961  -0.517  1.00 27.10  ? 14 GLN B C   1 
ATOM   328 O O   . GLN B 1 14 ? 0.701   -4.038  -1.606  1.00 26.86  ? 14 GLN B O   1 
ATOM   329 C CB  A GLN B 1 14 ? 0.553   -2.094  1.093   0.50 25.51  ? 14 GLN B CB  1 
ATOM   330 C CB  B GLN B 1 14 ? 0.575   -2.060  1.038   0.50 25.77  ? 14 GLN B CB  1 
ATOM   331 C CG  A GLN B 1 14 ? 1.679   -1.257  0.541   0.50 27.01  ? 14 GLN B CG  1 
ATOM   332 C CG  B GLN B 1 14 ? 0.459   -0.559  1.206   0.50 32.04  ? 14 GLN B CG  1 
ATOM   333 C CD  A GLN B 1 14 ? 2.660   -0.883  1.609   0.50 38.44  ? 14 GLN B CD  1 
ATOM   334 C CD  B GLN B 1 14 ? 1.470   -0.030  2.177   0.50 46.25  ? 14 GLN B CD  1 
ATOM   335 O OE1 A GLN B 1 14 ? 2.375   -0.058  2.484   0.50 27.92  ? 14 GLN B OE1 1 
ATOM   336 O OE1 B GLN B 1 14 ? 2.684   -0.190  2.017   0.50 44.23  ? 14 GLN B OE1 1 
ATOM   337 N NE2 A GLN B 1 14 ? 3.829   -1.514  1.579   0.50 34.27  ? 14 GLN B NE2 1 
ATOM   338 N NE2 B GLN B 1 14 ? 0.986   0.689   3.158   0.50 38.43  ? 14 GLN B NE2 1 
ATOM   339 N N   . GLU B 1 15 ? -0.104  -5.033  0.267   1.00 23.92  ? 15 GLU B N   1 
ATOM   340 C CA  . GLU B 1 15 ? 0.343   -6.370  -0.099  1.00 24.53  ? 15 GLU B CA  1 
ATOM   341 C C   . GLU B 1 15 ? -0.351  -6.883  -1.359  1.00 28.45  ? 15 GLU B C   1 
ATOM   342 O O   . GLU B 1 15 ? 0.306   -7.457  -2.231  1.00 29.78  ? 15 GLU B O   1 
ATOM   343 C CB  . GLU B 1 15 ? 0.187   -7.351  1.076   1.00 26.26  ? 15 GLU B CB  1 
ATOM   344 C CG  . GLU B 1 15 ? 0.713   -8.753  0.804   1.00 35.37  ? 15 GLU B CG  1 
ATOM   345 C CD  . GLU B 1 15 ? 2.199   -8.940  0.531   1.00 45.51  ? 15 GLU B CD  1 
ATOM   346 O OE1 . GLU B 1 15 ? 2.977   -7.969  0.667   1.00 41.33  ? 15 GLU B OE1 1 
ATOM   347 O OE2 . GLU B 1 15 ? 2.580   -10.068 0.152   1.00 52.96  ? 15 GLU B OE2 1 
ATOM   348 N N   . ARG B 1 16 ? -1.654  -6.604  -1.502  1.00 27.49  ? 16 ARG B N   1 
ATOM   349 C CA  . ARG B 1 16 ? -2.416  -7.019  -2.679  1.00 29.73  ? 16 ARG B CA  1 
ATOM   350 C C   . ARG B 1 16 ? -1.836  -6.299  -3.900  1.00 33.26  ? 16 ARG B C   1 
ATOM   351 O O   . ARG B 1 16 ? -1.649  -6.901  -4.946  1.00 34.44  ? 16 ARG B O   1 
ATOM   352 C CB  . ARG B 1 16 ? -3.911  -6.711  -2.461  1.00 34.27  ? 16 ARG B CB  1 
ATOM   353 C CG  . ARG B 1 16 ? -4.858  -7.302  -3.501  1.00 52.27  ? 16 ARG B CG  1 
ATOM   354 C CD  . ARG B 1 16 ? -5.170  -8.764  -3.258  1.00 66.41  ? 16 ARG B CD  1 
ATOM   355 N NE  . ARG B 1 16 ? -4.231  -9.646  -3.955  1.00 76.91  ? 16 ARG B NE  1 
ATOM   356 C CZ  . ARG B 1 16 ? -4.386  -10.960 -4.081  1.00 95.14  ? 16 ARG B CZ  1 
ATOM   357 N NH1 . ARG B 1 16 ? -5.452  -11.563 -3.568  1.00 86.82  ? 16 ARG B NH1 1 
ATOM   358 N NH2 . ARG B 1 16 ? -3.480  -11.681 -4.726  1.00 83.22  ? 16 ARG B NH2 1 
HETATM 359 C C   . 6FL B 1 17 ? 0.517   -4.822  -5.187  1.00 39.01  ? 17 6FL B C   1 
HETATM 360 N N   . 6FL B 1 17 ? -1.476  -5.018  -3.740  1.00 29.87  ? 17 6FL B N   1 
HETATM 361 O O   . 6FL B 1 17 ? 0.817   -4.910  -6.380  1.00 41.28  ? 17 6FL B O   1 
HETATM 362 C CA  . 6FL B 1 17 ? -0.853  -4.272  -4.809  1.00 32.15  ? 17 6FL B CA  1 
HETATM 363 C CB  . 6FL B 1 17 ? -0.757  -2.854  -4.265  1.00 34.34  ? 17 6FL B CB  1 
HETATM 364 C CG  . 6FL B 1 17 ? -1.155  -1.803  -5.255  1.00 37.71  ? 17 6FL B CG  1 
HETATM 365 F FAC . 6FL B 1 17 ? -3.115  -1.187  -6.376  1.00 42.58  ? 17 6FL B FAC 1 
HETATM 366 F FAD . 6FL B 1 17 ? -1.431  -1.941  -7.474  1.00 53.34  ? 17 6FL B FAD 1 
HETATM 367 F FAE . 6FL B 1 17 ? -2.732  -3.242  -6.423  1.00 48.53  ? 17 6FL B FAE 1 
HETATM 368 F FAF . 6FL B 1 17 ? -2.234  0.155   -4.462  1.00 35.42  ? 17 6FL B FAF 1 
HETATM 369 F FAG . 6FL B 1 17 ? -0.312  -0.360  -3.653  1.00 34.15  ? 17 6FL B FAG 1 
HETATM 370 F FAH . 6FL B 1 17 ? -0.357  0.253   -5.682  1.00 42.82  ? 17 6FL B FAH 1 
HETATM 371 C CD1 . 6FL B 1 17 ? -2.146  -2.066  -6.391  1.00 44.72  ? 17 6FL B CD1 1 
HETATM 372 C CD2 . 6FL B 1 17 ? -1.033  -0.373  -4.742  1.00 35.75  ? 17 6FL B CD2 1 
ATOM   373 N N   . ARG B 1 18 ? 1.327   -5.198  -4.159  1.00 33.68  ? 18 ARG B N   1 
ATOM   374 C CA  A ARG B 1 18 ? 2.666   -5.743  -4.328  0.50 34.92  ? 18 ARG B CA  1 
ATOM   375 C CA  B ARG B 1 18 ? 2.665   -5.767  -4.286  0.50 34.94  ? 18 ARG B CA  1 
ATOM   376 C C   . ARG B 1 18 ? 2.591   -7.017  -5.162  1.00 39.13  ? 18 ARG B C   1 
ATOM   377 O O   . ARG B 1 18 ? 3.362   -7.148  -6.112  1.00 41.19  ? 18 ARG B O   1 
ATOM   378 C CB  A ARG B 1 18 ? 3.323   -5.996  -2.961  0.50 37.15  ? 18 ARG B CB  1 
ATOM   379 C CB  B ARG B 1 18 ? 3.184   -6.141  -2.887  0.50 37.40  ? 18 ARG B CB  1 
ATOM   380 C CG  A ARG B 1 18 ? 4.758   -6.497  -3.035  0.50 45.36  ? 18 ARG B CG  1 
ATOM   381 C CG  B ARG B 1 18 ? 4.639   -5.825  -2.625  0.50 46.77  ? 18 ARG B CG  1 
ATOM   382 C CD  A ARG B 1 18 ? 5.132   -7.156  -1.734  0.50 50.62  ? 18 ARG B CD  1 
ATOM   383 C CD  B ARG B 1 18 ? 4.909   -5.983  -1.144  0.50 48.03  ? 18 ARG B CD  1 
ATOM   384 N NE  A ARG B 1 18 ? 6.221   -8.116  -1.905  0.50 65.97  ? 18 ARG B NE  1 
ATOM   385 N NE  B ARG B 1 18 ? 4.882   -4.700  -0.441  0.50 48.93  ? 18 ARG B NE  1 
ATOM   386 C CZ  A ARG B 1 18 ? 6.055   -9.420  -2.089  0.50 78.27  ? 18 ARG B CZ  1 
ATOM   387 C CZ  B ARG B 1 18 ? 4.235   -4.461  0.696   0.50 54.02  ? 18 ARG B CZ  1 
ATOM   388 N NH1 A ARG B 1 18 ? 4.836   -9.942  -2.135  0.50 61.64  ? 18 ARG B NH1 1 
ATOM   389 N NH1 B ARG B 1 18 ? 3.532   -5.421  1.284   0.50 28.68  ? 18 ARG B NH1 1 
ATOM   390 N NH2 A ARG B 1 18 ? 7.105   -10.212 -2.229  0.50 71.84  ? 18 ARG B NH2 1 
ATOM   391 N NH2 B ARG B 1 18 ? 4.282   -3.260  1.252   0.50 50.16  ? 18 ARG B NH2 1 
ATOM   392 N N   . LYS B 1 19 ? 1.611   -7.920  -4.851  1.00 32.62  ? 19 LYS B N   1 
ATOM   393 C CA  . LYS B 1 19 ? 1.385   -9.187  -5.567  1.00 34.24  ? 19 LYS B CA  1 
ATOM   394 C C   . LYS B 1 19 ? 0.899   -8.923  -6.970  1.00 40.85  ? 19 LYS B C   1 
ATOM   395 O O   . LYS B 1 19 ? 1.325   -9.616  -7.886  1.00 42.01  ? 19 LYS B O   1 
ATOM   396 C CB  . LYS B 1 19 ? 0.376   -10.107 -4.844  1.00 35.24  ? 19 LYS B CB  1 
ATOM   397 C CG  . LYS B 1 19 ? 0.824   -10.567 -3.465  1.00 40.14  ? 19 LYS B CG  1 
ATOM   398 C CD  . LYS B 1 19 ? -0.188  -11.501 -2.840  1.00 50.40  ? 19 LYS B CD  1 
ATOM   399 C CE  . LYS B 1 19 ? 0.130   -11.789 -1.396  1.00 63.25  ? 19 LYS B CE  1 
ATOM   400 N NZ  . LYS B 1 19 ? -0.994  -12.489 -0.720  1.00 74.06  ? 19 LYS B NZ  1 
HETATM 401 C C   . 3EG B 1 20 ? 0.733   -7.090  -9.343  1.00 47.28  ? 20 3EG B C   1 
HETATM 402 N N   . 3EG B 1 20 ? 0.004   -7.931  -7.152  1.00 36.98  ? 20 3EG B N   1 
HETATM 403 O O   . 3EG B 1 20 ? 0.835   -7.445  -10.518 1.00 49.97  ? 20 3EG B O   1 
HETATM 404 C CA  . 3EG B 1 20 ? -0.464  -7.594  -8.501  1.00 40.78  ? 20 3EG B CA  1 
HETATM 405 C CB  . 3EG B 1 20 ? -1.513  -6.472  -8.439  1.00 44.17  ? 20 3EG B CB  1 
HETATM 406 F FAC . 3EG B 1 20 ? -3.790  -5.993  -8.707  1.00 55.46  ? 20 3EG B FAC 1 
HETATM 407 F FAD . 3EG B 1 20 ? -3.125  -7.881  -9.504  1.00 54.80  ? 20 3EG B FAD 1 
HETATM 408 F FAE . 3EG B 1 20 ? -3.237  -7.607  -7.342  1.00 48.73  ? 20 3EG B FAE 1 
HETATM 409 C CG  . 3EG B 1 20 ? -2.956  -7.011  -8.505  1.00 51.86  ? 20 3EG B CG  1 
ATOM   410 N N   . ARG B 1 21 ? 1.639   -6.276  -8.728  1.00 42.92  ? 21 ARG B N   1 
ATOM   411 C CA  . ARG B 1 21 ? 2.832   -5.727  -9.388  1.00 44.35  ? 21 ARG B CA  1 
ATOM   412 C C   . ARG B 1 21 ? 3.819   -6.827  -9.775  1.00 51.75  ? 21 ARG B C   1 
ATOM   413 O O   . ARG B 1 21 ? 4.280   -6.862  -10.920 1.00 54.87  ? 21 ARG B O   1 
ATOM   414 C CB  . ARG B 1 21 ? 3.492   -4.646  -8.518  1.00 41.88  ? 21 ARG B CB  1 
ATOM   415 C CG  . ARG B 1 21 ? 2.700   -3.329  -8.501  1.00 47.52  ? 21 ARG B CG  1 
ATOM   416 C CD  . ARG B 1 21 ? 3.383   -2.255  -7.677  1.00 53.17  ? 21 ARG B CD  1 
ATOM   417 N NE  . ARG B 1 21 ? 4.636   -1.828  -8.302  1.00 56.64  ? 21 ARG B NE  1 
ATOM   418 C CZ  . ARG B 1 21 ? 5.804   -1.754  -7.671  1.00 76.71  ? 21 ARG B CZ  1 
ATOM   419 N NH1 . ARG B 1 21 ? 5.888   -2.048  -6.378  1.00 65.77  ? 21 ARG B NH1 1 
ATOM   420 N NH2 . ARG B 1 21 ? 6.890   -1.364  -8.323  1.00 67.97  ? 21 ARG B NH2 1 
ATOM   421 N N   . LYS B 1 22 ? 4.093   -7.760  -8.836  1.00 47.83  ? 22 LYS B N   1 
ATOM   422 C CA  . LYS B 1 22 ? 4.958   -8.925  -9.039  1.00 50.61  ? 22 LYS B CA  1 
ATOM   423 C C   . LYS B 1 22 ? 4.415   -9.792  -10.181 1.00 57.18  ? 22 LYS B C   1 
ATOM   424 O O   . LYS B 1 22 ? 5.205   -10.260 -11.005 1.00 61.09  ? 22 LYS B O   1 
ATOM   425 C CB  . LYS B 1 22 ? 5.068   -9.740  -7.744  1.00 52.72  ? 22 LYS B CB  1 
ATOM   426 N N   . LYS B 1 23 ? 3.071   -9.961  -10.258 1.00 52.23  ? 23 LYS B N   1 
ATOM   427 C CA  . LYS B 1 23 ? 2.409   -10.729 -11.329 1.00 56.09  ? 23 LYS B CA  1 
ATOM   428 C C   . LYS B 1 23 ? 2.589   -10.023 -12.683 1.00 62.67  ? 23 LYS B C   1 
ATOM   429 O O   . LYS B 1 23 ? 2.861   -10.693 -13.678 1.00 65.10  ? 23 LYS B O   1 
ATOM   430 C CB  . LYS B 1 23 ? 0.921   -10.954 -11.005 1.00 57.74  ? 23 LYS B CB  1 
ATOM   431 C CG  . LYS B 1 23 ? 0.190   -11.921 -11.922 1.00 76.69  ? 23 LYS B CG  1 
ATOM   432 C CD  . LYS B 1 23 ? -1.232  -12.137 -11.432 1.00 88.50  ? 23 LYS B CD  1 
ATOM   433 C CE  . LYS B 1 23 ? -1.987  -13.137 -12.267 1.00 108.69 ? 23 LYS B CE  1 
ATOM   434 N NZ  . LYS B 1 23 ? -3.387  -13.298 -11.790 1.00 119.58 ? 23 LYS B NZ  1 
HETATM 435 C C   . 6FL B 1 24 ? 4.123   -7.957  -14.426 1.00 65.57  ? 24 6FL B C   1 
HETATM 436 N N   . 6FL B 1 24 ? 2.476   -8.676  -12.718 1.00 58.23  ? 24 6FL B N   1 
HETATM 437 O O   . 6FL B 1 24 ? 4.378   -8.015  -15.632 1.00 69.37  ? 24 6FL B O   1 
HETATM 438 C CA  . 6FL B 1 24 ? 2.660   -7.904  -13.958 1.00 60.83  ? 24 6FL B CA  1 
HETATM 439 C CB  . 6FL B 1 24 ? 2.231   -6.425  -13.796 1.00 58.78  ? 24 6FL B CB  1 
HETATM 440 C CG  . 6FL B 1 24 ? 0.726   -6.250  -13.496 1.00 60.32  ? 24 6FL B CG  1 
HETATM 441 F FAC . 6FL B 1 24 ? 1.294   -4.262  -12.380 1.00 62.07  ? 24 6FL B FAC 1 
HETATM 442 F FAD . 6FL B 1 24 ? 0.369   -4.076  -14.308 1.00 64.93  ? 24 6FL B FAD 1 
HETATM 443 F FAE . 6FL B 1 24 ? -0.817  -4.666  -12.622 1.00 63.07  ? 24 6FL B FAE 1 
HETATM 444 F FAF . 6FL B 1 24 ? 0.206   -6.253  -15.783 1.00 68.75  ? 24 6FL B FAF 1 
HETATM 445 F FAG . 6FL B 1 24 ? -0.080  -8.106  -14.667 1.00 63.37  ? 24 6FL B FAG 1 
HETATM 446 F FAH . 6FL B 1 24 ? -1.429  -6.444  -14.393 1.00 65.48  ? 24 6FL B FAH 1 
HETATM 447 C CD1 . 6FL B 1 24 ? 0.381   -4.777  -13.192 1.00 62.44  ? 24 6FL B CD1 1 
HETATM 448 C CD2 . 6FL B 1 24 ? -0.164  -6.782  -14.623 1.00 64.42  ? 24 6FL B CD2 1 
ATOM   449 N N   . ARG B 1 25 ? 5.071   -7.966  -13.466 0.50 58.68  ? 25 ARG B N   1 
ATOM   450 C CA  . ARG B 1 25 ? 6.514   -8.022  -13.707 0.50 78.94  ? 25 ARG B CA  1 
ATOM   451 C C   . ARG B 1 25 ? 6.906   -9.401  -14.239 0.50 100.41 ? 25 ARG B C   1 
ATOM   452 O O   . ARG B 1 25 ? 7.815   -9.510  -15.057 0.50 64.39  ? 25 ARG B O   1 
ATOM   453 C CB  . ARG B 1 25 ? 7.273   -7.714  -12.405 0.50 75.66  ? 25 ARG B CB  1 
ATOM   454 C CG  . ARG B 1 25 ? 8.728   -7.301  -12.606 0.50 87.94  ? 25 ARG B CG  1 
ATOM   455 C CD  . ARG B 1 25 ? 9.450   -7.098  -11.286 0.50 93.89  ? 25 ARG B CD  1 
ATOM   456 N NE  . ARG B 1 25 ? 9.060   -5.853  -10.622 0.50 95.52  ? 25 ARG B NE  1 
ATOM   457 C CZ  . ARG B 1 25 ? 9.728   -4.706  -10.718 0.50 109.66 ? 25 ARG B CZ  1 
ATOM   458 N NH1 . ARG B 1 25 ? 10.835  -4.633  -11.449 0.50 101.91 ? 25 ARG B NH1 1 
ATOM   459 N NH2 . ARG B 1 25 ? 9.298   -3.626  -10.081 0.50 91.93  ? 25 ARG B NH2 1 
HETATM 460 O O   . HOH C 2 .  ? 6.797   1.469   -1.552  1.00 35.80  ? 28 HOH A O   1 
HETATM 461 O O   . HOH C 2 .  ? 7.668   -3.718  -2.739  1.00 45.40  ? 29 HOH A O   1 
HETATM 462 O O   . HOH C 2 .  ? 4.274   8.903   13.763  1.00 61.37  ? 30 HOH A O   1 
HETATM 463 O O   . HOH C 2 .  ? 5.791   9.072   5.951   1.00 43.73  ? 31 HOH A O   1 
HETATM 464 O O   . HOH C 2 .  ? 5.250   9.024   -2.377  1.00 41.14  ? 32 HOH A O   1 
HETATM 465 O O   . HOH C 2 .  ? 8.371   3.309   9.623   1.00 36.21  ? 33 HOH A O   1 
HETATM 466 O O   . HOH C 2 .  ? 1.310   9.467   1.328   1.00 33.79  ? 34 HOH A O   1 
HETATM 467 O O   . HOH C 2 .  ? 9.271   8.834   3.863   0.50 59.81  ? 35 HOH A O   1 
HETATM 468 O O   . HOH C 2 .  ? 3.860   5.266   -14.846 1.00 45.99  ? 36 HOH A O   1 
HETATM 469 O O   . HOH C 2 .  ? 5.823   1.775   9.150   1.00 33.69  ? 37 HOH A O   1 
HETATM 470 O O   . HOH D 2 .  ? 1.980   -4.512  3.487   1.00 38.00  ? 28 HOH B O   1 
HETATM 471 O O   . HOH D 2 .  ? -3.672  -11.198 -8.597  1.00 79.44  ? 29 HOH B O   1 
HETATM 472 O O   . HOH D 2 .  ? 6.788   -1.624  1.792   1.00 40.69  ? 30 HOH B O   1 
HETATM 473 O O   . HOH D 2 .  ? -7.703  -6.134  6.395   1.00 43.87  ? 31 HOH B O   1 
HETATM 474 O O   . HOH D 2 .  ? 5.638   -0.424  -0.114  1.00 48.02  ? 32 HOH B O   1 
HETATM 475 O O   . HOH D 2 .  ? 6.833   -5.644  -6.102  1.00 57.20  ? 33 HOH B O   1 
HETATM 476 O O   . HOH D 2 .  ? 6.404   -3.038  -12.002 1.00 53.20  ? 34 HOH B O   1 
HETATM 477 O O   . HOH D 2 .  ? -2.064  -9.204  -18.110 1.00 77.18  ? 35 HOH B O   1 
HETATM 478 O O   . HOH D 2 .  ? 2.306   -7.130  4.639   1.00 64.79  ? 36 HOH B O   1 
# 
loop_
_atom_site_anisotrop.id 
_atom_site_anisotrop.type_symbol 
_atom_site_anisotrop.pdbx_label_atom_id 
_atom_site_anisotrop.pdbx_label_alt_id 
_atom_site_anisotrop.pdbx_label_comp_id 
_atom_site_anisotrop.pdbx_label_asym_id 
_atom_site_anisotrop.pdbx_label_seq_id 
_atom_site_anisotrop.pdbx_PDB_ins_code 
_atom_site_anisotrop.U[1][1] 
_atom_site_anisotrop.U[2][2] 
_atom_site_anisotrop.U[3][3] 
_atom_site_anisotrop.U[1][2] 
_atom_site_anisotrop.U[1][3] 
_atom_site_anisotrop.U[2][3] 
_atom_site_anisotrop.pdbx_auth_seq_id 
_atom_site_anisotrop.pdbx_auth_comp_id 
_atom_site_anisotrop.pdbx_auth_asym_id 
_atom_site_anisotrop.pdbx_auth_atom_id 
1   N N   . GLU A 5  ? 0.8651 1.2919 0.4178 0.2124  0.0939  -0.0940 5  GLU A N   
2   C CA  . GLU A 5  ? 0.8303 1.3028 0.4054 0.1892  0.0907  -0.0290 5  GLU A CA  
3   C C   . GLU A 5  ? 0.8031 1.2269 0.4580 0.1580  0.0692  -0.0035 5  GLU A C   
4   O O   . GLU A 5  ? 0.7352 1.1807 0.4421 0.1457  0.0794  0.0514  5  GLU A O   
5   C CB  . GLU A 5  ? 0.9195 1.4240 0.4153 0.1863  0.0685  -0.0324 5  GLU A CB  
6   C C   . 3EG A 6  ? 0.7222 0.9950 0.5028 0.1211  0.0296  -0.0432 6  3EG A C   
7   N N   . 3EG A 6  ? 0.7709 1.1292 0.4339 0.1455  0.0393  -0.0432 6  3EG A N   
8   O O   . 3EG A 6  ? 0.6680 0.9037 0.4941 0.1023  0.0137  -0.0408 6  3EG A O   
9   C CA  . 3EG A 6  ? 0.7057 1.0242 0.4367 0.1201  0.0209  -0.0260 6  3EG A CA  
10  C CB  . 3EG A 6  ? 0.7554 1.0478 0.4664 0.1015  -0.0185 -0.0502 6  3EG A CB  
11  F FAC . 3EG A 6  ? 0.8504 1.2325 0.4630 0.1115  -0.0268 -0.0287 6  3EG A FAC 
12  F FAD . 3EG A 6  ? 0.7804 1.1124 0.4709 0.0758  -0.0678 -0.0280 6  3EG A FAD 
13  F FAE . 3EG A 6  ? 0.7655 1.1329 0.4980 0.0955  -0.0173 0.0366  6  3EG A FAE 
14  C CG  . 3EG A 6  ? 0.7894 1.1340 0.4751 0.0958  -0.0326 -0.0169 6  3EG A CG  
15  N N   . TYR A 7  ? 0.6907 0.9744 0.4621 0.1457  0.0556  -0.0584 7  TYR A N   
16  C CA  . TYR A 7  ? 0.6550 0.9060 0.4723 0.1522  0.0642  -0.0712 7  TYR A CA  
17  C C   . TYR A 7  ? 0.6120 0.8724 0.5016 0.1338  0.0714  -0.0276 7  TYR A C   
18  O O   . TYR A 7  ? 0.5664 0.7846 0.4943 0.1202  0.0575  -0.0335 7  TYR A O   
19  C CB  . TYR A 7  ? 0.7174 0.9934 0.5111 0.1897  0.0926  -0.0934 7  TYR A CB  
20  N N   . LYS A 8  ? 0.5599 0.8730 0.4651 0.1306  0.0901  0.0170  8  LYS A N   
21  C CA  . LYS A 8  ? 0.5119 0.8267 0.4823 0.1101  0.0932  0.0566  8  LYS A CA  
22  C C   . LYS A 8  ? 0.5206 0.7901 0.5116 0.0881  0.0675  0.0610  8  LYS A C   
23  O O   . LYS A 8  ? 0.4794 0.7226 0.5161 0.0745  0.0623  0.0662  8  LYS A O   
24  C CB  . LYS A 8  ? 0.5636 0.9378 0.5440 0.1071  0.1146  0.1066  8  LYS A CB  
25  N N   . GLU A 9  ? 0.4798 0.7466 0.4358 0.0864  0.0513  0.0577  9  GLU A N   
26  C CA  . GLU A 9  ? 0.4391 0.6766 0.4164 0.0721  0.0296  0.0617  9  GLU A CA  
27  C C   . GLU A 9  ? 0.4145 0.6126 0.4024 0.0650  0.0148  0.0273  9  GLU A C   
28  O O   . GLU A 9  ? 0.3623 0.5403 0.3854 0.0545  0.0080  0.0328  9  GLU A O   
29  C CB  . GLU A 9  ? 0.4886 0.7484 0.4339 0.0732  0.0147  0.0733  9  GLU A CB  
30  C CG  . GLU A 9  ? 0.6560 0.9522 0.5978 0.0774  0.0254  0.1204  9  GLU A CG  
31  C CD  . GLU A 9  ? 0.8408 1.1177 0.8369 0.0696  0.0296  0.1588  9  GLU A CD  
32  O OE1 . GLU A 9  ? 0.7097 0.9483 0.7407 0.0644  0.0187  0.1489  9  GLU A OE1 
33  O OE2 . GLU A 9  ? 0.6893 0.9891 0.6912 0.0684  0.0432  0.1996  9  GLU A OE2 
34  C C   . 6FL A 10 ? 0.3894 0.5185 0.3983 0.0615  0.0049  -0.0278 10 6FL A C   
35  N N   . 6FL A 10 ? 0.4038 0.5886 0.3600 0.0712  0.0097  -0.0072 10 6FL A N   
36  O O   . 6FL A 10 ? 0.3268 0.4354 0.3614 0.0481  -0.0055 -0.0277 10 6FL A O   
37  C CA  . 6FL A 10 ? 0.3796 0.5233 0.3484 0.0610  -0.0061 -0.0320 10 6FL A CA  
38  C CB  . 6FL A 10 ? 0.4567 0.5741 0.3832 0.0657  -0.0193 -0.0699 10 6FL A CB  
39  C CG  . 6FL A 10 ? 0.5664 0.7010 0.4484 0.0602  -0.0372 -0.0778 10 6FL A CG  
40  F FAC . 6FL A 10 ? 0.5242 0.6902 0.4667 0.0359  -0.0503 -0.0311 10 6FL A FAC 
41  F FAD . 6FL A 10 ? 0.6038 0.7607 0.4753 0.0274  -0.0823 -0.0734 10 6FL A FAD 
42  F FAE . 6FL A 10 ? 0.5673 0.6712 0.4983 0.0203  -0.0723 -0.0760 10 6FL A FAE 
43  F FAF . 6FL A 10 ? 0.7286 0.8507 0.5116 0.0638  -0.0656 -0.1321 10 6FL A FAF 
44  F FAG . 6FL A 10 ? 0.6941 0.7944 0.5085 0.0961  -0.0256 -0.1362 10 6FL A FAG 
45  F FAH . 6FL A 10 ? 0.7301 0.7795 0.5793 0.0505  -0.0700 -0.1396 10 6FL A FAH 
46  C CD1 . 6FL A 10 ? 0.5464 0.6861 0.4532 0.0352  -0.0608 -0.0647 10 6FL A CD1 
47  C CD2 . 6FL A 10 ? 0.6896 0.7896 0.5198 0.0677  -0.0498 -0.1232 10 6FL A CD2 
48  N N   . GLU A 11 ? 0.3619 0.5117 0.3769 0.0768  0.0258  -0.0210 11 GLU A N   
49  C CA  . GLU A 11 ? 0.3351 0.4843 0.3928 0.0761  0.0337  -0.0122 11 GLU A CA  
50  C C   . GLU A 11 ? 0.3343 0.4818 0.4258 0.0560  0.0289  0.0108  11 GLU A C   
51  O O   . GLU A 11 ? 0.3004 0.4289 0.4146 0.0460  0.0199  0.0071  11 GLU A O   
52  C CB  . GLU A 11 ? 0.3752 0.5671 0.4408 0.0946  0.0581  -0.0013 11 GLU A CB  
53  C CG  . GLU A 11 ? 0.5061 0.7139 0.6246 0.0891  0.0637  0.0162  11 GLU A CG  
54  C CD  . GLU A 11 ? 0.9451 1.1349 1.0781 0.1021  0.0585  -0.0018 11 GLU A CD  
55  O OE1 . GLU A 11 ? 0.9485 1.1507 1.0697 0.1315  0.0715  -0.0166 11 GLU A OE1 
56  O OE2 . GLU A 11 ? 0.9432 1.1094 1.0997 0.0857  0.0423  0.0005  11 GLU A OE2 
57  N N   . ASP A 12 ? 0.3093 0.4735 0.4005 0.0519  0.0335  0.0337  12 ASP A N   
58  C CA  . ASP A 12 ? 0.3042 0.4537 0.4240 0.0379  0.0277  0.0507  12 ASP A CA  
59  C C   . ASP A 12 ? 0.3037 0.4288 0.4210 0.0330  0.0123  0.0350  12 ASP A C   
60  O O   . ASP A 12 ? 0.2932 0.4009 0.4312 0.0251  0.0076  0.0326  12 ASP A O   
61  C CB  . ASP A 12 ? 0.3611 0.5245 0.4816 0.0377  0.0333  0.0818  12 ASP A CB  
62  C CG  . ASP A 12 ? 0.5306 0.6629 0.6782 0.0285  0.0249  0.0952  12 ASP A CG  
63  O OD1 . ASP A 12 ? 0.5347 0.6465 0.7100 0.0162  0.0221  0.0924  12 ASP A OD1 
64  O OD2 . ASP A 12 ? 0.6575 0.7849 0.7977 0.0355  0.0193  0.1070  12 ASP A OD2 
65  C C   . 3EG A 13 ? 0.2647 0.3710 0.3709 0.0214  -0.0129 0.0016  13 3EG A C   
66  N N   . 3EG A 13 ? 0.2580 0.3877 0.3496 0.0366  0.0037  0.0243  13 3EG A N   
67  O O   . 3EG A 13 ? 0.2314 0.3351 0.3522 0.0160  -0.0152 0.0015  13 3EG A O   
68  C CA  A 3EG A 13 ? 0.2314 0.3543 0.3275 0.0299  -0.0093 0.0155  13 3EG A CA  
69  C CA  B 3EG A 13 ? 0.2413 0.3645 0.3372 0.0300  -0.0094 0.0154  13 3EG A CA  
70  C CB  A 3EG A 13 ? 0.2953 0.4320 0.3670 0.0282  -0.0222 0.0081  13 3EG A CB  
71  C CB  B 3EG A 13 ? 0.3083 0.4445 0.3779 0.0285  -0.0219 0.0072  13 3EG A CB  
72  F FAC A 3EG A 13 ? 0.2950 0.4602 0.3953 0.0358  -0.0272 0.0329  13 3EG A FAC 
73  F FAC B 3EG A 13 ? 0.3469 0.5005 0.4548 0.0270  -0.0274 0.0200  13 3EG A FAC 
74  F FAD A 3EG A 13 ? 0.3594 0.5236 0.4306 0.0438  -0.0139 0.0458  13 3EG A FAD 
75  F FAD B 3EG A 13 ? 0.4028 0.5790 0.4793 0.0376  -0.0302 0.0363  13 3EG A FAD 
76  F FAE A 3EG A 13 ? 0.4229 0.6040 0.4713 0.0313  -0.0397 0.0220  13 3EG A FAE 
77  F FAE B 3EG A 13 ? 0.3398 0.5073 0.4106 0.0146  -0.0482 0.0069  13 3EG A FAE 
78  C CG  A 3EG A 13 ? 0.3558 0.5177 0.4288 0.0348  -0.0255 0.0275  13 3EG A CG  
79  C CG  B 3EG A 13 ? 0.3539 0.5120 0.4354 0.0268  -0.0318 0.0175  13 3EG A CG  
80  N N   . GLN A 14 ? 0.2445 0.3407 0.3410 0.0238  -0.0125 -0.0091 14 GLN A N   
81  C CA  . GLN A 14 ? 0.2449 0.3244 0.3527 0.0180  -0.0179 -0.0157 14 GLN A CA  
82  C C   . GLN A 14 ? 0.2699 0.3542 0.4019 0.0146  -0.0129 -0.0066 14 GLN A C   
83  O O   . GLN A 14 ? 0.2519 0.3332 0.3905 0.0052  -0.0198 -0.0069 14 GLN A O   
84  C CB  . GLN A 14 ? 0.2881 0.3517 0.3845 0.0297  -0.0176 -0.0283 14 GLN A CB  
85  C CG  . GLN A 14 ? 0.4130 0.4535 0.5222 0.0247  -0.0278 -0.0296 14 GLN A CG  
86  C CD  . GLN A 14 ? 0.5376 0.5519 0.6387 0.0424  -0.0290 -0.0437 14 GLN A CD  
87  O OE1 . GLN A 14 ? 0.4555 0.4513 0.5281 0.0507  -0.0319 -0.0629 14 GLN A OE1 
88  N NE2 . GLN A 14 ? 0.4686 0.4791 0.5932 0.0501  -0.0294 -0.0360 14 GLN A NE2 
89  N N   . GLU A 15 ? 0.2448 0.3407 0.3886 0.0194  -0.0023 0.0031  15 GLU A N   
90  C CA  . GLU A 15 ? 0.2273 0.3260 0.3959 0.0103  -0.0026 0.0111  15 GLU A CA  
91  C C   . GLU A 15 ? 0.2562 0.3404 0.4241 0.0027  -0.0085 0.0074  15 GLU A C   
92  O O   . GLU A 15 ? 0.2732 0.3520 0.4466 -0.0061 -0.0161 0.0011  15 GLU A O   
93  C CB  . GLU A 15 ? 0.2535 0.3720 0.4398 0.0118  0.0089  0.0283  15 GLU A CB  
94  C CG  . GLU A 15 ? 0.3491 0.4717 0.5674 -0.0046 0.0039  0.0386  15 GLU A CG  
95  C CD  . GLU A 15 ? 0.6195 0.7538 0.8543 -0.0092 -0.0054 0.0342  15 GLU A CD  
96  O OE1 . GLU A 15 ? 0.4259 0.5705 0.6566 0.0057  -0.0027 0.0301  15 GLU A OE1 
97  O OE2 . GLU A 15 ? 0.4926 0.6234 0.7436 -0.0272 -0.0180 0.0349  15 GLU A OE2 
98  N N   . ARG A 16 ? 0.2232 0.3040 0.3818 0.0093  -0.0058 0.0098  16 ARG A N   
99  C CA  . ARG A 16 ? 0.2389 0.3062 0.3985 0.0113  -0.0088 0.0037  16 ARG A CA  
100 C C   . ARG A 16 ? 0.2768 0.3542 0.4260 0.0097  -0.0129 -0.0097 16 ARG A C   
101 O O   . ARG A 16 ? 0.2736 0.3436 0.4201 0.0101  -0.0146 -0.0212 16 ARG A O   
102 C CB  . ARG A 16 ? 0.2877 0.3542 0.4471 0.0236  -0.0054 0.0149  16 ARG A CB  
103 C CG  . ARG A 16 ? 0.3254 0.3776 0.4982 0.0210  -0.0021 0.0344  16 ARG A CG  
104 C CD  . ARG A 16 ? 0.4207 0.4750 0.5921 0.0337  -0.0003 0.0540  16 ARG A CD  
105 N NE  . ARG A 16 ? 0.4908 0.5213 0.6704 0.0473  -0.0042 0.0476  16 ARG A NE  
106 C CZ  . ARG A 16 ? 0.5750 0.6035 0.7604 0.0644  -0.0053 0.0654  16 ARG A CZ  
107 N NH1 . ARG A 16 ? 0.4449 0.4968 0.6241 0.0655  -0.0044 0.0927  16 ARG A NH1 
108 N NH2 . ARG A 16 ? 0.3879 0.3941 0.5835 0.0838  -0.0070 0.0562  16 ARG A NH2 
109 C C   . 6FL A 17 ? 0.2467 0.3505 0.3812 -0.0094 -0.0246 -0.0132 17 6FL A C   
110 N N   . 6FL A 17 ? 0.2195 0.3131 0.3608 0.0064  -0.0157 -0.0080 17 6FL A N   
111 O O   . 6FL A 17 ? 0.2627 0.3797 0.3882 -0.0121 -0.0251 -0.0176 17 6FL A O   
112 C CA  . 6FL A 17 ? 0.2195 0.3291 0.3554 -0.0007 -0.0198 -0.0109 17 6FL A CA  
113 C CB  . 6FL A 17 ? 0.2362 0.3537 0.3689 -0.0091 -0.0269 -0.0051 17 6FL A CB  
114 C CG  . 6FL A 17 ? 0.2521 0.3856 0.3850 -0.0041 -0.0276 -0.0018 17 6FL A CG  
115 F FAC . 6FL A 17 ? 0.3622 0.5127 0.4866 -0.0177 -0.0467 0.0013  17 6FL A FAC 
116 F FAD . 6FL A 17 ? 0.3454 0.4460 0.4622 -0.0189 -0.0444 -0.0081 17 6FL A FAD 
117 F FAE . 6FL A 17 ? 0.3416 0.4904 0.4770 -0.0350 -0.0468 0.0075  17 6FL A FAE 
118 F FAF . 6FL A 17 ? 0.3160 0.5063 0.4656 0.0080  -0.0260 0.0094  17 6FL A FAF 
119 F FAG . 6FL A 17 ? 0.3241 0.5115 0.4696 -0.0033 -0.0206 0.0034  17 6FL A FAG 
120 F FAH . 6FL A 17 ? 0.3127 0.4629 0.4583 0.0208  -0.0129 -0.0043 17 6FL A FAH 
121 C CD1 . 6FL A 17 ? 0.3201 0.4533 0.4473 -0.0193 -0.0414 -0.0006 17 6FL A CD1 
122 C CD2 . 6FL A 17 ? 0.3150 0.4802 0.4585 0.0053  -0.0214 0.0014  17 6FL A CD2 
123 N N   . ARG A 18 ? 0.2012 0.2930 0.3442 -0.0110 -0.0275 -0.0094 18 ARG A N   
124 C CA  . ARG A 18 ? 0.1995 0.2939 0.3481 -0.0180 -0.0353 -0.0070 18 ARG A CA  
125 C C   . ARG A 18 ? 0.2518 0.3451 0.3968 -0.0226 -0.0379 -0.0176 18 ARG A C   
126 O O   . ARG A 18 ? 0.2704 0.3749 0.4024 -0.0295 -0.0457 -0.0210 18 ARG A O   
127 C CB  . ARG A 18 ? 0.2266 0.3194 0.3940 -0.0128 -0.0346 0.0000  18 ARG A CB  
128 C CG  . ARG A 18 ? 0.2811 0.3875 0.4647 -0.0189 -0.0442 0.0066  18 ARG A CG  
129 C CD  . ARG A 18 ? 0.2949 0.4145 0.5057 -0.0105 -0.0382 0.0154  18 ARG A CD  
130 N NE  . ARG A 18 ? 0.3184 0.4628 0.5539 -0.0149 -0.0496 0.0263  18 ARG A NE  
131 C CZ  . ARG A 18 ? 0.3392 0.5136 0.6094 -0.0102 -0.0458 0.0385  18 ARG A CZ  
132 N NH1 . ARG A 18 ? 0.2475 0.4304 0.5268 -0.0011 -0.0279 0.0417  18 ARG A NH1 
133 N NH2 . ARG A 18 ? 0.1935 0.3992 0.4910 -0.0143 -0.0595 0.0514  18 ARG A NH2 
134 N N   . LYS A 19 ? 0.2305 0.3070 0.3831 -0.0192 -0.0331 -0.0226 19 LYS A N   
135 C CA  . LYS A 19 ? 0.2577 0.3146 0.4062 -0.0241 -0.0392 -0.0376 19 LYS A CA  
136 C C   . LYS A 19 ? 0.3221 0.3819 0.4429 -0.0144 -0.0363 -0.0562 19 LYS A C   
137 O O   . LYS A 19 ? 0.3607 0.4151 0.4628 -0.0188 -0.0447 -0.0748 19 LYS A O   
138 C CB  . LYS A 19 ? 0.2971 0.3262 0.4628 -0.0222 -0.0356 -0.0327 19 LYS A CB  
139 C CG  . LYS A 19 ? 0.4251 0.4609 0.6204 -0.0362 -0.0383 -0.0137 19 LYS A CG  
140 C CD  . LYS A 19 ? 0.4386 0.4444 0.6516 -0.0414 -0.0380 -0.0035 19 LYS A CD  
141 C CE  . LYS A 19 ? 0.5227 0.5483 0.7708 -0.0597 -0.0390 0.0220  19 LYS A CE  
142 N NZ  . LYS A 19 ? 0.4796 0.5455 0.7325 -0.0469 -0.0213 0.0425  19 LYS A NZ  
143 C C   . 3EG A 20 ? 0.3590 0.4882 0.4368 0.0010  -0.0209 -0.0627 20 3EG A C   
144 N N   . 3EG A 20 ? 0.2958 0.3714 0.4134 -0.0011 -0.0249 -0.0516 20 3EG A N   
145 O O   . 3EG A 20 ? 0.3858 0.5271 0.4368 0.0080  -0.0183 -0.0814 20 3EG A O   
146 C CA  A 3EG A 20 ? 0.3115 0.4075 0.4099 0.0119  -0.0172 -0.0643 20 3EG A CA  
147 C CA  B 3EG A 20 ? 0.3152 0.4120 0.4138 0.0120  -0.0170 -0.0641 20 3EG A CA  
148 C CB  A 3EG A 20 ? 0.2765 0.3965 0.3878 0.0232  -0.0072 -0.0508 20 3EG A CB  
149 C CB  B 3EG A 20 ? 0.3041 0.4293 0.4142 0.0217  -0.0073 -0.0497 20 3EG A CB  
150 F FAC A 3EG A 20 ? 0.2645 0.4250 0.3881 0.0587  0.0104  -0.0511 20 3EG A FAC 
151 F FAC B 3EG A 20 ? 0.3498 0.4994 0.4822 0.0509  0.0052  -0.0405 20 3EG A FAC 
152 F FAD A 3EG A 20 ? 0.2521 0.4386 0.3406 0.0408  0.0091  -0.0622 20 3EG A FAD 
153 F FAD B 3EG A 20 ? 0.3398 0.4493 0.4451 0.0643  0.0070  -0.0786 20 3EG A FAD 
154 F FAE A 3EG A 20 ? 0.3789 0.4817 0.4724 0.0603  0.0045  -0.0882 20 3EG A FAE 
155 F FAE B 3EG A 20 ? 0.3672 0.4396 0.4979 0.0429  -0.0048 -0.0519 20 3EG A FAE 
156 C CG  A 3EG A 20 ? 0.3053 0.4476 0.4091 0.0464  0.0049  -0.0639 20 3EG A CG  
157 C CG  B 3EG A 20 ? 0.3358 0.4489 0.4552 0.0455  0.0006  -0.0560 20 3EG A CG  
158 N N   . ARG A 21 ? 0.3089 0.4505 0.3963 -0.0140 -0.0275 -0.0403 21 ARG A N   
159 C CA  . ARG A 21 ? 0.3239 0.4938 0.3969 -0.0266 -0.0342 -0.0274 21 ARG A CA  
160 C C   . ARG A 21 ? 0.3988 0.5652 0.4548 -0.0337 -0.0474 -0.0383 21 ARG A C   
161 O O   . ARG A 21 ? 0.4368 0.6344 0.4647 -0.0380 -0.0502 -0.0372 21 ARG A O   
162 C CB  . ARG A 21 ? 0.3353 0.5004 0.4279 -0.0374 -0.0418 -0.0017 21 ARG A CB  
163 C CG  . ARG A 21 ? 0.4813 0.6698 0.5767 -0.0444 -0.0378 0.0168  21 ARG A CG  
164 C CD  . ARG A 21 ? 0.5773 0.7435 0.6880 -0.0561 -0.0503 0.0376  21 ARG A CD  
165 N NE  . ARG A 21 ? 0.6440 0.8126 0.7503 -0.0641 -0.0624 0.0557  21 ARG A NE  
166 C CZ  . ARG A 21 ? 0.8435 0.9809 0.9652 -0.0643 -0.0750 0.0685  21 ARG A CZ  
167 N NH1 . ARG A 21 ? 0.7015 0.8020 0.8378 -0.0560 -0.0752 0.0592  21 ARG A NH1 
168 N NH2 . ARG A 21 ? 0.6978 0.8426 0.8183 -0.0692 -0.0876 0.0903  21 ARG A NH2 
169 N N   . LYS A 22 ? 0.3395 0.4762 0.4133 -0.0379 -0.0569 -0.0452 22 LYS A N   
170 C CA  . LYS A 22 ? 0.3624 0.4997 0.4285 -0.0507 -0.0755 -0.0536 22 LYS A CA  
171 C C   . LYS A 22 ? 0.4726 0.6052 0.4979 -0.0478 -0.0783 -0.0871 22 LYS A C   
172 O O   . LYS A 22 ? 0.5300 0.6798 0.5289 -0.0589 -0.0948 -0.0949 22 LYS A O   
173 C CB  . LYS A 22 ? 0.3648 0.4794 0.4675 -0.0584 -0.0831 -0.0505 22 LYS A CB  
174 C CG  . LYS A 22 ? 0.5256 0.6563 0.6619 -0.0583 -0.0839 -0.0218 22 LYS A CG  
175 C CD  . LYS A 22 ? 0.5588 0.6838 0.7339 -0.0625 -0.0843 -0.0148 22 LYS A CD  
176 C CE  . LYS A 22 ? 0.6557 0.8060 0.8527 -0.0792 -0.1049 -0.0070 22 LYS A CE  
177 N NZ  . LYS A 22 ? 0.7475 0.9142 0.9929 -0.0802 -0.1001 0.0118  22 LYS A NZ  
178 N N   . LYS A 23 ? 0.4417 0.5513 0.4594 -0.0301 -0.0633 -0.1080 23 LYS A N   
179 C CA  . LYS A 23 ? 0.5133 0.6074 0.4916 -0.0166 -0.0618 -0.1474 23 LYS A CA  
180 C C   . LYS A 23 ? 0.5861 0.7347 0.5228 -0.0037 -0.0482 -0.1514 23 LYS A C   
181 O O   . LYS A 23 ? 0.6425 0.7920 0.5334 0.0079  -0.0480 -0.1865 23 LYS A O   
182 C CB  . LYS A 23 ? 0.5557 0.6049 0.5501 0.0048  -0.0495 -0.1624 23 LYS A CB  
183 C CG  . LYS A 23 ? 0.7824 0.7779 0.8126 -0.0093 -0.0623 -0.1570 23 LYS A CG  
184 C CD  . LYS A 23 ? 0.9049 0.8610 0.9538 0.0125  -0.0503 -0.1591 23 LYS A CD  
185 C CE  . LYS A 23 ? 1.0247 0.9439 1.1135 -0.0050 -0.0597 -0.1379 23 LYS A CE  
186 N NZ  . LYS A 23 ? 1.1386 1.0313 1.2476 0.0159  -0.0478 -0.1263 23 LYS A NZ  
187 C C   . 6FL A 24 ? 0.5815 0.8780 0.4771 -0.0194 -0.0358 -0.0860 24 6FL A C   
188 N N   . 6FL A 24 ? 0.5152 0.7095 0.4669 -0.0062 -0.0367 -0.1157 24 6FL A N   
189 O O   . 6FL A 24 ? 0.5352 0.8157 0.4514 -0.0388 -0.0560 -0.0655 24 6FL A O   
190 C CA  . 6FL A 24 ? 0.5273 0.7856 0.4503 0.0008  -0.0214 -0.1060 24 6FL A CA  
191 C CB  . 6FL A 24 ? 0.5227 0.8051 0.4858 -0.0020 -0.0091 -0.0690 24 6FL A CB  
192 C CG  . 6FL A 24 ? 0.6052 0.9232 0.5747 0.0215  0.0155  -0.0735 24 6FL A CG  
193 F FAC . 6FL A 24 ? 0.7230 0.9427 0.6837 0.0526  0.0108  -0.1372 24 6FL A FAC 
194 F FAD . 6FL A 24 ? 0.7211 1.0403 0.6989 0.0772  0.0449  -0.1128 24 6FL A FAD 
195 F FAE . 6FL A 24 ? 0.7526 1.0752 0.6557 0.0662  0.0327  -0.1413 24 6FL A FAE 
196 F FAF . 6FL A 24 ? 0.5139 0.8032 0.5529 0.0291  0.0205  -0.0556 24 6FL A FAF 
197 F FAG . 6FL A 24 ? 0.4634 0.7593 0.4943 -0.0115 -0.0003 -0.0211 24 6FL A FAG 
198 F FAH . 6FL A 24 ? 0.5533 0.9439 0.5735 0.0108  0.0307  -0.0199 24 6FL A FAH 
199 C CD1 . 6FL A 24 ? 0.7054 0.9982 0.6579 0.0551  0.0265  -0.1178 24 6FL A CD1 
200 C CD2 . 6FL A 24 ? 0.5201 0.8424 0.5366 0.0126  0.0172  -0.0424 24 6FL A CD2 
201 N N   . ARG A 25 ? 0.5830 0.9378 0.4332 -0.0120 -0.0241 -0.0888 25 ARG A N   
202 C CA  . ARG A 25 ? 0.6080 1.0122 0.4273 -0.0302 -0.0358 -0.0611 25 ARG A CA  
203 C C   . ARG A 25 ? 0.6438 1.0831 0.4988 -0.0450 -0.0285 -0.0032 25 ARG A C   
204 O O   . ARG A 25 ? 0.6169 1.0623 0.5032 -0.0380 -0.0102 0.0048  25 ARG A O   
205 C CB  . ARG A 25 ? 0.6945 1.1531 0.4429 -0.0148 -0.0236 -0.0878 25 ARG A CB  
206 N N   . SER A 26 ? 0.6172 1.0751 0.4708 -0.0666 -0.0467 0.0380  26 SER A N   
207 C CA  . SER A 26 ? 0.9654 1.4422 0.8517 -0.0852 -0.0471 0.0957  26 SER A CA  
208 C C   . SER A 26 ? 1.2985 1.8507 1.1707 -0.0863 -0.0218 0.1185  26 SER A C   
209 O O   . SER A 26 ? 0.8278 1.3881 0.7398 -0.1018 -0.0176 0.1567  26 SER A O   
210 C CB  . SER A 26 ? 1.0325 1.5144 0.9133 -0.1030 -0.0733 0.1350  26 SER A CB  
211 N N   . GLY B 1  ? 0.7898 1.0299 1.1334 0.1322  0.1811  -0.1144 1  GLY B N   
212 C CA  . GLY B 1  ? 0.7663 0.9405 1.0456 0.1083  0.1503  -0.1007 1  GLY B CA  
213 C C   . GLY B 1  ? 0.8136 0.9564 1.0238 0.0589  0.1596  -0.1099 1  GLY B C   
214 O O   . GLY B 1  ? 0.8518 1.0050 1.0465 0.0424  0.1947  -0.1304 1  GLY B O   
215 N N   . ASN B 2  ? 0.7294 0.8368 0.8971 0.0361  0.1277  -0.0942 2  ASN B N   
216 C CA  . ASN B 2  ? 0.7239 0.8064 0.8286 -0.0064 0.1251  -0.0953 2  ASN B CA  
217 C C   . ASN B 2  ? 0.7195 0.7545 0.7899 -0.0120 0.0960  -0.0834 2  ASN B C   
218 O O   . ASN B 2  ? 0.6684 0.7059 0.7616 0.0017  0.0688  -0.0655 2  ASN B O   
219 C CB  . ASN B 2  ? 0.7363 0.8655 0.8439 -0.0377 0.1174  -0.0825 2  ASN B CB  
220 C CG  . ASN B 2  ? 1.0253 1.1313 1.0695 -0.0757 0.1075  -0.0747 2  ASN B CG  
221 O OD1 . ASN B 2  ? 0.8956 0.9919 0.9299 -0.0847 0.0763  -0.0533 2  ASN B OD1 
222 N ND2 . ASN B 2  ? 0.9928 1.0903 0.9913 -0.0974 0.1336  -0.0916 2  ASN B ND2 
223 N N   . ALA B 3  ? 0.6815 0.6790 0.6969 -0.0353 0.1029  -0.0951 3  ALA B N   
224 C CA  . ALA B 3  ? 0.6565 0.6205 0.6430 -0.0458 0.0802  -0.0877 3  ALA B CA  
225 C C   . ALA B 3  ? 0.6286 0.6171 0.6181 -0.0592 0.0469  -0.0627 3  ALA B C   
226 O O   . ALA B 3  ? 0.5836 0.5607 0.5848 -0.0486 0.0265  -0.0507 3  ALA B O   
227 C CB  . ALA B 3  ? 0.7180 0.6519 0.6490 -0.0744 0.0953  -0.1090 3  ALA B CB  
228 N N   . ASP B 4  ? 0.5781 0.5945 0.5536 -0.0816 0.0444  -0.0547 4  ASP B N   
229 C CA  . ASP B 4  ? 0.5390 0.5679 0.5136 -0.0915 0.0163  -0.0293 4  ASP B CA  
230 C C   . ASP B 4  ? 0.4714 0.5076 0.4901 -0.0715 0.0031  -0.0170 4  ASP B C   
231 O O   . ASP B 4  ? 0.4155 0.4406 0.4372 -0.0669 -0.0190 -0.0032 4  ASP B O   
232 C CB  . ASP B 4  ? 0.6020 0.6486 0.5470 -0.1184 0.0209  -0.0206 4  ASP B CB  
233 C CG  . ASP B 4  ? 0.7970 0.8410 0.7280 -0.1276 -0.0069 0.0085  4  ASP B CG  
234 O OD1 . ASP B 4  ? 0.7963 0.8301 0.7328 -0.1168 -0.0292 0.0176  4  ASP B OD1 
235 O OD2 . ASP B 4  ? 0.9225 0.9724 0.8356 -0.1455 -0.0039 0.0223  4  ASP B OD2 
236 N N   . GLU B 5  ? 0.4081 0.4665 0.4616 -0.0591 0.0170  -0.0242 5  GLU B N   
237 C CA  . GLU B 5  ? 0.3822 0.4567 0.4758 -0.0448 0.0021  -0.0153 5  GLU B CA  
238 C C   . GLU B 5  ? 0.4007 0.4489 0.4997 -0.0204 -0.0111 -0.0146 5  GLU B C   
239 O O   . GLU B 5  ? 0.3721 0.4142 0.4761 -0.0179 -0.0313 -0.0040 5  GLU B O   
240 C CB  . GLU B 5  ? 0.4012 0.5223 0.5382 -0.0378 0.0183  -0.0235 5  GLU B CB  
241 C CG  . GLU B 5  ? 0.5683 0.7149 0.7474 -0.0233 -0.0013 -0.0164 5  GLU B CG  
242 C CD  . GLU B 5  ? 0.9460 1.1127 1.1640 0.0129  0.0010  -0.0220 5  GLU B CD  
243 O OE1 . GLU B 5  ? 1.0066 1.1503 1.2167 0.0325  0.0205  -0.0324 5  GLU B OE1 
244 O OE2 . GLU B 5  ? 0.8857 1.0881 1.1392 0.0216  -0.0178 -0.0155 5  GLU B OE2 
245 C C   . 3EG B 6  ? 0.3739 0.3447 0.4361 0.0006  -0.0204 -0.0164 6  3EG B C   
246 N N   . 3EG B 6  ? 0.3728 0.3989 0.4648 -0.0047 0.0036  -0.0266 6  3EG B N   
247 O O   . 3EG B 6  ? 0.3574 0.3175 0.4218 0.0092  -0.0350 -0.0077 6  3EG B O   
248 C CA  . 3EG B 6  ? 0.3716 0.3636 0.4590 0.0150  -0.0045 -0.0239 6  3EG B CA  
249 C CB  . 3EG B 6  ? 0.4847 0.4410 0.5552 0.0248  0.0201  -0.0396 6  3EG B CB  
250 F FAC . 3EG B 6  ? 0.6752 0.5524 0.7301 0.0624  0.0413  -0.0468 6  3EG B FAC 
251 F FAD . 3EG B 6  ? 0.5935 0.4834 0.6320 0.0328  0.0059  -0.0294 6  3EG B FAD 
252 F FAE . 3EG B 6  ? 0.6143 0.5560 0.7117 0.0708  -0.0002 -0.0202 6  3EG B FAE 
253 C CG  . 3EG B 6  ? 0.6000 0.5150 0.6657 0.0488  0.0162  -0.0337 6  3EG B CG  
254 N N   . TYR B 7  ? 0.3308 0.3007 0.3695 -0.0213 -0.0172 -0.0199 7  TYR B N   
255 C CA  . TYR B 7  ? 0.3067 0.2710 0.3321 -0.0321 -0.0317 -0.0127 7  TYR B CA  
256 C C   . TYR B 7  ? 0.3240 0.2987 0.3643 -0.0285 -0.0503 0.0029  7  TYR B C   
257 O O   . TYR B 7  ? 0.2997 0.2624 0.3427 -0.0209 -0.0586 0.0068  7  TYR B O   
258 C CB  . TYR B 7  ? 0.3531 0.3287 0.3537 -0.0558 -0.0292 -0.0171 7  TYR B CB  
259 C CG  . TYR B 7  ? 0.4163 0.4030 0.4130 -0.0648 -0.0461 -0.0085 7  TYR B CG  
260 C CD1 . TYR B 7  ? 0.4663 0.4451 0.4571 -0.0718 -0.0429 -0.0181 7  TYR B CD1 
261 C CD2 . TYR B 7  ? 0.4529 0.4599 0.4518 -0.0676 -0.0634 0.0096  7  TYR B CD2 
262 C CE1 . TYR B 7  ? 0.4879 0.4940 0.4857 -0.0806 -0.0576 -0.0116 7  TYR B CE1 
263 C CE2 . TYR B 7  ? 0.4806 0.5073 0.4841 -0.0698 -0.0796 0.0191  7  TYR B CE2 
264 C CZ  . TYR B 7  ? 0.6043 0.6382 0.6124 -0.0759 -0.0770 0.0075  7  TYR B CZ  
265 O OH  . TYR B 7  ? 0.6683 0.7372 0.6930 -0.0769 -0.0926 0.0160  7  TYR B OH  
266 N N   . LYS B 8  ? 0.2874 0.2785 0.3341 -0.0356 -0.0526 0.0097  8  LYS B N   
267 C CA  . LYS B 8  ? 0.2596 0.2470 0.3139 -0.0364 -0.0664 0.0221  8  LYS B CA  
268 C C   . LYS B 8  ? 0.3163 0.2974 0.3854 -0.0237 -0.0724 0.0190  8  LYS B C   
269 O O   . LYS B 8  ? 0.3073 0.2700 0.3724 -0.0201 -0.0815 0.0224  8  LYS B O   
270 C CB  . LYS B 8  ? 0.3003 0.3005 0.3534 -0.0532 -0.0630 0.0288  8  LYS B CB  
271 C CG  . LYS B 8  ? 0.3483 0.3483 0.3739 -0.0679 -0.0629 0.0389  8  LYS B CG  
272 C CD  . LYS B 8  ? 0.4402 0.4475 0.4573 -0.0886 -0.0548 0.0466  8  LYS B CD  
273 C CE  . LYS B 8  ? 0.7060 0.7135 0.6844 -0.1059 -0.0534 0.0581  8  LYS B CE  
274 N NZ  . LYS B 8  ? 0.9591 0.9435 0.9203 -0.1004 -0.0744 0.0815  8  LYS B NZ  
275 N N   . GLU B 9  ? 0.2917 0.2888 0.3762 -0.0154 -0.0671 0.0123  9  GLU B N   
276 C CA  . GLU B 9  ? 0.3041 0.3033 0.3993 -0.0036 -0.0782 0.0123  9  GLU B CA  
277 C C   . GLU B 9  ? 0.3751 0.3421 0.4496 0.0080  -0.0809 0.0126  9  GLU B C   
278 O O   . GLU B 9  ? 0.3808 0.3369 0.4464 0.0088  -0.0917 0.0142  9  GLU B O   
279 C CB  . GLU B 9  ? 0.3204 0.3534 0.4440 0.0091  -0.0745 0.0091  9  GLU B CB  
280 C CG  . GLU B 9  ? 0.4110 0.4627 0.5488 0.0184  -0.0931 0.0127  9  GLU B CG  
281 C CD  . GLU B 9  ? 0.3879 0.4606 0.5336 -0.0041 -0.1076 0.0124  9  GLU B CD  
282 O OE1 . GLU B 9  ? 0.4465 0.5074 0.5835 -0.0265 -0.1022 0.0119  9  GLU B OE1 
283 O OE2 . GLU B 9  ? 0.4389 0.5357 0.5946 -0.0007 -0.1256 0.0134  9  GLU B OE2 
284 C C   . 6FL B 10 ? 0.3747 0.2923 0.4114 0.0073  -0.0709 0.0101  10 6FL B C   
285 N N   . 6FL B 10 ? 0.3211 0.2711 0.3829 0.0112  -0.0689 0.0091  10 6FL B N   
286 O O   . 6FL B 10 ? 0.4000 0.3016 0.4244 0.0111  -0.0729 0.0102  10 6FL B O   
287 C CA  . 6FL B 10 ? 0.3363 0.2566 0.3773 0.0158  -0.0666 0.0089  10 6FL B CA  
288 C CB  . 6FL B 10 ? 0.3558 0.2574 0.3837 0.0131  -0.0504 0.0023  10 6FL B CB  
289 C CG  . 6FL B 10 ? 0.4575 0.3467 0.4874 0.0294  -0.0407 0.0001  10 6FL B CG  
290 F FAC . 6FL B 10 ? 0.5859 0.4047 0.5694 0.0232  -0.0223 -0.0028 10 6FL B FAC 
291 F FAD . 6FL B 10 ? 0.5902 0.4176 0.5940 0.0389  -0.0078 -0.0130 10 6FL B FAD 
292 F FAE . 6FL B 10 ? 0.5379 0.4011 0.5376 -0.0010 -0.0168 -0.0181 10 6FL B FAE 
293 F FAF . 6FL B 10 ? 0.5733 0.4467 0.6144 0.0738  -0.0424 0.0112  10 6FL B FAF 
294 F FAG . 6FL B 10 ? 0.5677 0.4270 0.5776 0.0532  -0.0575 0.0175  10 6FL B FAG 
295 F FAH . 6FL B 10 ? 0.4654 0.3921 0.5250 0.0530  -0.0682 0.0146  10 6FL B FAH 
296 C CD1 . 6FL B 10 ? 0.5551 0.4037 0.5592 0.0229  -0.0215 -0.0087 10 6FL B CD1 
297 C CD2 . 6FL B 10 ? 0.5117 0.3989 0.5477 0.0531  -0.0526 0.0110  10 6FL B CD2 
298 N N   . GLU B 11 ? 0.3038 0.2367 0.3491 -0.0019 -0.0721 0.0122  11 GLU B N   
299 C CA  . GLU B 11 ? 0.3042 0.2366 0.3535 -0.0017 -0.0764 0.0162  11 GLU B CA  
300 C C   . GLU B 11 ? 0.3475 0.2617 0.3933 0.0026  -0.0823 0.0160  11 GLU B C   
301 O O   . GLU B 11 ? 0.3453 0.2443 0.3854 0.0082  -0.0788 0.0121  11 GLU B O   
302 C CB  . GLU B 11 ? 0.3389 0.2882 0.3944 -0.0086 -0.0818 0.0252  11 GLU B CB  
303 C CG  . GLU B 11 ? 0.5316 0.4783 0.5958 -0.0008 -0.0884 0.0350  11 GLU B CG  
304 C CD  . GLU B 11 ? 0.8019 0.7665 0.8653 -0.0057 -0.0973 0.0495  11 GLU B CD  
305 O OE1 . GLU B 11 ? 0.5227 0.4869 0.5727 -0.0183 -0.0979 0.0544  11 GLU B OE1 
306 O OE2 . GLU B 11 ? 0.7668 0.7516 0.8434 0.0025  -0.1037 0.0567  11 GLU B OE2 
307 N N   . ASP B 12 ? 0.3026 0.2206 0.3510 -0.0034 -0.0886 0.0174  12 ASP B N   
308 C CA  . ASP B 12 ? 0.3068 0.2087 0.3481 -0.0083 -0.0954 0.0141  12 ASP B CA  
309 C C   . ASP B 12 ? 0.3535 0.2455 0.3774 -0.0038 -0.0983 0.0069  12 ASP B C   
310 O O   . ASP B 12 ? 0.3781 0.2447 0.3840 -0.0060 -0.0972 -0.0001 12 ASP B O   
311 C CB  . ASP B 12 ? 0.3338 0.2526 0.3860 -0.0232 -0.1009 0.0162  12 ASP B CB  
312 C CG  . ASP B 12 ? 0.4098 0.3239 0.4645 -0.0324 -0.0971 0.0260  12 ASP B CG  
313 O OD1 . ASP B 12 ? 0.4322 0.3327 0.4822 -0.0232 -0.0947 0.0330  12 ASP B OD1 
314 O OD2 . ASP B 12 ? 0.4762 0.4054 0.5380 -0.0488 -0.0965 0.0283  12 ASP B OD2 
315 C C   . 3EG B 13 ? 0.4169 0.2823 0.3919 0.0113  -0.0916 0.0049  13 3EG B C   
316 N N   . 3EG B 13 ? 0.3381 0.2444 0.3621 0.0037  -0.1005 0.0092  13 3EG B N   
317 O O   . 3EG B 13 ? 0.4379 0.2842 0.3822 0.0084  -0.0924 0.0003  13 3EG B O   
318 C CA  . 3EG B 13 ? 0.3603 0.2541 0.3588 0.0091  -0.1059 0.0086  13 3EG B CA  
319 C CB  . 3EG B 13 ? 0.4231 0.3314 0.4279 0.0226  -0.1109 0.0168  13 3EG B CB  
320 F FAC . 3EG B 13 ? 0.4865 0.4348 0.4965 0.0077  -0.1432 0.0138  13 3EG B FAC 
321 F FAD . 3EG B 13 ? 0.4312 0.4017 0.4887 0.0115  -0.1230 0.0155  13 3EG B FAD 
322 F FAE . 3EG B 13 ? 0.5052 0.4682 0.5415 0.0400  -0.1352 0.0275  13 3EG B FAE 
323 C CG  . 3EG B 13 ? 0.4676 0.4156 0.4956 0.0208  -0.1287 0.0184  13 3EG B CG  
324 N N   . GLN B 14 ? 0.3588 0.2270 0.3473 0.0128  -0.0781 0.0053  14 GLN B N   
325 C CA  A GLN B 14 ? 0.3676 0.2238 0.3451 0.0117  -0.0624 0.0005  14 GLN B CA  
326 C CA  B GLN B 14 ? 0.3694 0.2253 0.3466 0.0117  -0.0624 0.0004  14 GLN B CA  
327 C C   . GLN B 14 ? 0.4017 0.2493 0.3788 0.0124  -0.0586 -0.0078 14 GLN B C   
328 O O   . GLN B 14 ? 0.4122 0.2425 0.3657 0.0114  -0.0470 -0.0156 14 GLN B O   
329 C CB  A GLN B 14 ? 0.3645 0.2400 0.3647 0.0081  -0.0531 0.0008  14 GLN B CB  
330 C CB  B GLN B 14 ? 0.3685 0.2431 0.3675 0.0081  -0.0526 0.0007  14 GLN B CB  
331 C CG  A GLN B 14 ? 0.3889 0.2591 0.3781 0.0011  -0.0354 -0.0038 14 GLN B CG  
332 C CG  B GLN B 14 ? 0.4582 0.3190 0.4403 0.0029  -0.0435 0.0020  14 GLN B CG  
333 C CD  A GLN B 14 ? 0.5151 0.4156 0.5299 -0.0086 -0.0296 -0.0061 14 GLN B CD  
334 C CD  B GLN B 14 ? 0.6257 0.5067 0.6249 -0.0092 -0.0348 -0.0023 14 GLN B CD  
335 O OE1 A GLN B 14 ? 0.3828 0.2829 0.3952 -0.0164 -0.0308 -0.0056 14 GLN B OE1 
336 O OE1 B GLN B 14 ? 0.5892 0.4900 0.6013 -0.0170 -0.0258 -0.0072 14 GLN B OE1 
337 N NE2 A GLN B 14 ? 0.4436 0.3740 0.4844 -0.0082 -0.0233 -0.0101 14 GLN B NE2 
338 N NE2 B GLN B 14 ? 0.5266 0.4070 0.5266 -0.0124 -0.0362 -0.0024 14 GLN B NE2 
339 N N   . GLU B 15 ? 0.3525 0.2054 0.3510 0.0139  -0.0655 -0.0061 15 GLU B N   
340 C CA  . GLU B 15 ? 0.3676 0.1989 0.3654 0.0182  -0.0595 -0.0134 15 GLU B CA  
341 C C   . GLU B 15 ? 0.4398 0.2407 0.4006 0.0089  -0.0616 -0.0254 15 GLU B C   
342 O O   . GLU B 15 ? 0.4710 0.2467 0.4139 0.0114  -0.0467 -0.0387 15 GLU B O   
343 C CB  . GLU B 15 ? 0.3820 0.2136 0.4023 0.0209  -0.0667 -0.0040 15 GLU B CB  
344 C CG  . GLU B 15 ? 0.5093 0.3053 0.5294 0.0311  -0.0578 -0.0089 15 GLU B CG  
345 C CD  . GLU B 15 ? 0.6292 0.4311 0.6688 0.0523  -0.0408 -0.0131 15 GLU B CD  
346 O OE1 . GLU B 15 ? 0.5566 0.3992 0.6145 0.0551  -0.0366 -0.0113 15 GLU B OE1 
347 O OE2 . GLU B 15 ? 0.7362 0.5016 0.7746 0.0657  -0.0293 -0.0200 15 GLU B OE2 
348 N N   . ARG B 16 ? 0.4286 0.2377 0.3782 -0.0026 -0.0793 -0.0223 16 ARG B N   
349 C CA  . ARG B 16 ? 0.4748 0.2670 0.3877 -0.0168 -0.0882 -0.0331 16 ARG B CA  
350 C C   . ARG B 16 ? 0.5370 0.3161 0.4108 -0.0148 -0.0795 -0.0378 16 ARG B C   
351 O O   . ARG B 16 ? 0.5745 0.3249 0.4092 -0.0242 -0.0726 -0.0532 16 ARG B O   
352 C CB  . ARG B 16 ? 0.5181 0.3430 0.4411 -0.0266 -0.1120 -0.0254 16 ARG B CB  
353 C CG  . ARG B 16 ? 0.7571 0.5796 0.6495 -0.0479 -0.1284 -0.0365 16 ARG B CG  
354 C CD  . ARG B 16 ? 0.9447 0.7425 0.8363 -0.0691 -0.1257 -0.0501 16 ARG B CD  
355 N NE  . ARG B 16 ? 1.1089 0.8492 0.9642 -0.0714 -0.1061 -0.0684 16 ARG B NE  
356 C CZ  . ARG B 16 ? 1.3609 1.0571 1.1969 -0.0908 -0.0995 -0.0853 16 ARG B CZ  
357 N NH1 . ARG B 16 ? 1.2484 0.9538 1.0965 -0.1158 -0.1123 -0.0855 16 ARG B NH1 
358 N NH2 . ARG B 16 ? 1.2394 0.8794 1.0432 -0.0868 -0.0766 -0.1039 16 ARG B NH2 
359 C C   . 6FL B 17 ? 0.6295 0.3893 0.4632 -0.0063 -0.0346 -0.0416 17 6FL B C   
360 N N   . 6FL B 17 ? 0.4877 0.2808 0.3665 -0.0053 -0.0759 -0.0256 17 6FL B N   
361 O O   . 6FL B 17 ? 0.6822 0.4181 0.4681 -0.0148 -0.0225 -0.0521 17 6FL B O   
362 C CA  . 6FL B 17 ? 0.5361 0.3114 0.3741 -0.0067 -0.0640 -0.0262 17 6FL B CA  
363 C CB  . 6FL B 17 ? 0.5561 0.3422 0.4065 0.0013  -0.0640 -0.0095 17 6FL B CB  
364 C CG  . 6FL B 17 ? 0.6231 0.3871 0.4227 0.0002  -0.0677 0.0018  17 6FL B CG  
365 F FAC . 6FL B 17 ? 0.6989 0.4663 0.4529 0.0078  -0.1125 0.0249  17 6FL B FAC 
366 F FAD . 6FL B 17 ? 0.8659 0.5944 0.5662 -0.0146 -0.0763 0.0006  17 6FL B FAD 
367 F FAE . 6FL B 17 ? 0.7690 0.5418 0.5332 -0.0131 -0.1045 -0.0076 17 6FL B FAE 
368 F FAF . 6FL B 17 ? 0.5880 0.3539 0.4041 0.0219  -0.0839 0.0311  17 6FL B FAF 
369 F FAG . 6FL B 17 ? 0.5589 0.3318 0.4067 0.0070  -0.0489 0.0109  17 6FL B FAG 
370 F FAH . 6FL B 17 ? 0.7147 0.4386 0.4734 0.0005  -0.0468 0.0213  17 6FL B FAH 
371 C CD1 . 6FL B 17 ? 0.7285 0.4871 0.4835 -0.0044 -0.0913 0.0051  17 6FL B CD1 
372 C CD2 . 6FL B 17 ? 0.5985 0.3552 0.4048 0.0083  -0.0625 0.0172  17 6FL B CD2 
373 N N   . ARG B 18 ? 0.5393 0.3170 0.4233 0.0043  -0.0238 -0.0425 18 ARG B N   
374 C CA  A ARG B 18 ? 0.5490 0.3280 0.4499 0.0124  0.0034  -0.0552 18 ARG B CA  
375 C CA  B ARG B 18 ? 0.5486 0.3281 0.4509 0.0128  0.0031  -0.0550 18 ARG B CA  
376 C C   . ARG B 18 ? 0.6236 0.3656 0.4977 0.0122  0.0134  -0.0747 18 ARG B C   
377 O O   . ARG B 18 ? 0.6620 0.3901 0.5131 0.0115  0.0398  -0.0908 18 ARG B O   
378 C CB  A ARG B 18 ? 0.5452 0.3583 0.5080 0.0269  0.0023  -0.0470 18 ARG B CB  
379 C CB  B ARG B 18 ? 0.5490 0.3599 0.5120 0.0272  -0.0001 -0.0466 18 ARG B CB  
380 C CG  A ARG B 18 ? 0.6316 0.4636 0.6284 0.0418  0.0274  -0.0566 18 ARG B CG  
381 C CG  B ARG B 18 ? 0.6430 0.4903 0.6439 0.0355  0.0204  -0.0490 18 ARG B CG  
382 C CD  A ARG B 18 ? 0.6718 0.5293 0.7222 0.0606  0.0170  -0.0452 18 ARG B CD  
383 C CD  B ARG B 18 ? 0.6291 0.5147 0.6813 0.0455  0.0061  -0.0350 18 ARG B CD  
384 N NE  A ARG B 18 ? 0.8527 0.7170 0.9367 0.0853  0.0375  -0.0538 18 ARG B NE  
385 N NE  B ARG B 18 ? 0.6304 0.5426 0.6863 0.0302  -0.0023 -0.0260 18 ARG B NE  
386 C CZ  A ARG B 18 ? 1.0246 0.8447 1.1048 0.1027  0.0424  -0.0596 18 ARG B CZ  
387 C CZ  B ARG B 18 ? 0.6887 0.6107 0.7532 0.0268  -0.0220 -0.0142 18 ARG B CZ  
388 N NH1 A ARG B 18 ? 0.8434 0.6129 0.8859 0.0907  0.0273  -0.0586 18 ARG B NH1 
389 N NH1 B ARG B 18 ? 0.3694 0.2804 0.4398 0.0355  -0.0368 -0.0067 18 ARG B NH1 
390 N NH2 A ARG B 18 ? 0.9293 0.7552 1.0453 0.1317  0.0644  -0.0672 18 ARG B NH2 
391 N NH2 B ARG B 18 ? 0.6356 0.5728 0.6975 0.0119  -0.0237 -0.0114 18 ARG B NH2 
392 N N   . LYS B 19 ? 0.5486 0.2708 0.4202 0.0084  -0.0046 -0.0758 19 LYS B N   
393 C CA  . LYS B 19 ? 0.5957 0.2702 0.4350 0.0018  0.0041  -0.0972 19 LYS B CA  
394 C C   . LYS B 19 ? 0.7092 0.3633 0.4796 -0.0205 0.0030  -0.1110 19 LYS B C   
395 O O   . LYS B 19 ? 0.7492 0.3651 0.4818 -0.0255 0.0259  -0.1353 19 LYS B O   
396 C CB  . LYS B 19 ? 0.6104 0.2683 0.4601 -0.0061 -0.0154 -0.0934 19 LYS B CB  
397 C CG  . LYS B 19 ? 0.6516 0.3179 0.5555 0.0145  -0.0148 -0.0778 19 LYS B CG  
398 C CD  . LYS B 19 ? 0.7897 0.4321 0.6930 0.0002  -0.0304 -0.0729 19 LYS B CD  
399 C CE  . LYS B 19 ? 0.9358 0.5855 0.8818 0.0184  -0.0329 -0.0515 19 LYS B CE  
400 N NZ  . LYS B 19 ? 1.0816 0.7106 1.0217 -0.0021 -0.0465 -0.0436 19 LYS B NZ  
401 C C   . 3EG B 20 ? 0.8335 0.4825 0.4803 -0.0501 0.0025  -0.1093 20 3EG B C   
402 N N   . 3EG B 20 ? 0.6588 0.3367 0.4097 -0.0324 -0.0230 -0.0953 20 3EG B N   
403 O O   . 3EG B 20 ? 0.8996 0.5177 0.4814 -0.0665 0.0150  -0.1284 20 3EG B O   
404 C CA  . 3EG B 20 ? 0.7353 0.3988 0.4153 -0.0521 -0.0302 -0.1018 20 3EG B CA  
405 C CB  . 3EG B 20 ? 0.7685 0.4649 0.4449 -0.0542 -0.0643 -0.0762 20 3EG B CB  
406 F FAC . 3EG B 20 ? 0.9006 0.6437 0.5630 -0.0684 -0.1263 -0.0560 20 3EG B FAC 
407 F FAD . 3EG B 20 ? 0.9287 0.6102 0.5432 -0.0954 -0.0962 -0.1019 20 3EG B FAD 
408 F FAE . 3EG B 20 ? 0.8001 0.5249 0.5265 -0.0675 -0.1013 -0.0768 20 3EG B FAE 
409 C CG  . 3EG B 20 ? 0.8629 0.5746 0.5329 -0.0715 -0.0982 -0.0779 20 3EG B CG  
410 N N   . ARG B 21 ? 0.7561 0.4295 0.4450 -0.0347 0.0181  -0.0963 21 ARG B N   
411 C CA  . ARG B 21 ? 0.7819 0.4523 0.4509 -0.0367 0.0529  -0.1024 21 ARG B CA  
412 C C   . ARG B 21 ? 0.8785 0.5337 0.5540 -0.0303 0.0906  -0.1320 21 ARG B C   
413 O O   . ARG B 21 ? 0.9439 0.5766 0.5644 -0.0429 0.1182  -0.1495 21 ARG B O   
414 C CB  . ARG B 21 ? 0.7224 0.4276 0.4413 -0.0283 0.0583  -0.0838 21 ARG B CB  
415 C CG  . ARG B 21 ? 0.8046 0.5058 0.4952 -0.0352 0.0347  -0.0578 21 ARG B CG  
416 C CD  . ARG B 21 ? 0.8561 0.5786 0.5856 -0.0331 0.0442  -0.0446 21 ARG B CD  
417 N NE  . ARG B 21 ? 0.9062 0.6271 0.6189 -0.0469 0.0815  -0.0523 21 ARG B NE  
418 C CZ  . ARG B 21 ? 1.1283 0.8884 0.8979 -0.0462 0.1056  -0.0618 21 ARG B CZ  
419 N NH1 . ARG B 21 ? 0.9533 0.7519 0.7936 -0.0305 0.0932  -0.0617 21 ARG B NH1 
420 N NH2 . ARG B 21 ? 1.0203 0.7864 0.7761 -0.0632 0.1417  -0.0700 21 ARG B NH2 
421 N N   . LYS B 22 ? 0.8054 0.4682 0.5437 -0.0092 0.0926  -0.1371 22 LYS B N   
422 C CA  . LYS B 22 ? 0.8410 0.4845 0.5974 0.0074  0.1268  -0.1628 22 LYS B CA  
423 C C   . LYS B 22 ? 0.9701 0.5521 0.6504 -0.0107 0.1361  -0.1910 22 LYS B C   
424 O O   . LYS B 22 ? 1.0349 0.5931 0.6930 -0.0074 0.1765  -0.2186 22 LYS B O   
425 C CB  . LYS B 22 ? 0.8404 0.4936 0.6690 0.0346  0.1168  -0.1535 22 LYS B CB  
426 N N   . LYS B 23 ? 0.9278 0.4892 0.5673 -0.0327 0.1000  -0.1865 23 LYS B N   
427 C CA  . LYS B 23 ? 1.0209 0.5294 0.5810 -0.0601 0.1008  -0.2139 23 LYS B CA  
428 C C   . LYS B 23 ? 1.1336 0.6354 0.6121 -0.0824 0.1141  -0.2229 23 LYS B C   
429 O O   . LYS B 23 ? 1.1999 0.6564 0.6172 -0.0966 0.1429  -0.2563 23 LYS B O   
430 C CB  . LYS B 23 ? 1.0451 0.5545 0.5942 -0.0814 0.0548  -0.2036 23 LYS B CB  
431 C CG  . LYS B 23 ? 1.3264 0.7832 0.8042 -0.1146 0.0529  -0.2355 23 LYS B CG  
432 C CD  . LYS B 23 ? 1.4675 0.9427 0.9522 -0.1377 0.0076  -0.2242 23 LYS B CD  
433 C CE  . LYS B 23 ? 1.7625 1.1896 1.1775 -0.1790 0.0036  -0.2581 23 LYS B CE  
434 N NZ  . LYS B 23 ? 1.8840 1.3449 1.3145 -0.2061 -0.0404 -0.2474 23 LYS B NZ  
435 C C   . 6FL B 24 ? 1.1938 0.7152 0.5825 -0.1010 0.1662  -0.2151 24 6FL B C   
436 N N   . 6FL B 24 ? 1.0672 0.6059 0.5393 -0.0859 0.0964  -0.1936 24 6FL B N   
437 O O   . 6FL B 24 ? 1.2798 0.7706 0.5853 -0.1229 0.1920  -0.2353 24 6FL B O   
438 C CA  . 6FL B 24 ? 1.1318 0.6594 0.5202 -0.1073 0.1079  -0.1940 24 6FL B CA  
439 C CB  . 6FL B 24 ? 1.0966 0.6539 0.4826 -0.1076 0.0780  -0.1532 24 6FL B CB  
440 C CG  . 6FL B 24 ? 1.1111 0.6845 0.4964 -0.1116 0.0218  -0.1317 24 6FL B CG  
441 F FAC . 6FL B 24 ? 1.0981 0.7086 0.5516 -0.0850 0.0217  -0.0838 24 6FL B FAC 
442 F FAD . 6FL B 24 ? 1.1940 0.7690 0.5039 -0.1168 -0.0037 -0.0800 24 6FL B FAD 
443 F FAE . 6FL B 24 ? 1.1152 0.7395 0.5418 -0.0946 -0.0451 -0.0739 24 6FL B FAE 
444 F FAF . 6FL B 24 ? 1.2915 0.8178 0.5030 -0.1581 0.0175  -0.1480 24 6FL B FAF 
445 F FAG . 6FL B 24 ? 1.1946 0.7197 0.4933 -0.1505 0.0154  -0.1815 24 6FL B FAG 
446 F FAH . 6FL B 24 ? 1.2015 0.7829 0.5036 -0.1437 -0.0497 -0.1225 24 6FL B FAH 
447 C CD1 . 6FL B 24 ? 1.1270 0.7237 0.5218 -0.1015 -0.0024 -0.0912 24 6FL B CD1 
448 C CD2 . 6FL B 24 ? 1.2000 0.7508 0.4971 -0.1416 0.0005  -0.1465 24 6FL B CD2 
449 N N   . ARG B 25 ? 1.0634 0.6200 0.5460 -0.0722 0.1867  -0.2112 25 ARG B N   
450 C CA  . ARG B 25 ? 1.3047 0.8784 0.8162 -0.0610 0.2412  -0.2298 25 ARG B CA  
451 C C   . ARG B 25 ? 1.5947 1.1277 1.0927 -0.0520 0.2789  -0.2717 25 ARG B C   
452 O O   . ARG B 25 ? 1.1492 0.6764 0.6211 -0.0558 0.3290  -0.2975 25 ARG B O   
453 C CB  . ARG B 25 ? 1.2055 0.8399 0.8292 -0.0325 0.2412  -0.2116 25 ARG B CB  
454 C CG  . ARG B 25 ? 1.3334 1.0124 0.9955 -0.0282 0.2899  -0.2213 25 ARG B CG  
455 C CD  . ARG B 25 ? 1.3481 1.0958 1.1233 -0.0023 0.2840  -0.2054 25 ARG B CD  
456 N NE  . ARG B 25 ? 1.3578 1.1298 1.1418 -0.0174 0.2509  -0.1733 25 ARG B NE  
457 C CZ  . ARG B 25 ? 1.5247 1.3294 1.3124 -0.0377 0.2677  -0.1643 25 ARG B CZ  
458 N NH1 . ARG B 25 ? 1.4187 1.2467 1.2067 -0.0476 0.3172  -0.1838 25 ARG B NH1 
459 N NH2 . ARG B 25 ? 1.2971 1.1086 1.0872 -0.0504 0.2388  -0.1376 25 ARG B NH2 
# 
